data_8VQP
# 
_entry.id   8VQP 
# 
_audit_conform.dict_name       mmcif_pdbx.dic 
_audit_conform.dict_version    5.404 
_audit_conform.dict_location   http://mmcif.pdb.org/dictionaries/ascii/mmcif_pdbx.dic 
# 
loop_
_database_2.database_id 
_database_2.database_code 
_database_2.pdbx_database_accession 
_database_2.pdbx_DOI 
PDB   8VQP         pdb_00008vqp 10.2210/pdb8vqp/pdb 
WWPDB D_1000279472 ?            ?                   
# 
_pdbx_audit_revision_history.ordinal             1 
_pdbx_audit_revision_history.data_content_type   'Structure model' 
_pdbx_audit_revision_history.major_revision      1 
_pdbx_audit_revision_history.minor_revision      0 
_pdbx_audit_revision_history.revision_date       2025-07-23 
_pdbx_audit_revision_history.part_number         ? 
# 
_pdbx_audit_revision_details.ordinal             1 
_pdbx_audit_revision_details.revision_ordinal    1 
_pdbx_audit_revision_details.data_content_type   'Structure model' 
_pdbx_audit_revision_details.provider            repository 
_pdbx_audit_revision_details.type                'Initial release' 
_pdbx_audit_revision_details.description         ? 
_pdbx_audit_revision_details.details             ? 
# 
_pdbx_database_status.status_code                     REL 
_pdbx_database_status.status_code_sf                  REL 
_pdbx_database_status.status_code_mr                  ? 
_pdbx_database_status.entry_id                        8VQP 
_pdbx_database_status.recvd_initial_deposition_date   2024-01-18 
_pdbx_database_status.SG_entry                        N 
_pdbx_database_status.deposit_site                    RCSB 
_pdbx_database_status.process_site                    RCSB 
_pdbx_database_status.status_code_cs                  ? 
_pdbx_database_status.status_code_nmr_data            ? 
_pdbx_database_status.methods_development_category    ? 
_pdbx_database_status.pdb_format_compatible           Y 
# 
_pdbx_contact_author.id                 2 
_pdbx_contact_author.email              dhepag@crystal.harvard.edu 
_pdbx_contact_author.name_first         Sirano 
_pdbx_contact_author.name_last          Dhe-Paganon 
_pdbx_contact_author.name_mi            ? 
_pdbx_contact_author.role               'principal investigator/group leader' 
_pdbx_contact_author.identifier_ORCID   0000-0003-0824-5929 
# 
loop_
_audit_author.name 
_audit_author.pdbx_ordinal 
_audit_author.identifier_ORCID 
'Seo, H.-S.'      1 0000-0003-0646-2102 
'Dhe-Paganon, S.' 2 0000-0003-0824-5929 
# 
_citation.abstract                  ? 
_citation.abstract_id_CAS           ? 
_citation.book_id_ISBN              ? 
_citation.book_publisher            ? 
_citation.book_publisher_city       ? 
_citation.book_title                ? 
_citation.coordinate_linkage        ? 
_citation.country                   ? 
_citation.database_id_Medline       ? 
_citation.details                   ? 
_citation.id                        primary 
_citation.journal_abbrev            'To Be Published' 
_citation.journal_id_ASTM           ? 
_citation.journal_id_CSD            0353 
_citation.journal_id_ISSN           ? 
_citation.journal_full              ? 
_citation.journal_issue             ? 
_citation.journal_volume            ? 
_citation.language                  ? 
_citation.page_first                ? 
_citation.page_last                 ? 
_citation.title                     'Crystal Structure Analysis of EGR1-MIDN' 
_citation.year                      ? 
_citation.database_id_CSD           ? 
_citation.pdbx_database_id_DOI      ? 
_citation.pdbx_database_id_PubMed   ? 
_citation.pdbx_database_id_patent   ? 
_citation.unpublished_flag          ? 
# 
loop_
_citation_author.citation_id 
_citation_author.name 
_citation_author.ordinal 
_citation_author.identifier_ORCID 
primary 'Seo, H.-S.'      1 0000-0003-0646-2102 
primary 'Dhe-Paganon, S.' 2 0000-0003-0824-5929 
# 
loop_
_entity.id 
_entity.type 
_entity.src_method 
_entity.pdbx_description 
_entity.formula_weight 
_entity.pdbx_number_of_molecules 
_entity.pdbx_ec 
_entity.pdbx_mutation 
_entity.pdbx_fragment 
_entity.details 
1 polymer man EGR1-MIDN 16541.674 1 ? ? ? ? 
2 water   nat water     18.015    1 ? ? ? ? 
# 
_entity_poly.entity_id                      1 
_entity_poly.type                           'polypeptide(L)' 
_entity_poly.nstd_linkage                   no 
_entity_poly.nstd_monomer                   no 
_entity_poly.pdbx_seq_one_letter_code       
;GPGSPPITYTGRFSLEPAPNSGNTLSRPEQSVMQALESLTETQVSDFLSGRSPLTLALRVGDHMMFVQLQLAAQHAPPAP
RSRKPGAVIESFVNHAPGVFSGTFSGTLHPNCQDSSGRPRRDIGTILQILNDLLSATRHYQGMPPSLAQLRCHA
;
_entity_poly.pdbx_seq_one_letter_code_can   
;GPGSPPITYTGRFSLEPAPNSGNTLSRPEQSVMQALESLTETQVSDFLSGRSPLTLALRVGDHMMFVQLQLAAQHAPPAP
RSRKPGAVIESFVNHAPGVFSGTFSGTLHPNCQDSSGRPRRDIGTILQILNDLLSATRHYQGMPPSLAQLRCHA
;
_entity_poly.pdbx_strand_id                 A 
_entity_poly.pdbx_target_identifier         ? 
# 
_pdbx_entity_nonpoly.entity_id   2 
_pdbx_entity_nonpoly.name        water 
_pdbx_entity_nonpoly.comp_id     HOH 
# 
loop_
_entity_poly_seq.entity_id 
_entity_poly_seq.num 
_entity_poly_seq.mon_id 
_entity_poly_seq.hetero 
1 1   GLY n 
1 2   PRO n 
1 3   GLY n 
1 4   SER n 
1 5   PRO n 
1 6   PRO n 
1 7   ILE n 
1 8   THR n 
1 9   TYR n 
1 10  THR n 
1 11  GLY n 
1 12  ARG n 
1 13  PHE n 
1 14  SER n 
1 15  LEU n 
1 16  GLU n 
1 17  PRO n 
1 18  ALA n 
1 19  PRO n 
1 20  ASN n 
1 21  SER n 
1 22  GLY n 
1 23  ASN n 
1 24  THR n 
1 25  LEU n 
1 26  SER n 
1 27  ARG n 
1 28  PRO n 
1 29  GLU n 
1 30  GLN n 
1 31  SER n 
1 32  VAL n 
1 33  MET n 
1 34  GLN n 
1 35  ALA n 
1 36  LEU n 
1 37  GLU n 
1 38  SER n 
1 39  LEU n 
1 40  THR n 
1 41  GLU n 
1 42  THR n 
1 43  GLN n 
1 44  VAL n 
1 45  SER n 
1 46  ASP n 
1 47  PHE n 
1 48  LEU n 
1 49  SER n 
1 50  GLY n 
1 51  ARG n 
1 52  SER n 
1 53  PRO n 
1 54  LEU n 
1 55  THR n 
1 56  LEU n 
1 57  ALA n 
1 58  LEU n 
1 59  ARG n 
1 60  VAL n 
1 61  GLY n 
1 62  ASP n 
1 63  HIS n 
1 64  MET n 
1 65  MET n 
1 66  PHE n 
1 67  VAL n 
1 68  GLN n 
1 69  LEU n 
1 70  GLN n 
1 71  LEU n 
1 72  ALA n 
1 73  ALA n 
1 74  GLN n 
1 75  HIS n 
1 76  ALA n 
1 77  PRO n 
1 78  PRO n 
1 79  ALA n 
1 80  PRO n 
1 81  ARG n 
1 82  SER n 
1 83  ARG n 
1 84  LYS n 
1 85  PRO n 
1 86  GLY n 
1 87  ALA n 
1 88  VAL n 
1 89  ILE n 
1 90  GLU n 
1 91  SER n 
1 92  PHE n 
1 93  VAL n 
1 94  ASN n 
1 95  HIS n 
1 96  ALA n 
1 97  PRO n 
1 98  GLY n 
1 99  VAL n 
1 100 PHE n 
1 101 SER n 
1 102 GLY n 
1 103 THR n 
1 104 PHE n 
1 105 SER n 
1 106 GLY n 
1 107 THR n 
1 108 LEU n 
1 109 HIS n 
1 110 PRO n 
1 111 ASN n 
1 112 CYS n 
1 113 GLN n 
1 114 ASP n 
1 115 SER n 
1 116 SER n 
1 117 GLY n 
1 118 ARG n 
1 119 PRO n 
1 120 ARG n 
1 121 ARG n 
1 122 ASP n 
1 123 ILE n 
1 124 GLY n 
1 125 THR n 
1 126 ILE n 
1 127 LEU n 
1 128 GLN n 
1 129 ILE n 
1 130 LEU n 
1 131 ASN n 
1 132 ASP n 
1 133 LEU n 
1 134 LEU n 
1 135 SER n 
1 136 ALA n 
1 137 THR n 
1 138 ARG n 
1 139 HIS n 
1 140 TYR n 
1 141 GLN n 
1 142 GLY n 
1 143 MET n 
1 144 PRO n 
1 145 PRO n 
1 146 SER n 
1 147 LEU n 
1 148 ALA n 
1 149 GLN n 
1 150 LEU n 
1 151 ARG n 
1 152 CYS n 
1 153 HIS n 
1 154 ALA n 
# 
_entity_src_gen.entity_id                          1 
_entity_src_gen.pdbx_src_id                        1 
_entity_src_gen.pdbx_alt_source_flag               sample 
_entity_src_gen.pdbx_seq_type                      'Biological sequence' 
_entity_src_gen.pdbx_beg_seq_num                   1 
_entity_src_gen.pdbx_end_seq_num                   154 
_entity_src_gen.gene_src_common_name               ? 
_entity_src_gen.gene_src_genus                     ? 
_entity_src_gen.pdbx_gene_src_gene                 ? 
_entity_src_gen.gene_src_species                   ? 
_entity_src_gen.gene_src_strain                    ? 
_entity_src_gen.gene_src_tissue                    ? 
_entity_src_gen.gene_src_tissue_fraction           ? 
_entity_src_gen.gene_src_details                   ? 
_entity_src_gen.pdbx_gene_src_fragment             ? 
_entity_src_gen.pdbx_gene_src_scientific_name      'Homo sapiens' 
_entity_src_gen.pdbx_gene_src_ncbi_taxonomy_id     9606 
_entity_src_gen.pdbx_gene_src_variant              ? 
_entity_src_gen.pdbx_gene_src_cell_line            ? 
_entity_src_gen.pdbx_gene_src_atcc                 ? 
_entity_src_gen.pdbx_gene_src_organ                ? 
_entity_src_gen.pdbx_gene_src_organelle            ? 
_entity_src_gen.pdbx_gene_src_cell                 ? 
_entity_src_gen.pdbx_gene_src_cellular_location    ? 
_entity_src_gen.host_org_common_name               ? 
_entity_src_gen.pdbx_host_org_scientific_name      'Escherichia coli BL21(DE3)' 
_entity_src_gen.pdbx_host_org_ncbi_taxonomy_id     469008 
_entity_src_gen.host_org_genus                     ? 
_entity_src_gen.pdbx_host_org_gene                 ? 
_entity_src_gen.pdbx_host_org_organ                ? 
_entity_src_gen.host_org_species                   ? 
_entity_src_gen.pdbx_host_org_tissue               ? 
_entity_src_gen.pdbx_host_org_tissue_fraction      ? 
_entity_src_gen.pdbx_host_org_strain               ? 
_entity_src_gen.pdbx_host_org_variant              ? 
_entity_src_gen.pdbx_host_org_cell_line            ? 
_entity_src_gen.pdbx_host_org_atcc                 ? 
_entity_src_gen.pdbx_host_org_culture_collection   ? 
_entity_src_gen.pdbx_host_org_cell                 ? 
_entity_src_gen.pdbx_host_org_organelle            ? 
_entity_src_gen.pdbx_host_org_cellular_location    ? 
_entity_src_gen.pdbx_host_org_vector_type          ? 
_entity_src_gen.pdbx_host_org_vector               ? 
_entity_src_gen.host_org_details                   ? 
_entity_src_gen.expression_system_id               ? 
_entity_src_gen.plasmid_name                       ? 
_entity_src_gen.plasmid_details                    ? 
_entity_src_gen.pdbx_description                   ? 
# 
loop_
_chem_comp.id 
_chem_comp.type 
_chem_comp.mon_nstd_flag 
_chem_comp.name 
_chem_comp.pdbx_synonyms 
_chem_comp.formula 
_chem_comp.formula_weight 
ALA 'L-peptide linking' y ALANINE         ? 'C3 H7 N O2'     89.093  
ARG 'L-peptide linking' y ARGININE        ? 'C6 H15 N4 O2 1' 175.209 
ASN 'L-peptide linking' y ASPARAGINE      ? 'C4 H8 N2 O3'    132.118 
ASP 'L-peptide linking' y 'ASPARTIC ACID' ? 'C4 H7 N O4'     133.103 
CYS 'L-peptide linking' y CYSTEINE        ? 'C3 H7 N O2 S'   121.158 
GLN 'L-peptide linking' y GLUTAMINE       ? 'C5 H10 N2 O3'   146.144 
GLU 'L-peptide linking' y 'GLUTAMIC ACID' ? 'C5 H9 N O4'     147.129 
GLY 'peptide linking'   y GLYCINE         ? 'C2 H5 N O2'     75.067  
HIS 'L-peptide linking' y HISTIDINE       ? 'C6 H10 N3 O2 1' 156.162 
HOH non-polymer         . WATER           ? 'H2 O'           18.015  
ILE 'L-peptide linking' y ISOLEUCINE      ? 'C6 H13 N O2'    131.173 
LEU 'L-peptide linking' y LEUCINE         ? 'C6 H13 N O2'    131.173 
LYS 'L-peptide linking' y LYSINE          ? 'C6 H15 N2 O2 1' 147.195 
MET 'L-peptide linking' y METHIONINE      ? 'C5 H11 N O2 S'  149.211 
PHE 'L-peptide linking' y PHENYLALANINE   ? 'C9 H11 N O2'    165.189 
PRO 'L-peptide linking' y PROLINE         ? 'C5 H9 N O2'     115.130 
SER 'L-peptide linking' y SERINE          ? 'C3 H7 N O3'     105.093 
THR 'L-peptide linking' y THREONINE       ? 'C4 H9 N O3'     119.119 
TYR 'L-peptide linking' y TYROSINE        ? 'C9 H11 N O3'    181.189 
VAL 'L-peptide linking' y VALINE          ? 'C5 H11 N O2'    117.146 
# 
loop_
_pdbx_poly_seq_scheme.asym_id 
_pdbx_poly_seq_scheme.entity_id 
_pdbx_poly_seq_scheme.seq_id 
_pdbx_poly_seq_scheme.mon_id 
_pdbx_poly_seq_scheme.ndb_seq_num 
_pdbx_poly_seq_scheme.pdb_seq_num 
_pdbx_poly_seq_scheme.auth_seq_num 
_pdbx_poly_seq_scheme.pdb_mon_id 
_pdbx_poly_seq_scheme.auth_mon_id 
_pdbx_poly_seq_scheme.pdb_strand_id 
_pdbx_poly_seq_scheme.pdb_ins_code 
_pdbx_poly_seq_scheme.hetero 
A 1 1   GLY 1   1   ?   ?   ?   A . n 
A 1 2   PRO 2   2   ?   ?   ?   A . n 
A 1 3   GLY 3   3   ?   ?   ?   A . n 
A 1 4   SER 4   4   4   SER SER A . n 
A 1 5   PRO 5   5   5   PRO PRO A . n 
A 1 6   PRO 6   6   6   PRO PRO A . n 
A 1 7   ILE 7   7   7   ILE ILE A . n 
A 1 8   THR 8   8   8   THR THR A . n 
A 1 9   TYR 9   9   9   TYR TYR A . n 
A 1 10  THR 10  10  10  THR THR A . n 
A 1 11  GLY 11  11  11  GLY GLY A . n 
A 1 12  ARG 12  12  12  ARG ARG A . n 
A 1 13  PHE 13  13  13  PHE PHE A . n 
A 1 14  SER 14  14  14  SER SER A . n 
A 1 15  LEU 15  15  15  LEU LEU A . n 
A 1 16  GLU 16  16  16  GLU GLU A . n 
A 1 17  PRO 17  17  17  PRO PRO A . n 
A 1 18  ALA 18  18  18  ALA ALA A . n 
A 1 19  PRO 19  19  19  PRO PRO A . n 
A 1 20  ASN 20  20  ?   ?   ?   A . n 
A 1 21  SER 21  21  ?   ?   ?   A . n 
A 1 22  GLY 22  22  ?   ?   ?   A . n 
A 1 23  ASN 23  23  ?   ?   ?   A . n 
A 1 24  THR 24  24  ?   ?   ?   A . n 
A 1 25  LEU 25  25  ?   ?   ?   A . n 
A 1 26  SER 26  26  ?   ?   ?   A . n 
A 1 27  ARG 27  27  ?   ?   ?   A . n 
A 1 28  PRO 28  28  ?   ?   ?   A . n 
A 1 29  GLU 29  29  ?   ?   ?   A . n 
A 1 30  GLN 30  30  30  GLN GLN A . n 
A 1 31  SER 31  31  31  SER SER A . n 
A 1 32  VAL 32  32  32  VAL VAL A . n 
A 1 33  MET 33  33  33  MET MET A . n 
A 1 34  GLN 34  34  34  GLN GLN A . n 
A 1 35  ALA 35  35  35  ALA ALA A . n 
A 1 36  LEU 36  36  36  LEU LEU A . n 
A 1 37  GLU 37  37  37  GLU GLU A . n 
A 1 38  SER 38  38  38  SER SER A . n 
A 1 39  LEU 39  39  39  LEU LEU A . n 
A 1 40  THR 40  40  40  THR THR A . n 
A 1 41  GLU 41  41  41  GLU GLU A . n 
A 1 42  THR 42  42  42  THR THR A . n 
A 1 43  GLN 43  43  43  GLN GLN A . n 
A 1 44  VAL 44  44  44  VAL VAL A . n 
A 1 45  SER 45  45  45  SER SER A . n 
A 1 46  ASP 46  46  46  ASP ASP A . n 
A 1 47  PHE 47  47  47  PHE PHE A . n 
A 1 48  LEU 48  48  48  LEU LEU A . n 
A 1 49  SER 49  49  49  SER SER A . n 
A 1 50  GLY 50  50  50  GLY GLY A . n 
A 1 51  ARG 51  51  51  ARG ARG A . n 
A 1 52  SER 52  52  52  SER SER A . n 
A 1 53  PRO 53  53  53  PRO PRO A . n 
A 1 54  LEU 54  54  54  LEU LEU A . n 
A 1 55  THR 55  55  55  THR THR A . n 
A 1 56  LEU 56  56  56  LEU LEU A . n 
A 1 57  ALA 57  57  57  ALA ALA A . n 
A 1 58  LEU 58  58  58  LEU LEU A . n 
A 1 59  ARG 59  59  59  ARG ARG A . n 
A 1 60  VAL 60  60  60  VAL VAL A . n 
A 1 61  GLY 61  61  61  GLY GLY A . n 
A 1 62  ASP 62  62  62  ASP ASP A . n 
A 1 63  HIS 63  63  63  HIS HIS A . n 
A 1 64  MET 64  64  64  MET MET A . n 
A 1 65  MET 65  65  65  MET MET A . n 
A 1 66  PHE 66  66  66  PHE PHE A . n 
A 1 67  VAL 67  67  67  VAL VAL A . n 
A 1 68  GLN 68  68  68  GLN GLN A . n 
A 1 69  LEU 69  69  69  LEU LEU A . n 
A 1 70  GLN 70  70  70  GLN GLN A . n 
A 1 71  LEU 71  71  71  LEU LEU A . n 
A 1 72  ALA 72  72  72  ALA ALA A . n 
A 1 73  ALA 73  73  ?   ?   ?   A . n 
A 1 74  GLN 74  74  ?   ?   ?   A . n 
A 1 75  HIS 75  75  ?   ?   ?   A . n 
A 1 76  ALA 76  76  ?   ?   ?   A . n 
A 1 77  PRO 77  77  ?   ?   ?   A . n 
A 1 78  PRO 78  78  ?   ?   ?   A . n 
A 1 79  ALA 79  79  ?   ?   ?   A . n 
A 1 80  PRO 80  80  ?   ?   ?   A . n 
A 1 81  ARG 81  81  ?   ?   ?   A . n 
A 1 82  SER 82  82  ?   ?   ?   A . n 
A 1 83  ARG 83  83  ?   ?   ?   A . n 
A 1 84  LYS 84  84  84  LYS LYS A . n 
A 1 85  PRO 85  85  85  PRO PRO A . n 
A 1 86  GLY 86  86  86  GLY GLY A . n 
A 1 87  ALA 87  87  87  ALA ALA A . n 
A 1 88  VAL 88  88  88  VAL VAL A . n 
A 1 89  ILE 89  89  89  ILE ILE A . n 
A 1 90  GLU 90  90  90  GLU GLU A . n 
A 1 91  SER 91  91  91  SER SER A . n 
A 1 92  PHE 92  92  92  PHE PHE A . n 
A 1 93  VAL 93  93  93  VAL VAL A . n 
A 1 94  ASN 94  94  94  ASN ASN A . n 
A 1 95  HIS 95  95  95  HIS HIS A . n 
A 1 96  ALA 96  96  96  ALA ALA A . n 
A 1 97  PRO 97  97  97  PRO PRO A . n 
A 1 98  GLY 98  98  98  GLY GLY A . n 
A 1 99  VAL 99  99  99  VAL VAL A . n 
A 1 100 PHE 100 100 100 PHE PHE A . n 
A 1 101 SER 101 101 101 SER SER A . n 
A 1 102 GLY 102 102 102 GLY GLY A . n 
A 1 103 THR 103 103 103 THR THR A . n 
A 1 104 PHE 104 104 104 PHE PHE A . n 
A 1 105 SER 105 105 105 SER SER A . n 
A 1 106 GLY 106 106 106 GLY GLY A . n 
A 1 107 THR 107 107 107 THR THR A . n 
A 1 108 LEU 108 108 108 LEU LEU A . n 
A 1 109 HIS 109 109 109 HIS HIS A . n 
A 1 110 PRO 110 110 110 PRO PRO A . n 
A 1 111 ASN 111 111 111 ASN ASN A . n 
A 1 112 CYS 112 112 112 CYS CYS A . n 
A 1 113 GLN 113 113 113 GLN GLN A . n 
A 1 114 ASP 114 114 114 ASP ASP A . n 
A 1 115 SER 115 115 115 SER SER A . n 
A 1 116 SER 116 116 116 SER SER A . n 
A 1 117 GLY 117 117 117 GLY GLY A . n 
A 1 118 ARG 118 118 118 ARG ARG A . n 
A 1 119 PRO 119 119 119 PRO PRO A . n 
A 1 120 ARG 120 120 120 ARG ARG A . n 
A 1 121 ARG 121 121 121 ARG ARG A . n 
A 1 122 ASP 122 122 122 ASP ASP A . n 
A 1 123 ILE 123 123 123 ILE ILE A . n 
A 1 124 GLY 124 124 124 GLY GLY A . n 
A 1 125 THR 125 125 125 THR THR A . n 
A 1 126 ILE 126 126 126 ILE ILE A . n 
A 1 127 LEU 127 127 127 LEU LEU A . n 
A 1 128 GLN 128 128 128 GLN GLN A . n 
A 1 129 ILE 129 129 129 ILE ILE A . n 
A 1 130 LEU 130 130 130 LEU LEU A . n 
A 1 131 ASN 131 131 131 ASN ASN A . n 
A 1 132 ASP 132 132 132 ASP ASP A . n 
A 1 133 LEU 133 133 133 LEU LEU A . n 
A 1 134 LEU 134 134 134 LEU LEU A . n 
A 1 135 SER 135 135 135 SER SER A . n 
A 1 136 ALA 136 136 136 ALA ALA A . n 
A 1 137 THR 137 137 137 THR THR A . n 
A 1 138 ARG 138 138 138 ARG ARG A . n 
A 1 139 HIS 139 139 139 HIS HIS A . n 
A 1 140 TYR 140 140 140 TYR TYR A . n 
A 1 141 GLN 141 141 141 GLN GLN A . n 
A 1 142 GLY 142 142 142 GLY GLY A . n 
A 1 143 MET 143 143 143 MET MET A . n 
A 1 144 PRO 144 144 ?   ?   ?   A . n 
A 1 145 PRO 145 145 ?   ?   ?   A . n 
A 1 146 SER 146 146 ?   ?   ?   A . n 
A 1 147 LEU 147 147 ?   ?   ?   A . n 
A 1 148 ALA 148 148 ?   ?   ?   A . n 
A 1 149 GLN 149 149 ?   ?   ?   A . n 
A 1 150 LEU 150 150 ?   ?   ?   A . n 
A 1 151 ARG 151 151 ?   ?   ?   A . n 
A 1 152 CYS 152 152 ?   ?   ?   A . n 
A 1 153 HIS 153 153 ?   ?   ?   A . n 
A 1 154 ALA 154 154 ?   ?   ?   A . n 
# 
_pdbx_nonpoly_scheme.asym_id         B 
_pdbx_nonpoly_scheme.entity_id       2 
_pdbx_nonpoly_scheme.mon_id          HOH 
_pdbx_nonpoly_scheme.ndb_seq_num     1 
_pdbx_nonpoly_scheme.pdb_seq_num     201 
_pdbx_nonpoly_scheme.auth_seq_num    1 
_pdbx_nonpoly_scheme.pdb_mon_id      HOH 
_pdbx_nonpoly_scheme.auth_mon_id     HOH 
_pdbx_nonpoly_scheme.pdb_strand_id   A 
_pdbx_nonpoly_scheme.pdb_ins_code    . 
# 
loop_
_pdbx_unobs_or_zero_occ_atoms.id 
_pdbx_unobs_or_zero_occ_atoms.PDB_model_num 
_pdbx_unobs_or_zero_occ_atoms.polymer_flag 
_pdbx_unobs_or_zero_occ_atoms.occupancy_flag 
_pdbx_unobs_or_zero_occ_atoms.auth_asym_id 
_pdbx_unobs_or_zero_occ_atoms.auth_comp_id 
_pdbx_unobs_or_zero_occ_atoms.auth_seq_id 
_pdbx_unobs_or_zero_occ_atoms.PDB_ins_code 
_pdbx_unobs_or_zero_occ_atoms.auth_atom_id 
_pdbx_unobs_or_zero_occ_atoms.label_alt_id 
_pdbx_unobs_or_zero_occ_atoms.label_asym_id 
_pdbx_unobs_or_zero_occ_atoms.label_comp_id 
_pdbx_unobs_or_zero_occ_atoms.label_seq_id 
_pdbx_unobs_or_zero_occ_atoms.label_atom_id 
1 1 Y 1 A TYR 140 ? CG  ? A TYR 140 CG  
2 1 Y 1 A TYR 140 ? CD1 ? A TYR 140 CD1 
3 1 Y 1 A TYR 140 ? CD2 ? A TYR 140 CD2 
4 1 Y 1 A TYR 140 ? CE1 ? A TYR 140 CE1 
5 1 Y 1 A TYR 140 ? CE2 ? A TYR 140 CE2 
6 1 Y 1 A TYR 140 ? CZ  ? A TYR 140 CZ  
7 1 Y 1 A TYR 140 ? OH  ? A TYR 140 OH  
# 
loop_
_software.citation_id 
_software.classification 
_software.compiler_name 
_software.compiler_version 
_software.contact_author 
_software.contact_author_email 
_software.date 
_software.description 
_software.dependencies 
_software.hardware 
_software.language 
_software.location 
_software.mods 
_software.name 
_software.os 
_software.os_version 
_software.type 
_software.version 
_software.pdbx_ordinal 
? refinement       ? ? ? ? ? ? ? ? ? ? ? PHENIX  ? ? ? 1.20.1_4487 1 
? 'data scaling'   ? ? ? ? ? ? ? ? ? ? ? Aimless ? ? ? .           2 
? 'data reduction' ? ? ? ? ? ? ? ? ? ? ? xia2    ? ? ? .           3 
? phasing          ? ? ? ? ? ? ? ? ? ? ? PHASER  ? ? ? .           4 
# 
_cell.angle_alpha                  90.00 
_cell.angle_alpha_esd              ? 
_cell.angle_beta                   90.00 
_cell.angle_beta_esd               ? 
_cell.angle_gamma                  90.00 
_cell.angle_gamma_esd              ? 
_cell.entry_id                     8VQP 
_cell.details                      ? 
_cell.formula_units_Z              ? 
_cell.length_a                     49.460 
_cell.length_a_esd                 ? 
_cell.length_b                     70.060 
_cell.length_b_esd                 ? 
_cell.length_c                     84.780 
_cell.length_c_esd                 ? 
_cell.volume                       ? 
_cell.volume_esd                   ? 
_cell.Z_PDB                        8 
_cell.reciprocal_angle_alpha       ? 
_cell.reciprocal_angle_beta        ? 
_cell.reciprocal_angle_gamma       ? 
_cell.reciprocal_angle_alpha_esd   ? 
_cell.reciprocal_angle_beta_esd    ? 
_cell.reciprocal_angle_gamma_esd   ? 
_cell.reciprocal_length_a          ? 
_cell.reciprocal_length_b          ? 
_cell.reciprocal_length_c          ? 
_cell.reciprocal_length_a_esd      ? 
_cell.reciprocal_length_b_esd      ? 
_cell.reciprocal_length_c_esd      ? 
_cell.pdbx_unique_axis             ? 
_cell.pdbx_esd_method              ? 
# 
_symmetry.entry_id                         8VQP 
_symmetry.cell_setting                     ? 
_symmetry.Int_Tables_number                24 
_symmetry.space_group_name_Hall            ? 
_symmetry.space_group_name_H-M             'I 21 21 21' 
_symmetry.pdbx_full_space_group_name_H-M   ? 
# 
_exptl.absorpt_coefficient_mu     ? 
_exptl.absorpt_correction_T_max   ? 
_exptl.absorpt_correction_T_min   ? 
_exptl.absorpt_correction_type    ? 
_exptl.absorpt_process_details    ? 
_exptl.entry_id                   8VQP 
_exptl.crystals_number            1 
_exptl.details                    ? 
_exptl.method                     'X-RAY DIFFRACTION' 
_exptl.method_details             ? 
# 
_exptl_crystal.colour                       ? 
_exptl_crystal.density_diffrn               ? 
_exptl_crystal.density_Matthews             2.22 
_exptl_crystal.density_method               ? 
_exptl_crystal.density_percent_sol          44.59 
_exptl_crystal.description                  ? 
_exptl_crystal.F_000                        ? 
_exptl_crystal.id                           1 
_exptl_crystal.preparation                  ? 
_exptl_crystal.size_max                     ? 
_exptl_crystal.size_mid                     ? 
_exptl_crystal.size_min                     ? 
_exptl_crystal.size_rad                     ? 
_exptl_crystal.colour_lustre                ? 
_exptl_crystal.colour_modifier              ? 
_exptl_crystal.colour_primary               ? 
_exptl_crystal.density_meas                 ? 
_exptl_crystal.density_meas_esd             ? 
_exptl_crystal.density_meas_gt              ? 
_exptl_crystal.density_meas_lt              ? 
_exptl_crystal.density_meas_temp            ? 
_exptl_crystal.density_meas_temp_esd        ? 
_exptl_crystal.density_meas_temp_gt         ? 
_exptl_crystal.density_meas_temp_lt         ? 
_exptl_crystal.pdbx_crystal_image_url       ? 
_exptl_crystal.pdbx_crystal_image_format    ? 
_exptl_crystal.pdbx_mosaicity               ? 
_exptl_crystal.pdbx_mosaicity_esd           ? 
_exptl_crystal.pdbx_mosaic_method           ? 
_exptl_crystal.pdbx_mosaic_block_size       ? 
_exptl_crystal.pdbx_mosaic_block_size_esd   ? 
# 
_exptl_crystal_grow.apparatus       ? 
_exptl_crystal_grow.atmosphere      ? 
_exptl_crystal_grow.crystal_id      1 
_exptl_crystal_grow.details         ? 
_exptl_crystal_grow.method          'VAPOR DIFFUSION, SITTING DROP' 
_exptl_crystal_grow.method_ref      ? 
_exptl_crystal_grow.pH              7.0 
_exptl_crystal_grow.pressure        ? 
_exptl_crystal_grow.pressure_esd    ? 
_exptl_crystal_grow.seeding         ? 
_exptl_crystal_grow.seeding_ref     ? 
_exptl_crystal_grow.temp_details    ? 
_exptl_crystal_grow.temp_esd        ? 
_exptl_crystal_grow.time            ? 
_exptl_crystal_grow.pdbx_details    
;100mM HEPES, pH 7.0
1.4M Nh4SO4
;
_exptl_crystal_grow.pdbx_pH_range   ? 
_exptl_crystal_grow.temp            293 
# 
_diffrn.ambient_environment              ? 
_diffrn.ambient_temp                     100 
_diffrn.ambient_temp_details             ? 
_diffrn.ambient_temp_esd                 ? 
_diffrn.crystal_id                       1 
_diffrn.crystal_support                  ? 
_diffrn.crystal_treatment                ? 
_diffrn.details                          ? 
_diffrn.id                               1 
_diffrn.ambient_pressure                 ? 
_diffrn.ambient_pressure_esd             ? 
_diffrn.ambient_pressure_gt              ? 
_diffrn.ambient_pressure_lt              ? 
_diffrn.ambient_temp_gt                  ? 
_diffrn.ambient_temp_lt                  ? 
_diffrn.pdbx_serial_crystal_experiment   N 
# 
_diffrn_detector.details                      ? 
_diffrn_detector.detector                     PIXEL 
_diffrn_detector.diffrn_id                    1 
_diffrn_detector.type                         'DECTRIS EIGER X 16M' 
_diffrn_detector.area_resol_mean              ? 
_diffrn_detector.dtime                        ? 
_diffrn_detector.pdbx_frames_total            ? 
_diffrn_detector.pdbx_collection_time_total   ? 
_diffrn_detector.pdbx_collection_date         2023-10-02 
_diffrn_detector.pdbx_frequency               ? 
_diffrn_detector.id                           ? 
_diffrn_detector.number_of_axes               ? 
# 
_diffrn_radiation.collimation                      ? 
_diffrn_radiation.diffrn_id                        1 
_diffrn_radiation.filter_edge                      ? 
_diffrn_radiation.inhomogeneity                    ? 
_diffrn_radiation.monochromator                    ? 
_diffrn_radiation.polarisn_norm                    ? 
_diffrn_radiation.polarisn_ratio                   ? 
_diffrn_radiation.probe                            ? 
_diffrn_radiation.type                             ? 
_diffrn_radiation.xray_symbol                      ? 
_diffrn_radiation.wavelength_id                    1 
_diffrn_radiation.pdbx_monochromatic_or_laue_m_l   M 
_diffrn_radiation.pdbx_wavelength_list             ? 
_diffrn_radiation.pdbx_wavelength                  ? 
_diffrn_radiation.pdbx_diffrn_protocol             'SINGLE WAVELENGTH' 
_diffrn_radiation.pdbx_analyzer                    ? 
_diffrn_radiation.pdbx_scattering_type             x-ray 
# 
_diffrn_radiation_wavelength.id           1 
_diffrn_radiation_wavelength.wavelength   0.9793 
_diffrn_radiation_wavelength.wt           1.0 
# 
_diffrn_source.current                     ? 
_diffrn_source.details                     ? 
_diffrn_source.diffrn_id                   1 
_diffrn_source.power                       ? 
_diffrn_source.size                        ? 
_diffrn_source.source                      SYNCHROTRON 
_diffrn_source.target                      ? 
_diffrn_source.type                        'NSLS-II BEAMLINE 17-ID-2' 
_diffrn_source.voltage                     ? 
_diffrn_source.take-off_angle              ? 
_diffrn_source.pdbx_wavelength_list        0.9793 
_diffrn_source.pdbx_wavelength             ? 
_diffrn_source.pdbx_synchrotron_beamline   17-ID-2 
_diffrn_source.pdbx_synchrotron_site       NSLS-II 
# 
_reflns.B_iso_Wilson_estimate                          ? 
_reflns.entry_id                                       8VQP 
_reflns.data_reduction_details                         ? 
_reflns.data_reduction_method                          ? 
_reflns.d_resolution_high                              2.52 
_reflns.d_resolution_low                               42.39 
_reflns.details                                        ? 
_reflns.limit_h_max                                    ? 
_reflns.limit_h_min                                    ? 
_reflns.limit_k_max                                    ? 
_reflns.limit_k_min                                    ? 
_reflns.limit_l_max                                    ? 
_reflns.limit_l_min                                    ? 
_reflns.number_all                                     ? 
_reflns.number_obs                                     5217 
_reflns.observed_criterion                             ? 
_reflns.observed_criterion_F_max                       ? 
_reflns.observed_criterion_F_min                       ? 
_reflns.observed_criterion_I_max                       ? 
_reflns.observed_criterion_I_min                       ? 
_reflns.observed_criterion_sigma_F                     ? 
_reflns.observed_criterion_sigma_I                     ? 
_reflns.percent_possible_obs                           99.9 
_reflns.R_free_details                                 ? 
_reflns.Rmerge_F_all                                   ? 
_reflns.Rmerge_F_obs                                   ? 
_reflns.Friedel_coverage                               ? 
_reflns.number_gt                                      ? 
_reflns.threshold_expression                           ? 
_reflns.pdbx_redundancy                                7.2 
_reflns.pdbx_netI_over_av_sigmaI                       ? 
_reflns.pdbx_netI_over_sigmaI                          13.7 
_reflns.pdbx_res_netI_over_av_sigmaI_2                 ? 
_reflns.pdbx_res_netI_over_sigmaI_2                    ? 
_reflns.pdbx_chi_squared                               0.97 
_reflns.pdbx_scaling_rejects                           ? 
_reflns.pdbx_d_res_high_opt                            ? 
_reflns.pdbx_d_res_low_opt                             ? 
_reflns.pdbx_d_res_opt_method                          ? 
_reflns.phase_calculation_details                      ? 
_reflns.pdbx_Rrim_I_all                                0.084 
_reflns.pdbx_Rpim_I_all                                0.031 
_reflns.pdbx_d_opt                                     ? 
_reflns.pdbx_number_measured_all                       37758 
_reflns.pdbx_diffrn_id                                 1 
_reflns.pdbx_ordinal                                   1 
_reflns.pdbx_CC_half                                   0.999 
_reflns.pdbx_CC_star                                   ? 
_reflns.pdbx_R_split                                   ? 
_reflns.pdbx_Rmerge_I_obs                              0.078 
_reflns.pdbx_Rmerge_I_all                              ? 
_reflns.pdbx_Rsym_value                                ? 
_reflns.pdbx_CC_split_method                           ? 
_reflns.pdbx_aniso_diffraction_limit_axis_1_ortho[1]   ? 
_reflns.pdbx_aniso_diffraction_limit_axis_1_ortho[2]   ? 
_reflns.pdbx_aniso_diffraction_limit_axis_1_ortho[3]   ? 
_reflns.pdbx_aniso_diffraction_limit_axis_2_ortho[1]   ? 
_reflns.pdbx_aniso_diffraction_limit_axis_2_ortho[2]   ? 
_reflns.pdbx_aniso_diffraction_limit_axis_2_ortho[3]   ? 
_reflns.pdbx_aniso_diffraction_limit_axis_3_ortho[1]   ? 
_reflns.pdbx_aniso_diffraction_limit_axis_3_ortho[2]   ? 
_reflns.pdbx_aniso_diffraction_limit_axis_3_ortho[3]   ? 
_reflns.pdbx_aniso_diffraction_limit_1                 ? 
_reflns.pdbx_aniso_diffraction_limit_2                 ? 
_reflns.pdbx_aniso_diffraction_limit_3                 ? 
_reflns.pdbx_aniso_B_tensor_eigenvector_1_ortho[1]     ? 
_reflns.pdbx_aniso_B_tensor_eigenvector_1_ortho[2]     ? 
_reflns.pdbx_aniso_B_tensor_eigenvector_1_ortho[3]     ? 
_reflns.pdbx_aniso_B_tensor_eigenvector_2_ortho[1]     ? 
_reflns.pdbx_aniso_B_tensor_eigenvector_2_ortho[2]     ? 
_reflns.pdbx_aniso_B_tensor_eigenvector_2_ortho[3]     ? 
_reflns.pdbx_aniso_B_tensor_eigenvector_3_ortho[1]     ? 
_reflns.pdbx_aniso_B_tensor_eigenvector_3_ortho[2]     ? 
_reflns.pdbx_aniso_B_tensor_eigenvector_3_ortho[3]     ? 
_reflns.pdbx_aniso_B_tensor_eigenvalue_1               ? 
_reflns.pdbx_aniso_B_tensor_eigenvalue_2               ? 
_reflns.pdbx_aniso_B_tensor_eigenvalue_3               ? 
_reflns.pdbx_orthogonalization_convention              ? 
_reflns.pdbx_percent_possible_ellipsoidal              ? 
_reflns.pdbx_percent_possible_spherical                ? 
_reflns.pdbx_percent_possible_ellipsoidal_anomalous    ? 
_reflns.pdbx_percent_possible_spherical_anomalous      ? 
_reflns.pdbx_redundancy_anomalous                      ? 
_reflns.pdbx_CC_half_anomalous                         ? 
_reflns.pdbx_absDiff_over_sigma_anomalous              ? 
_reflns.pdbx_percent_possible_anomalous                ? 
_reflns.pdbx_observed_signal_threshold                 ? 
_reflns.pdbx_signal_type                               ? 
_reflns.pdbx_signal_details                            ? 
_reflns.pdbx_signal_software_id                        ? 
# 
_reflns_shell.d_res_high                                    2.52 
_reflns_shell.d_res_low                                     2.59 
_reflns_shell.meanI_over_sigI_all                           ? 
_reflns_shell.meanI_over_sigI_obs                           ? 
_reflns_shell.number_measured_all                           2482 
_reflns_shell.number_measured_obs                           ? 
_reflns_shell.number_possible                               ? 
_reflns_shell.number_unique_all                             ? 
_reflns_shell.number_unique_obs                             367 
_reflns_shell.percent_possible_obs                          100.0 
_reflns_shell.Rmerge_F_all                                  ? 
_reflns_shell.Rmerge_F_obs                                  ? 
_reflns_shell.meanI_over_sigI_gt                            ? 
_reflns_shell.meanI_over_uI_all                             ? 
_reflns_shell.meanI_over_uI_gt                              ? 
_reflns_shell.number_measured_gt                            ? 
_reflns_shell.number_unique_gt                              ? 
_reflns_shell.percent_possible_gt                           ? 
_reflns_shell.Rmerge_F_gt                                   ? 
_reflns_shell.Rmerge_I_gt                                   ? 
_reflns_shell.pdbx_redundancy                               6.8 
_reflns_shell.pdbx_chi_squared                              0.79 
_reflns_shell.pdbx_netI_over_sigmaI_all                     ? 
_reflns_shell.pdbx_netI_over_sigmaI_obs                     0.7 
_reflns_shell.pdbx_Rrim_I_all                               2.589 
_reflns_shell.pdbx_Rpim_I_all                               0.975 
_reflns_shell.pdbx_rejects                                  ? 
_reflns_shell.pdbx_ordinal                                  1 
_reflns_shell.pdbx_diffrn_id                                1 
_reflns_shell.pdbx_CC_half                                  0.300 
_reflns_shell.pdbx_CC_star                                  ? 
_reflns_shell.pdbx_R_split                                  ? 
_reflns_shell.percent_possible_all                          ? 
_reflns_shell.Rmerge_I_all                                  ? 
_reflns_shell.Rmerge_I_obs                                  2.392 
_reflns_shell.pdbx_Rsym_value                               ? 
_reflns_shell.pdbx_percent_possible_ellipsoidal             ? 
_reflns_shell.pdbx_percent_possible_spherical               ? 
_reflns_shell.pdbx_percent_possible_ellipsoidal_anomalous   ? 
_reflns_shell.pdbx_percent_possible_spherical_anomalous     ? 
_reflns_shell.pdbx_redundancy_anomalous                     ? 
_reflns_shell.pdbx_CC_half_anomalous                        ? 
_reflns_shell.pdbx_absDiff_over_sigma_anomalous             ? 
_reflns_shell.pdbx_percent_possible_anomalous               ? 
# 
_refine.aniso_B[1][1]                            ? 
_refine.aniso_B[1][2]                            ? 
_refine.aniso_B[1][3]                            ? 
_refine.aniso_B[2][2]                            ? 
_refine.aniso_B[2][3]                            ? 
_refine.aniso_B[3][3]                            ? 
_refine.B_iso_max                                ? 
_refine.B_iso_mean                               ? 
_refine.B_iso_min                                ? 
_refine.correlation_coeff_Fo_to_Fc               ? 
_refine.correlation_coeff_Fo_to_Fc_free          ? 
_refine.details                                  ? 
_refine.diff_density_max                         ? 
_refine.diff_density_max_esd                     ? 
_refine.diff_density_min                         ? 
_refine.diff_density_min_esd                     ? 
_refine.diff_density_rms                         ? 
_refine.diff_density_rms_esd                     ? 
_refine.entry_id                                 8VQP 
_refine.pdbx_refine_id                           'X-RAY DIFFRACTION' 
_refine.ls_abs_structure_details                 ? 
_refine.ls_abs_structure_Flack                   ? 
_refine.ls_abs_structure_Flack_esd               ? 
_refine.ls_abs_structure_Rogers                  ? 
_refine.ls_abs_structure_Rogers_esd              ? 
_refine.ls_d_res_high                            2.52 
_refine.ls_d_res_low                             42.39 
_refine.ls_extinction_coef                       ? 
_refine.ls_extinction_coef_esd                   ? 
_refine.ls_extinction_expression                 ? 
_refine.ls_extinction_method                     ? 
_refine.ls_goodness_of_fit_all                   ? 
_refine.ls_goodness_of_fit_all_esd               ? 
_refine.ls_goodness_of_fit_obs                   ? 
_refine.ls_goodness_of_fit_obs_esd               ? 
_refine.ls_hydrogen_treatment                    ? 
_refine.ls_matrix_type                           ? 
_refine.ls_number_constraints                    ? 
_refine.ls_number_parameters                     ? 
_refine.ls_number_reflns_all                     ? 
_refine.ls_number_reflns_obs                     5208 
_refine.ls_number_reflns_R_free                  251 
_refine.ls_number_reflns_R_work                  ? 
_refine.ls_number_restraints                     ? 
_refine.ls_percent_reflns_obs                    99.67 
_refine.ls_percent_reflns_R_free                 4.82 
_refine.ls_R_factor_all                          ? 
_refine.ls_R_factor_obs                          0.2451 
_refine.ls_R_factor_R_free                       0.2705 
_refine.ls_R_factor_R_free_error                 ? 
_refine.ls_R_factor_R_free_error_details         ? 
_refine.ls_R_factor_R_work                       0.2439 
_refine.ls_R_Fsqd_factor_obs                     ? 
_refine.ls_R_I_factor_obs                        ? 
_refine.ls_redundancy_reflns_all                 ? 
_refine.ls_redundancy_reflns_obs                 ? 
_refine.ls_restrained_S_all                      ? 
_refine.ls_restrained_S_obs                      ? 
_refine.ls_shift_over_esd_max                    ? 
_refine.ls_shift_over_esd_mean                   ? 
_refine.ls_structure_factor_coef                 ? 
_refine.ls_weighting_details                     ? 
_refine.ls_weighting_scheme                      ? 
_refine.ls_wR_factor_all                         ? 
_refine.ls_wR_factor_obs                         ? 
_refine.ls_wR_factor_R_free                      ? 
_refine.ls_wR_factor_R_work                      ? 
_refine.occupancy_max                            ? 
_refine.occupancy_min                            ? 
_refine.solvent_model_details                    'FLAT BULK SOLVENT MODEL' 
_refine.solvent_model_param_bsol                 ? 
_refine.solvent_model_param_ksol                 ? 
_refine.pdbx_R_complete                          ? 
_refine.ls_R_factor_gt                           ? 
_refine.ls_goodness_of_fit_gt                    ? 
_refine.ls_goodness_of_fit_ref                   ? 
_refine.ls_shift_over_su_max                     ? 
_refine.ls_shift_over_su_max_lt                  ? 
_refine.ls_shift_over_su_mean                    ? 
_refine.ls_shift_over_su_mean_lt                 ? 
_refine.pdbx_ls_sigma_I                          ? 
_refine.pdbx_ls_sigma_F                          1.33 
_refine.pdbx_ls_sigma_Fsqd                       ? 
_refine.pdbx_data_cutoff_high_absF               ? 
_refine.pdbx_data_cutoff_high_rms_absF           ? 
_refine.pdbx_data_cutoff_low_absF                ? 
_refine.pdbx_isotropic_thermal_model             ? 
_refine.pdbx_ls_cross_valid_method               'FREE R-VALUE' 
_refine.pdbx_method_to_determine_struct          'MOLECULAR REPLACEMENT' 
_refine.pdbx_starting_model                      ? 
_refine.pdbx_stereochemistry_target_values       ML 
_refine.pdbx_R_Free_selection_details            ? 
_refine.pdbx_stereochem_target_val_spec_case     ? 
_refine.pdbx_overall_ESU_R                       ? 
_refine.pdbx_overall_ESU_R_Free                  ? 
_refine.pdbx_solvent_vdw_probe_radii             1.10 
_refine.pdbx_solvent_ion_probe_radii             ? 
_refine.pdbx_solvent_shrinkage_radii             0.90 
_refine.pdbx_real_space_R                        ? 
_refine.pdbx_density_correlation                 ? 
_refine.pdbx_pd_number_of_powder_patterns        ? 
_refine.pdbx_pd_number_of_points                 ? 
_refine.pdbx_pd_meas_number_of_points            ? 
_refine.pdbx_pd_proc_ls_prof_R_factor            ? 
_refine.pdbx_pd_proc_ls_prof_wR_factor           ? 
_refine.pdbx_pd_Marquardt_correlation_coeff      ? 
_refine.pdbx_pd_Fsqrd_R_factor                   ? 
_refine.pdbx_pd_ls_matrix_band_width             ? 
_refine.pdbx_overall_phase_error                 25.51 
_refine.pdbx_overall_SU_R_free_Cruickshank_DPI   ? 
_refine.pdbx_overall_SU_R_free_Blow_DPI          ? 
_refine.pdbx_overall_SU_R_Blow_DPI               ? 
_refine.pdbx_TLS_residual_ADP_flag               ? 
_refine.pdbx_diffrn_id                           1 
_refine.overall_SU_B                             ? 
_refine.overall_SU_ML                            0.36 
_refine.overall_SU_R_Cruickshank_DPI             ? 
_refine.overall_SU_R_free                        ? 
_refine.overall_FOM_free_R_set                   ? 
_refine.overall_FOM_work_R_set                   ? 
_refine.pdbx_average_fsc_overall                 ? 
_refine.pdbx_average_fsc_work                    ? 
_refine.pdbx_average_fsc_free                    ? 
# 
_refine_hist.pdbx_refine_id                   'X-RAY DIFFRACTION' 
_refine_hist.cycle_id                         LAST 
_refine_hist.pdbx_number_atoms_protein        899 
_refine_hist.pdbx_number_atoms_nucleic_acid   0 
_refine_hist.pdbx_number_atoms_ligand         0 
_refine_hist.number_atoms_solvent             1 
_refine_hist.number_atoms_total               900 
_refine_hist.d_res_high                       2.52 
_refine_hist.d_res_low                        42.39 
# 
loop_
_refine_ls_restr.pdbx_refine_id 
_refine_ls_restr.criterion 
_refine_ls_restr.dev_ideal 
_refine_ls_restr.dev_ideal_target 
_refine_ls_restr.number 
_refine_ls_restr.rejects 
_refine_ls_restr.type 
_refine_ls_restr.weight 
_refine_ls_restr.pdbx_restraint_function 
'X-RAY DIFFRACTION' ? 0.008 ? ?   ? f_bond_d           ? ? 
'X-RAY DIFFRACTION' ? 1.193 ? ?   ? f_angle_d          ? ? 
'X-RAY DIFFRACTION' ? 6.714 ? 124 ? f_dihedral_angle_d ? ? 
'X-RAY DIFFRACTION' ? 0.065 ? 144 ? f_chiral_restr     ? ? 
'X-RAY DIFFRACTION' ? 0.009 ? 163 ? f_plane_restr      ? ? 
# 
loop_
_refine_ls_shell.pdbx_refine_id 
_refine_ls_shell.d_res_high 
_refine_ls_shell.d_res_low 
_refine_ls_shell.number_reflns_all 
_refine_ls_shell.number_reflns_obs 
_refine_ls_shell.number_reflns_R_free 
_refine_ls_shell.number_reflns_R_work 
_refine_ls_shell.percent_reflns_obs 
_refine_ls_shell.percent_reflns_R_free 
_refine_ls_shell.R_factor_all 
_refine_ls_shell.R_factor_obs 
_refine_ls_shell.R_factor_R_free_error 
_refine_ls_shell.R_factor_R_work 
_refine_ls_shell.redundancy_reflns_all 
_refine_ls_shell.redundancy_reflns_obs 
_refine_ls_shell.wR_factor_all 
_refine_ls_shell.wR_factor_obs 
_refine_ls_shell.wR_factor_R_free 
_refine_ls_shell.wR_factor_R_work 
_refine_ls_shell.pdbx_R_complete 
_refine_ls_shell.pdbx_total_number_of_bins_used 
_refine_ls_shell.pdbx_phase_error 
_refine_ls_shell.pdbx_fsc_work 
_refine_ls_shell.pdbx_fsc_free 
_refine_ls_shell.R_factor_R_free 
'X-RAY DIFFRACTION' 2.52 3.17  . . 126 2425 100.00 . . . . 0.3105 . . . . . . . . . . . 0.3611 
'X-RAY DIFFRACTION' 3.18 42.39 . . 125 2532 100.00 . . . . 0.2324 . . . . . . . . . . . 0.2544 
# 
_struct.entry_id                     8VQP 
_struct.title                        'Crystal Structure Analysis of EGR1-MIDN' 
_struct.pdbx_model_details           ? 
_struct.pdbx_formula_weight          ? 
_struct.pdbx_formula_weight_method   ? 
_struct.pdbx_model_type_details      ? 
_struct.pdbx_CASP_flag               N 
# 
_struct_keywords.entry_id        8VQP 
_struct_keywords.text            'ubiquitin-independent proteasomal degradation, peptide binding, protein binding' 
_struct_keywords.pdbx_keywords   'PROTEIN BINDING' 
# 
loop_
_struct_asym.id 
_struct_asym.pdbx_blank_PDB_chainid_flag 
_struct_asym.pdbx_modified 
_struct_asym.entity_id 
_struct_asym.details 
A N N 1 ? 
B N N 2 ? 
# 
_struct_ref.id                         1 
_struct_ref.db_name                    PDB 
_struct_ref.db_code                    8VQP 
_struct_ref.pdbx_db_accession          8VQP 
_struct_ref.pdbx_db_isoform            ? 
_struct_ref.entity_id                  1 
_struct_ref.pdbx_seq_one_letter_code   ? 
_struct_ref.pdbx_align_begin           1 
# 
_struct_ref_seq.align_id                      1 
_struct_ref_seq.ref_id                        1 
_struct_ref_seq.pdbx_PDB_id_code              8VQP 
_struct_ref_seq.pdbx_strand_id                A 
_struct_ref_seq.seq_align_beg                 1 
_struct_ref_seq.pdbx_seq_align_beg_ins_code   ? 
_struct_ref_seq.seq_align_end                 154 
_struct_ref_seq.pdbx_seq_align_end_ins_code   ? 
_struct_ref_seq.pdbx_db_accession             8VQP 
_struct_ref_seq.db_align_beg                  1 
_struct_ref_seq.pdbx_db_align_beg_ins_code    ? 
_struct_ref_seq.db_align_end                  154 
_struct_ref_seq.pdbx_db_align_end_ins_code    ? 
_struct_ref_seq.pdbx_auth_seq_align_beg       1 
_struct_ref_seq.pdbx_auth_seq_align_end       154 
# 
_pdbx_struct_assembly.id                   1 
_pdbx_struct_assembly.details              author_defined_assembly 
_pdbx_struct_assembly.method_details       ? 
_pdbx_struct_assembly.oligomeric_details   monomeric 
_pdbx_struct_assembly.oligomeric_count     1 
# 
_pdbx_struct_assembly_gen.assembly_id       1 
_pdbx_struct_assembly_gen.oper_expression   1 
_pdbx_struct_assembly_gen.asym_id_list      A,B 
# 
_pdbx_struct_oper_list.id                   1 
_pdbx_struct_oper_list.type                 'identity operation' 
_pdbx_struct_oper_list.name                 1_555 
_pdbx_struct_oper_list.symmetry_operation   x,y,z 
_pdbx_struct_oper_list.matrix[1][1]         1.0000000000 
_pdbx_struct_oper_list.matrix[1][2]         0.0000000000 
_pdbx_struct_oper_list.matrix[1][3]         0.0000000000 
_pdbx_struct_oper_list.vector[1]            0.0000000000 
_pdbx_struct_oper_list.matrix[2][1]         0.0000000000 
_pdbx_struct_oper_list.matrix[2][2]         1.0000000000 
_pdbx_struct_oper_list.matrix[2][3]         0.0000000000 
_pdbx_struct_oper_list.vector[2]            0.0000000000 
_pdbx_struct_oper_list.matrix[3][1]         0.0000000000 
_pdbx_struct_oper_list.matrix[3][2]         0.0000000000 
_pdbx_struct_oper_list.matrix[3][3]         1.0000000000 
_pdbx_struct_oper_list.vector[3]            0.0000000000 
# 
loop_
_struct_conf.conf_type_id 
_struct_conf.id 
_struct_conf.pdbx_PDB_helix_id 
_struct_conf.beg_label_comp_id 
_struct_conf.beg_label_asym_id 
_struct_conf.beg_label_seq_id 
_struct_conf.pdbx_beg_PDB_ins_code 
_struct_conf.end_label_comp_id 
_struct_conf.end_label_asym_id 
_struct_conf.end_label_seq_id 
_struct_conf.pdbx_end_PDB_ins_code 
_struct_conf.beg_auth_comp_id 
_struct_conf.beg_auth_asym_id 
_struct_conf.beg_auth_seq_id 
_struct_conf.end_auth_comp_id 
_struct_conf.end_auth_asym_id 
_struct_conf.end_auth_seq_id 
_struct_conf.pdbx_PDB_helix_class 
_struct_conf.details 
_struct_conf.pdbx_PDB_helix_length 
HELX_P HELX_P1 AA1 SER A 31  ? LEU A 39  ? SER A 31  LEU A 39  1 ? 9  
HELX_P HELX_P2 AA2 THR A 40  ? GLY A 50  ? THR A 40  GLY A 50  1 ? 11 
HELX_P HELX_P3 AA3 HIS A 109 ? GLN A 113 ? HIS A 109 GLN A 113 5 ? 5  
HELX_P HELX_P4 AA4 ASP A 122 ? ARG A 138 ? ASP A 122 ARG A 138 1 ? 17 
# 
_struct_conf_type.id          HELX_P 
_struct_conf_type.criteria    ? 
_struct_conf_type.reference   ? 
# 
_struct_sheet.id               AA1 
_struct_sheet.type             ? 
_struct_sheet.number_strands   5 
_struct_sheet.details          ? 
# 
loop_
_struct_sheet_order.sheet_id 
_struct_sheet_order.range_id_1 
_struct_sheet_order.range_id_2 
_struct_sheet_order.offset 
_struct_sheet_order.sense 
AA1 1 2 ? anti-parallel 
AA1 2 3 ? anti-parallel 
AA1 3 4 ? anti-parallel 
AA1 4 5 ? anti-parallel 
# 
loop_
_struct_sheet_range.sheet_id 
_struct_sheet_range.id 
_struct_sheet_range.beg_label_comp_id 
_struct_sheet_range.beg_label_asym_id 
_struct_sheet_range.beg_label_seq_id 
_struct_sheet_range.pdbx_beg_PDB_ins_code 
_struct_sheet_range.end_label_comp_id 
_struct_sheet_range.end_label_asym_id 
_struct_sheet_range.end_label_seq_id 
_struct_sheet_range.pdbx_end_PDB_ins_code 
_struct_sheet_range.beg_auth_comp_id 
_struct_sheet_range.beg_auth_asym_id 
_struct_sheet_range.beg_auth_seq_id 
_struct_sheet_range.end_auth_comp_id 
_struct_sheet_range.end_auth_asym_id 
_struct_sheet_range.end_auth_seq_id 
AA1 1 LEU A 54 ? VAL A 60  ? LEU A 54 VAL A 60  
AA1 2 HIS A 63 ? LEU A 71  ? HIS A 63 LEU A 71  
AA1 3 THR A 8  ? PRO A 17  ? THR A 8  PRO A 17  
AA1 4 VAL A 99 ? THR A 107 ? VAL A 99 THR A 107 
AA1 5 GLY A 86 ? ALA A 96  ? GLY A 86 ALA A 96  
# 
loop_
_pdbx_struct_sheet_hbond.sheet_id 
_pdbx_struct_sheet_hbond.range_id_1 
_pdbx_struct_sheet_hbond.range_id_2 
_pdbx_struct_sheet_hbond.range_1_label_atom_id 
_pdbx_struct_sheet_hbond.range_1_label_comp_id 
_pdbx_struct_sheet_hbond.range_1_label_asym_id 
_pdbx_struct_sheet_hbond.range_1_label_seq_id 
_pdbx_struct_sheet_hbond.range_1_PDB_ins_code 
_pdbx_struct_sheet_hbond.range_1_auth_atom_id 
_pdbx_struct_sheet_hbond.range_1_auth_comp_id 
_pdbx_struct_sheet_hbond.range_1_auth_asym_id 
_pdbx_struct_sheet_hbond.range_1_auth_seq_id 
_pdbx_struct_sheet_hbond.range_2_label_atom_id 
_pdbx_struct_sheet_hbond.range_2_label_comp_id 
_pdbx_struct_sheet_hbond.range_2_label_asym_id 
_pdbx_struct_sheet_hbond.range_2_label_seq_id 
_pdbx_struct_sheet_hbond.range_2_PDB_ins_code 
_pdbx_struct_sheet_hbond.range_2_auth_atom_id 
_pdbx_struct_sheet_hbond.range_2_auth_comp_id 
_pdbx_struct_sheet_hbond.range_2_auth_asym_id 
_pdbx_struct_sheet_hbond.range_2_auth_seq_id 
AA1 1 2 N LEU A 54 ? N LEU A 54 O LEU A 69  ? O LEU A 69  
AA1 2 3 O GLN A 70 ? O GLN A 70 N THR A 10  ? N THR A 10  
AA1 3 4 N PHE A 13 ? N PHE A 13 O GLY A 102 ? O GLY A 102 
AA1 4 5 O VAL A 99 ? O VAL A 99 N ALA A 96  ? N ALA A 96  
# 
_pdbx_entry_details.entry_id                   8VQP 
_pdbx_entry_details.compound_details           ? 
_pdbx_entry_details.source_details             ? 
_pdbx_entry_details.nonpolymer_details         ? 
_pdbx_entry_details.sequence_details           ? 
_pdbx_entry_details.has_ligand_of_interest     ? 
_pdbx_entry_details.has_protein_modification   N 
# 
_pdbx_refine_tls.id               1 
_pdbx_refine_tls.pdbx_refine_id   'X-RAY DIFFRACTION' 
_pdbx_refine_tls.details          ? 
_pdbx_refine_tls.method           refined 
_pdbx_refine_tls.origin_x         -0.1244 
_pdbx_refine_tls.origin_y         -0.1464 
_pdbx_refine_tls.origin_z         0.0129 
_pdbx_refine_tls.T[1][1]          0.7924 
_pdbx_refine_tls.T[1][1]_esd      ? 
_pdbx_refine_tls.T[1][2]          -0.0292 
_pdbx_refine_tls.T[1][2]_esd      ? 
_pdbx_refine_tls.T[1][3]          -0.0302 
_pdbx_refine_tls.T[1][3]_esd      ? 
_pdbx_refine_tls.T[2][2]          0.8521 
_pdbx_refine_tls.T[2][2]_esd      ? 
_pdbx_refine_tls.T[2][3]          -0.0020 
_pdbx_refine_tls.T[2][3]_esd      ? 
_pdbx_refine_tls.T[3][3]          0.9006 
_pdbx_refine_tls.T[3][3]_esd      ? 
_pdbx_refine_tls.L[1][1]          6.6747 
_pdbx_refine_tls.L[1][1]_esd      ? 
_pdbx_refine_tls.L[1][2]          -1.3394 
_pdbx_refine_tls.L[1][2]_esd      ? 
_pdbx_refine_tls.L[1][3]          1.2341 
_pdbx_refine_tls.L[1][3]_esd      ? 
_pdbx_refine_tls.L[2][2]          4.1890 
_pdbx_refine_tls.L[2][2]_esd      ? 
_pdbx_refine_tls.L[2][3]          -2.5299 
_pdbx_refine_tls.L[2][3]_esd      ? 
_pdbx_refine_tls.L[3][3]          6.0786 
_pdbx_refine_tls.L[3][3]_esd      ? 
_pdbx_refine_tls.S[1][1]          -0.0463 
_pdbx_refine_tls.S[1][1]_esd      ? 
_pdbx_refine_tls.S[1][2]          0.4209 
_pdbx_refine_tls.S[1][2]_esd      ? 
_pdbx_refine_tls.S[1][3]          -0.1376 
_pdbx_refine_tls.S[1][3]_esd      ? 
_pdbx_refine_tls.S[2][1]          -0.1865 
_pdbx_refine_tls.S[2][1]_esd      ? 
_pdbx_refine_tls.S[2][2]          0.1632 
_pdbx_refine_tls.S[2][2]_esd      ? 
_pdbx_refine_tls.S[2][3]          0.6817 
_pdbx_refine_tls.S[2][3]_esd      ? 
_pdbx_refine_tls.S[3][1]          -0.0587 
_pdbx_refine_tls.S[3][1]_esd      ? 
_pdbx_refine_tls.S[3][2]          -1.1349 
_pdbx_refine_tls.S[3][2]_esd      ? 
_pdbx_refine_tls.S[3][3]          0.0991 
_pdbx_refine_tls.S[3][3]_esd      ? 
# 
_pdbx_refine_tls_group.id                  1 
_pdbx_refine_tls_group.pdbx_refine_id      'X-RAY DIFFRACTION' 
_pdbx_refine_tls_group.refine_tls_id       1 
_pdbx_refine_tls_group.beg_label_asym_id   ? 
_pdbx_refine_tls_group.beg_label_seq_id    ? 
_pdbx_refine_tls_group.beg_auth_asym_id    ? 
_pdbx_refine_tls_group.beg_auth_seq_id     ? 
_pdbx_refine_tls_group.beg_PDB_ins_code    ? 
_pdbx_refine_tls_group.end_label_asym_id   ? 
_pdbx_refine_tls_group.end_label_seq_id    ? 
_pdbx_refine_tls_group.end_auth_asym_id    ? 
_pdbx_refine_tls_group.end_auth_seq_id     ? 
_pdbx_refine_tls_group.end_PDB_ins_code    ? 
_pdbx_refine_tls_group.selection           ? 
_pdbx_refine_tls_group.selection_details   all 
# 
loop_
_pdbx_unobs_or_zero_occ_residues.id 
_pdbx_unobs_or_zero_occ_residues.PDB_model_num 
_pdbx_unobs_or_zero_occ_residues.polymer_flag 
_pdbx_unobs_or_zero_occ_residues.occupancy_flag 
_pdbx_unobs_or_zero_occ_residues.auth_asym_id 
_pdbx_unobs_or_zero_occ_residues.auth_comp_id 
_pdbx_unobs_or_zero_occ_residues.auth_seq_id 
_pdbx_unobs_or_zero_occ_residues.PDB_ins_code 
_pdbx_unobs_or_zero_occ_residues.label_asym_id 
_pdbx_unobs_or_zero_occ_residues.label_comp_id 
_pdbx_unobs_or_zero_occ_residues.label_seq_id 
1  1 Y 1 A GLY 1   ? A GLY 1   
2  1 Y 1 A PRO 2   ? A PRO 2   
3  1 Y 1 A GLY 3   ? A GLY 3   
4  1 Y 1 A ASN 20  ? A ASN 20  
5  1 Y 1 A SER 21  ? A SER 21  
6  1 Y 1 A GLY 22  ? A GLY 22  
7  1 Y 1 A ASN 23  ? A ASN 23  
8  1 Y 1 A THR 24  ? A THR 24  
9  1 Y 1 A LEU 25  ? A LEU 25  
10 1 Y 1 A SER 26  ? A SER 26  
11 1 Y 1 A ARG 27  ? A ARG 27  
12 1 Y 1 A PRO 28  ? A PRO 28  
13 1 Y 1 A GLU 29  ? A GLU 29  
14 1 Y 1 A ALA 73  ? A ALA 73  
15 1 Y 1 A GLN 74  ? A GLN 74  
16 1 Y 1 A HIS 75  ? A HIS 75  
17 1 Y 1 A ALA 76  ? A ALA 76  
18 1 Y 1 A PRO 77  ? A PRO 77  
19 1 Y 1 A PRO 78  ? A PRO 78  
20 1 Y 1 A ALA 79  ? A ALA 79  
21 1 Y 1 A PRO 80  ? A PRO 80  
22 1 Y 1 A ARG 81  ? A ARG 81  
23 1 Y 1 A SER 82  ? A SER 82  
24 1 Y 1 A ARG 83  ? A ARG 83  
25 1 Y 1 A PRO 144 ? A PRO 144 
26 1 Y 1 A PRO 145 ? A PRO 145 
27 1 Y 1 A SER 146 ? A SER 146 
28 1 Y 1 A LEU 147 ? A LEU 147 
29 1 Y 1 A ALA 148 ? A ALA 148 
30 1 Y 1 A GLN 149 ? A GLN 149 
31 1 Y 1 A LEU 150 ? A LEU 150 
32 1 Y 1 A ARG 151 ? A ARG 151 
33 1 Y 1 A CYS 152 ? A CYS 152 
34 1 Y 1 A HIS 153 ? A HIS 153 
35 1 Y 1 A ALA 154 ? A ALA 154 
# 
loop_
_chem_comp_atom.comp_id 
_chem_comp_atom.atom_id 
_chem_comp_atom.type_symbol 
_chem_comp_atom.pdbx_aromatic_flag 
_chem_comp_atom.pdbx_stereo_config 
_chem_comp_atom.pdbx_ordinal 
ALA N    N N N 1   
ALA CA   C N S 2   
ALA C    C N N 3   
ALA O    O N N 4   
ALA CB   C N N 5   
ALA OXT  O N N 6   
ALA H    H N N 7   
ALA H2   H N N 8   
ALA HA   H N N 9   
ALA HB1  H N N 10  
ALA HB2  H N N 11  
ALA HB3  H N N 12  
ALA HXT  H N N 13  
ARG N    N N N 14  
ARG CA   C N S 15  
ARG C    C N N 16  
ARG O    O N N 17  
ARG CB   C N N 18  
ARG CG   C N N 19  
ARG CD   C N N 20  
ARG NE   N N N 21  
ARG CZ   C N N 22  
ARG NH1  N N N 23  
ARG NH2  N N N 24  
ARG OXT  O N N 25  
ARG H    H N N 26  
ARG H2   H N N 27  
ARG HA   H N N 28  
ARG HB2  H N N 29  
ARG HB3  H N N 30  
ARG HG2  H N N 31  
ARG HG3  H N N 32  
ARG HD2  H N N 33  
ARG HD3  H N N 34  
ARG HE   H N N 35  
ARG HH11 H N N 36  
ARG HH12 H N N 37  
ARG HH21 H N N 38  
ARG HH22 H N N 39  
ARG HXT  H N N 40  
ASN N    N N N 41  
ASN CA   C N S 42  
ASN C    C N N 43  
ASN O    O N N 44  
ASN CB   C N N 45  
ASN CG   C N N 46  
ASN OD1  O N N 47  
ASN ND2  N N N 48  
ASN OXT  O N N 49  
ASN H    H N N 50  
ASN H2   H N N 51  
ASN HA   H N N 52  
ASN HB2  H N N 53  
ASN HB3  H N N 54  
ASN HD21 H N N 55  
ASN HD22 H N N 56  
ASN HXT  H N N 57  
ASP N    N N N 58  
ASP CA   C N S 59  
ASP C    C N N 60  
ASP O    O N N 61  
ASP CB   C N N 62  
ASP CG   C N N 63  
ASP OD1  O N N 64  
ASP OD2  O N N 65  
ASP OXT  O N N 66  
ASP H    H N N 67  
ASP H2   H N N 68  
ASP HA   H N N 69  
ASP HB2  H N N 70  
ASP HB3  H N N 71  
ASP HD2  H N N 72  
ASP HXT  H N N 73  
CYS N    N N N 74  
CYS CA   C N R 75  
CYS C    C N N 76  
CYS O    O N N 77  
CYS CB   C N N 78  
CYS SG   S N N 79  
CYS OXT  O N N 80  
CYS H    H N N 81  
CYS H2   H N N 82  
CYS HA   H N N 83  
CYS HB2  H N N 84  
CYS HB3  H N N 85  
CYS HG   H N N 86  
CYS HXT  H N N 87  
GLN N    N N N 88  
GLN CA   C N S 89  
GLN C    C N N 90  
GLN O    O N N 91  
GLN CB   C N N 92  
GLN CG   C N N 93  
GLN CD   C N N 94  
GLN OE1  O N N 95  
GLN NE2  N N N 96  
GLN OXT  O N N 97  
GLN H    H N N 98  
GLN H2   H N N 99  
GLN HA   H N N 100 
GLN HB2  H N N 101 
GLN HB3  H N N 102 
GLN HG2  H N N 103 
GLN HG3  H N N 104 
GLN HE21 H N N 105 
GLN HE22 H N N 106 
GLN HXT  H N N 107 
GLU N    N N N 108 
GLU CA   C N S 109 
GLU C    C N N 110 
GLU O    O N N 111 
GLU CB   C N N 112 
GLU CG   C N N 113 
GLU CD   C N N 114 
GLU OE1  O N N 115 
GLU OE2  O N N 116 
GLU OXT  O N N 117 
GLU H    H N N 118 
GLU H2   H N N 119 
GLU HA   H N N 120 
GLU HB2  H N N 121 
GLU HB3  H N N 122 
GLU HG2  H N N 123 
GLU HG3  H N N 124 
GLU HE2  H N N 125 
GLU HXT  H N N 126 
GLY N    N N N 127 
GLY CA   C N N 128 
GLY C    C N N 129 
GLY O    O N N 130 
GLY OXT  O N N 131 
GLY H    H N N 132 
GLY H2   H N N 133 
GLY HA2  H N N 134 
GLY HA3  H N N 135 
GLY HXT  H N N 136 
HIS N    N N N 137 
HIS CA   C N S 138 
HIS C    C N N 139 
HIS O    O N N 140 
HIS CB   C N N 141 
HIS CG   C Y N 142 
HIS ND1  N Y N 143 
HIS CD2  C Y N 144 
HIS CE1  C Y N 145 
HIS NE2  N Y N 146 
HIS OXT  O N N 147 
HIS H    H N N 148 
HIS H2   H N N 149 
HIS HA   H N N 150 
HIS HB2  H N N 151 
HIS HB3  H N N 152 
HIS HD1  H N N 153 
HIS HD2  H N N 154 
HIS HE1  H N N 155 
HIS HE2  H N N 156 
HIS HXT  H N N 157 
HOH O    O N N 158 
HOH H1   H N N 159 
HOH H2   H N N 160 
ILE N    N N N 161 
ILE CA   C N S 162 
ILE C    C N N 163 
ILE O    O N N 164 
ILE CB   C N S 165 
ILE CG1  C N N 166 
ILE CG2  C N N 167 
ILE CD1  C N N 168 
ILE OXT  O N N 169 
ILE H    H N N 170 
ILE H2   H N N 171 
ILE HA   H N N 172 
ILE HB   H N N 173 
ILE HG12 H N N 174 
ILE HG13 H N N 175 
ILE HG21 H N N 176 
ILE HG22 H N N 177 
ILE HG23 H N N 178 
ILE HD11 H N N 179 
ILE HD12 H N N 180 
ILE HD13 H N N 181 
ILE HXT  H N N 182 
LEU N    N N N 183 
LEU CA   C N S 184 
LEU C    C N N 185 
LEU O    O N N 186 
LEU CB   C N N 187 
LEU CG   C N N 188 
LEU CD1  C N N 189 
LEU CD2  C N N 190 
LEU OXT  O N N 191 
LEU H    H N N 192 
LEU H2   H N N 193 
LEU HA   H N N 194 
LEU HB2  H N N 195 
LEU HB3  H N N 196 
LEU HG   H N N 197 
LEU HD11 H N N 198 
LEU HD12 H N N 199 
LEU HD13 H N N 200 
LEU HD21 H N N 201 
LEU HD22 H N N 202 
LEU HD23 H N N 203 
LEU HXT  H N N 204 
LYS N    N N N 205 
LYS CA   C N S 206 
LYS C    C N N 207 
LYS O    O N N 208 
LYS CB   C N N 209 
LYS CG   C N N 210 
LYS CD   C N N 211 
LYS CE   C N N 212 
LYS NZ   N N N 213 
LYS OXT  O N N 214 
LYS H    H N N 215 
LYS H2   H N N 216 
LYS HA   H N N 217 
LYS HB2  H N N 218 
LYS HB3  H N N 219 
LYS HG2  H N N 220 
LYS HG3  H N N 221 
LYS HD2  H N N 222 
LYS HD3  H N N 223 
LYS HE2  H N N 224 
LYS HE3  H N N 225 
LYS HZ1  H N N 226 
LYS HZ2  H N N 227 
LYS HZ3  H N N 228 
LYS HXT  H N N 229 
MET N    N N N 230 
MET CA   C N S 231 
MET C    C N N 232 
MET O    O N N 233 
MET CB   C N N 234 
MET CG   C N N 235 
MET SD   S N N 236 
MET CE   C N N 237 
MET OXT  O N N 238 
MET H    H N N 239 
MET H2   H N N 240 
MET HA   H N N 241 
MET HB2  H N N 242 
MET HB3  H N N 243 
MET HG2  H N N 244 
MET HG3  H N N 245 
MET HE1  H N N 246 
MET HE2  H N N 247 
MET HE3  H N N 248 
MET HXT  H N N 249 
PHE N    N N N 250 
PHE CA   C N S 251 
PHE C    C N N 252 
PHE O    O N N 253 
PHE CB   C N N 254 
PHE CG   C Y N 255 
PHE CD1  C Y N 256 
PHE CD2  C Y N 257 
PHE CE1  C Y N 258 
PHE CE2  C Y N 259 
PHE CZ   C Y N 260 
PHE OXT  O N N 261 
PHE H    H N N 262 
PHE H2   H N N 263 
PHE HA   H N N 264 
PHE HB2  H N N 265 
PHE HB3  H N N 266 
PHE HD1  H N N 267 
PHE HD2  H N N 268 
PHE HE1  H N N 269 
PHE HE2  H N N 270 
PHE HZ   H N N 271 
PHE HXT  H N N 272 
PRO N    N N N 273 
PRO CA   C N S 274 
PRO C    C N N 275 
PRO O    O N N 276 
PRO CB   C N N 277 
PRO CG   C N N 278 
PRO CD   C N N 279 
PRO OXT  O N N 280 
PRO H    H N N 281 
PRO HA   H N N 282 
PRO HB2  H N N 283 
PRO HB3  H N N 284 
PRO HG2  H N N 285 
PRO HG3  H N N 286 
PRO HD2  H N N 287 
PRO HD3  H N N 288 
PRO HXT  H N N 289 
SER N    N N N 290 
SER CA   C N S 291 
SER C    C N N 292 
SER O    O N N 293 
SER CB   C N N 294 
SER OG   O N N 295 
SER OXT  O N N 296 
SER H    H N N 297 
SER H2   H N N 298 
SER HA   H N N 299 
SER HB2  H N N 300 
SER HB3  H N N 301 
SER HG   H N N 302 
SER HXT  H N N 303 
THR N    N N N 304 
THR CA   C N S 305 
THR C    C N N 306 
THR O    O N N 307 
THR CB   C N R 308 
THR OG1  O N N 309 
THR CG2  C N N 310 
THR OXT  O N N 311 
THR H    H N N 312 
THR H2   H N N 313 
THR HA   H N N 314 
THR HB   H N N 315 
THR HG1  H N N 316 
THR HG21 H N N 317 
THR HG22 H N N 318 
THR HG23 H N N 319 
THR HXT  H N N 320 
TYR N    N N N 321 
TYR CA   C N S 322 
TYR C    C N N 323 
TYR O    O N N 324 
TYR CB   C N N 325 
TYR CG   C Y N 326 
TYR CD1  C Y N 327 
TYR CD2  C Y N 328 
TYR CE1  C Y N 329 
TYR CE2  C Y N 330 
TYR CZ   C Y N 331 
TYR OH   O N N 332 
TYR OXT  O N N 333 
TYR H    H N N 334 
TYR H2   H N N 335 
TYR HA   H N N 336 
TYR HB2  H N N 337 
TYR HB3  H N N 338 
TYR HD1  H N N 339 
TYR HD2  H N N 340 
TYR HE1  H N N 341 
TYR HE2  H N N 342 
TYR HH   H N N 343 
TYR HXT  H N N 344 
VAL N    N N N 345 
VAL CA   C N S 346 
VAL C    C N N 347 
VAL O    O N N 348 
VAL CB   C N N 349 
VAL CG1  C N N 350 
VAL CG2  C N N 351 
VAL OXT  O N N 352 
VAL H    H N N 353 
VAL H2   H N N 354 
VAL HA   H N N 355 
VAL HB   H N N 356 
VAL HG11 H N N 357 
VAL HG12 H N N 358 
VAL HG13 H N N 359 
VAL HG21 H N N 360 
VAL HG22 H N N 361 
VAL HG23 H N N 362 
VAL HXT  H N N 363 
# 
loop_
_chem_comp_bond.comp_id 
_chem_comp_bond.atom_id_1 
_chem_comp_bond.atom_id_2 
_chem_comp_bond.value_order 
_chem_comp_bond.pdbx_aromatic_flag 
_chem_comp_bond.pdbx_stereo_config 
_chem_comp_bond.pdbx_ordinal 
ALA N   CA   sing N N 1   
ALA N   H    sing N N 2   
ALA N   H2   sing N N 3   
ALA CA  C    sing N N 4   
ALA CA  CB   sing N N 5   
ALA CA  HA   sing N N 6   
ALA C   O    doub N N 7   
ALA C   OXT  sing N N 8   
ALA CB  HB1  sing N N 9   
ALA CB  HB2  sing N N 10  
ALA CB  HB3  sing N N 11  
ALA OXT HXT  sing N N 12  
ARG N   CA   sing N N 13  
ARG N   H    sing N N 14  
ARG N   H2   sing N N 15  
ARG CA  C    sing N N 16  
ARG CA  CB   sing N N 17  
ARG CA  HA   sing N N 18  
ARG C   O    doub N N 19  
ARG C   OXT  sing N N 20  
ARG CB  CG   sing N N 21  
ARG CB  HB2  sing N N 22  
ARG CB  HB3  sing N N 23  
ARG CG  CD   sing N N 24  
ARG CG  HG2  sing N N 25  
ARG CG  HG3  sing N N 26  
ARG CD  NE   sing N N 27  
ARG CD  HD2  sing N N 28  
ARG CD  HD3  sing N N 29  
ARG NE  CZ   sing N N 30  
ARG NE  HE   sing N N 31  
ARG CZ  NH1  sing N N 32  
ARG CZ  NH2  doub N N 33  
ARG NH1 HH11 sing N N 34  
ARG NH1 HH12 sing N N 35  
ARG NH2 HH21 sing N N 36  
ARG NH2 HH22 sing N N 37  
ARG OXT HXT  sing N N 38  
ASN N   CA   sing N N 39  
ASN N   H    sing N N 40  
ASN N   H2   sing N N 41  
ASN CA  C    sing N N 42  
ASN CA  CB   sing N N 43  
ASN CA  HA   sing N N 44  
ASN C   O    doub N N 45  
ASN C   OXT  sing N N 46  
ASN CB  CG   sing N N 47  
ASN CB  HB2  sing N N 48  
ASN CB  HB3  sing N N 49  
ASN CG  OD1  doub N N 50  
ASN CG  ND2  sing N N 51  
ASN ND2 HD21 sing N N 52  
ASN ND2 HD22 sing N N 53  
ASN OXT HXT  sing N N 54  
ASP N   CA   sing N N 55  
ASP N   H    sing N N 56  
ASP N   H2   sing N N 57  
ASP CA  C    sing N N 58  
ASP CA  CB   sing N N 59  
ASP CA  HA   sing N N 60  
ASP C   O    doub N N 61  
ASP C   OXT  sing N N 62  
ASP CB  CG   sing N N 63  
ASP CB  HB2  sing N N 64  
ASP CB  HB3  sing N N 65  
ASP CG  OD1  doub N N 66  
ASP CG  OD2  sing N N 67  
ASP OD2 HD2  sing N N 68  
ASP OXT HXT  sing N N 69  
CYS N   CA   sing N N 70  
CYS N   H    sing N N 71  
CYS N   H2   sing N N 72  
CYS CA  C    sing N N 73  
CYS CA  CB   sing N N 74  
CYS CA  HA   sing N N 75  
CYS C   O    doub N N 76  
CYS C   OXT  sing N N 77  
CYS CB  SG   sing N N 78  
CYS CB  HB2  sing N N 79  
CYS CB  HB3  sing N N 80  
CYS SG  HG   sing N N 81  
CYS OXT HXT  sing N N 82  
GLN N   CA   sing N N 83  
GLN N   H    sing N N 84  
GLN N   H2   sing N N 85  
GLN CA  C    sing N N 86  
GLN CA  CB   sing N N 87  
GLN CA  HA   sing N N 88  
GLN C   O    doub N N 89  
GLN C   OXT  sing N N 90  
GLN CB  CG   sing N N 91  
GLN CB  HB2  sing N N 92  
GLN CB  HB3  sing N N 93  
GLN CG  CD   sing N N 94  
GLN CG  HG2  sing N N 95  
GLN CG  HG3  sing N N 96  
GLN CD  OE1  doub N N 97  
GLN CD  NE2  sing N N 98  
GLN NE2 HE21 sing N N 99  
GLN NE2 HE22 sing N N 100 
GLN OXT HXT  sing N N 101 
GLU N   CA   sing N N 102 
GLU N   H    sing N N 103 
GLU N   H2   sing N N 104 
GLU CA  C    sing N N 105 
GLU CA  CB   sing N N 106 
GLU CA  HA   sing N N 107 
GLU C   O    doub N N 108 
GLU C   OXT  sing N N 109 
GLU CB  CG   sing N N 110 
GLU CB  HB2  sing N N 111 
GLU CB  HB3  sing N N 112 
GLU CG  CD   sing N N 113 
GLU CG  HG2  sing N N 114 
GLU CG  HG3  sing N N 115 
GLU CD  OE1  doub N N 116 
GLU CD  OE2  sing N N 117 
GLU OE2 HE2  sing N N 118 
GLU OXT HXT  sing N N 119 
GLY N   CA   sing N N 120 
GLY N   H    sing N N 121 
GLY N   H2   sing N N 122 
GLY CA  C    sing N N 123 
GLY CA  HA2  sing N N 124 
GLY CA  HA3  sing N N 125 
GLY C   O    doub N N 126 
GLY C   OXT  sing N N 127 
GLY OXT HXT  sing N N 128 
HIS N   CA   sing N N 129 
HIS N   H    sing N N 130 
HIS N   H2   sing N N 131 
HIS CA  C    sing N N 132 
HIS CA  CB   sing N N 133 
HIS CA  HA   sing N N 134 
HIS C   O    doub N N 135 
HIS C   OXT  sing N N 136 
HIS CB  CG   sing N N 137 
HIS CB  HB2  sing N N 138 
HIS CB  HB3  sing N N 139 
HIS CG  ND1  sing Y N 140 
HIS CG  CD2  doub Y N 141 
HIS ND1 CE1  doub Y N 142 
HIS ND1 HD1  sing N N 143 
HIS CD2 NE2  sing Y N 144 
HIS CD2 HD2  sing N N 145 
HIS CE1 NE2  sing Y N 146 
HIS CE1 HE1  sing N N 147 
HIS NE2 HE2  sing N N 148 
HIS OXT HXT  sing N N 149 
HOH O   H1   sing N N 150 
HOH O   H2   sing N N 151 
ILE N   CA   sing N N 152 
ILE N   H    sing N N 153 
ILE N   H2   sing N N 154 
ILE CA  C    sing N N 155 
ILE CA  CB   sing N N 156 
ILE CA  HA   sing N N 157 
ILE C   O    doub N N 158 
ILE C   OXT  sing N N 159 
ILE CB  CG1  sing N N 160 
ILE CB  CG2  sing N N 161 
ILE CB  HB   sing N N 162 
ILE CG1 CD1  sing N N 163 
ILE CG1 HG12 sing N N 164 
ILE CG1 HG13 sing N N 165 
ILE CG2 HG21 sing N N 166 
ILE CG2 HG22 sing N N 167 
ILE CG2 HG23 sing N N 168 
ILE CD1 HD11 sing N N 169 
ILE CD1 HD12 sing N N 170 
ILE CD1 HD13 sing N N 171 
ILE OXT HXT  sing N N 172 
LEU N   CA   sing N N 173 
LEU N   H    sing N N 174 
LEU N   H2   sing N N 175 
LEU CA  C    sing N N 176 
LEU CA  CB   sing N N 177 
LEU CA  HA   sing N N 178 
LEU C   O    doub N N 179 
LEU C   OXT  sing N N 180 
LEU CB  CG   sing N N 181 
LEU CB  HB2  sing N N 182 
LEU CB  HB3  sing N N 183 
LEU CG  CD1  sing N N 184 
LEU CG  CD2  sing N N 185 
LEU CG  HG   sing N N 186 
LEU CD1 HD11 sing N N 187 
LEU CD1 HD12 sing N N 188 
LEU CD1 HD13 sing N N 189 
LEU CD2 HD21 sing N N 190 
LEU CD2 HD22 sing N N 191 
LEU CD2 HD23 sing N N 192 
LEU OXT HXT  sing N N 193 
LYS N   CA   sing N N 194 
LYS N   H    sing N N 195 
LYS N   H2   sing N N 196 
LYS CA  C    sing N N 197 
LYS CA  CB   sing N N 198 
LYS CA  HA   sing N N 199 
LYS C   O    doub N N 200 
LYS C   OXT  sing N N 201 
LYS CB  CG   sing N N 202 
LYS CB  HB2  sing N N 203 
LYS CB  HB3  sing N N 204 
LYS CG  CD   sing N N 205 
LYS CG  HG2  sing N N 206 
LYS CG  HG3  sing N N 207 
LYS CD  CE   sing N N 208 
LYS CD  HD2  sing N N 209 
LYS CD  HD3  sing N N 210 
LYS CE  NZ   sing N N 211 
LYS CE  HE2  sing N N 212 
LYS CE  HE3  sing N N 213 
LYS NZ  HZ1  sing N N 214 
LYS NZ  HZ2  sing N N 215 
LYS NZ  HZ3  sing N N 216 
LYS OXT HXT  sing N N 217 
MET N   CA   sing N N 218 
MET N   H    sing N N 219 
MET N   H2   sing N N 220 
MET CA  C    sing N N 221 
MET CA  CB   sing N N 222 
MET CA  HA   sing N N 223 
MET C   O    doub N N 224 
MET C   OXT  sing N N 225 
MET CB  CG   sing N N 226 
MET CB  HB2  sing N N 227 
MET CB  HB3  sing N N 228 
MET CG  SD   sing N N 229 
MET CG  HG2  sing N N 230 
MET CG  HG3  sing N N 231 
MET SD  CE   sing N N 232 
MET CE  HE1  sing N N 233 
MET CE  HE2  sing N N 234 
MET CE  HE3  sing N N 235 
MET OXT HXT  sing N N 236 
PHE N   CA   sing N N 237 
PHE N   H    sing N N 238 
PHE N   H2   sing N N 239 
PHE CA  C    sing N N 240 
PHE CA  CB   sing N N 241 
PHE CA  HA   sing N N 242 
PHE C   O    doub N N 243 
PHE C   OXT  sing N N 244 
PHE CB  CG   sing N N 245 
PHE CB  HB2  sing N N 246 
PHE CB  HB3  sing N N 247 
PHE CG  CD1  doub Y N 248 
PHE CG  CD2  sing Y N 249 
PHE CD1 CE1  sing Y N 250 
PHE CD1 HD1  sing N N 251 
PHE CD2 CE2  doub Y N 252 
PHE CD2 HD2  sing N N 253 
PHE CE1 CZ   doub Y N 254 
PHE CE1 HE1  sing N N 255 
PHE CE2 CZ   sing Y N 256 
PHE CE2 HE2  sing N N 257 
PHE CZ  HZ   sing N N 258 
PHE OXT HXT  sing N N 259 
PRO N   CA   sing N N 260 
PRO N   CD   sing N N 261 
PRO N   H    sing N N 262 
PRO CA  C    sing N N 263 
PRO CA  CB   sing N N 264 
PRO CA  HA   sing N N 265 
PRO C   O    doub N N 266 
PRO C   OXT  sing N N 267 
PRO CB  CG   sing N N 268 
PRO CB  HB2  sing N N 269 
PRO CB  HB3  sing N N 270 
PRO CG  CD   sing N N 271 
PRO CG  HG2  sing N N 272 
PRO CG  HG3  sing N N 273 
PRO CD  HD2  sing N N 274 
PRO CD  HD3  sing N N 275 
PRO OXT HXT  sing N N 276 
SER N   CA   sing N N 277 
SER N   H    sing N N 278 
SER N   H2   sing N N 279 
SER CA  C    sing N N 280 
SER CA  CB   sing N N 281 
SER CA  HA   sing N N 282 
SER C   O    doub N N 283 
SER C   OXT  sing N N 284 
SER CB  OG   sing N N 285 
SER CB  HB2  sing N N 286 
SER CB  HB3  sing N N 287 
SER OG  HG   sing N N 288 
SER OXT HXT  sing N N 289 
THR N   CA   sing N N 290 
THR N   H    sing N N 291 
THR N   H2   sing N N 292 
THR CA  C    sing N N 293 
THR CA  CB   sing N N 294 
THR CA  HA   sing N N 295 
THR C   O    doub N N 296 
THR C   OXT  sing N N 297 
THR CB  OG1  sing N N 298 
THR CB  CG2  sing N N 299 
THR CB  HB   sing N N 300 
THR OG1 HG1  sing N N 301 
THR CG2 HG21 sing N N 302 
THR CG2 HG22 sing N N 303 
THR CG2 HG23 sing N N 304 
THR OXT HXT  sing N N 305 
TYR N   CA   sing N N 306 
TYR N   H    sing N N 307 
TYR N   H2   sing N N 308 
TYR CA  C    sing N N 309 
TYR CA  CB   sing N N 310 
TYR CA  HA   sing N N 311 
TYR C   O    doub N N 312 
TYR C   OXT  sing N N 313 
TYR CB  CG   sing N N 314 
TYR CB  HB2  sing N N 315 
TYR CB  HB3  sing N N 316 
TYR CG  CD1  doub Y N 317 
TYR CG  CD2  sing Y N 318 
TYR CD1 CE1  sing Y N 319 
TYR CD1 HD1  sing N N 320 
TYR CD2 CE2  doub Y N 321 
TYR CD2 HD2  sing N N 322 
TYR CE1 CZ   doub Y N 323 
TYR CE1 HE1  sing N N 324 
TYR CE2 CZ   sing Y N 325 
TYR CE2 HE2  sing N N 326 
TYR CZ  OH   sing N N 327 
TYR OH  HH   sing N N 328 
TYR OXT HXT  sing N N 329 
VAL N   CA   sing N N 330 
VAL N   H    sing N N 331 
VAL N   H2   sing N N 332 
VAL CA  C    sing N N 333 
VAL CA  CB   sing N N 334 
VAL CA  HA   sing N N 335 
VAL C   O    doub N N 336 
VAL C   OXT  sing N N 337 
VAL CB  CG1  sing N N 338 
VAL CB  CG2  sing N N 339 
VAL CB  HB   sing N N 340 
VAL CG1 HG11 sing N N 341 
VAL CG1 HG12 sing N N 342 
VAL CG1 HG13 sing N N 343 
VAL CG2 HG21 sing N N 344 
VAL CG2 HG22 sing N N 345 
VAL CG2 HG23 sing N N 346 
VAL OXT HXT  sing N N 347 
# 
_pdbx_audit_support.funding_organization   'National Institutes of Health/National Cancer Institute (NIH/NCI)' 
_pdbx_audit_support.country                'United States' 
_pdbx_audit_support.grant_number           ? 
_pdbx_audit_support.ordinal                1 
# 
_pdbx_initial_refinement_model.id               1 
_pdbx_initial_refinement_model.entity_id_list   ? 
_pdbx_initial_refinement_model.type             'in silico model' 
_pdbx_initial_refinement_model.source_name      AlphaFold 
_pdbx_initial_refinement_model.accession_code   ? 
_pdbx_initial_refinement_model.details          ? 
# 
_atom_sites.entry_id                    8VQP 
_atom_sites.Cartn_transf_matrix[1][1]   ? 
_atom_sites.Cartn_transf_matrix[1][2]   ? 
_atom_sites.Cartn_transf_matrix[1][3]   ? 
_atom_sites.Cartn_transf_matrix[2][1]   ? 
_atom_sites.Cartn_transf_matrix[2][2]   ? 
_atom_sites.Cartn_transf_matrix[2][3]   ? 
_atom_sites.Cartn_transf_matrix[3][1]   ? 
_atom_sites.Cartn_transf_matrix[3][2]   ? 
_atom_sites.Cartn_transf_matrix[3][3]   ? 
_atom_sites.Cartn_transf_vector[1]      ? 
_atom_sites.Cartn_transf_vector[2]      ? 
_atom_sites.Cartn_transf_vector[3]      ? 
_atom_sites.Cartn_transform_axes        ? 
_atom_sites.fract_transf_matrix[1][1]   -0.00418179 
_atom_sites.fract_transf_matrix[1][2]   -0.01955604 
_atom_sites.fract_transf_matrix[1][3]   0.00297344 
_atom_sites.fract_transf_matrix[2][1]   -0.01303178 
_atom_sites.fract_transf_matrix[2][2]   0.00349461 
_atom_sites.fract_transf_matrix[2][3]   0.00465607 
_atom_sites.fract_transf_matrix[3][1]   -0.00414645 
_atom_sites.fract_transf_matrix[3][2]   -0.00078798 
_atom_sites.fract_transf_matrix[3][3]   -0.01101400 
_atom_sites.fract_transf_vector[1]      0.115831 
_atom_sites.fract_transf_vector[2]      -0.022924 
_atom_sites.fract_transf_vector[3]      0.109413 
_atom_sites.solution_primary            ? 
_atom_sites.solution_secondary          ? 
_atom_sites.solution_hydrogens          ? 
_atom_sites.special_details             ? 
# 
loop_
_atom_type.symbol 
C 
N 
O 
S 
# 
loop_
_atom_site.group_PDB 
_atom_site.id 
_atom_site.type_symbol 
_atom_site.label_atom_id 
_atom_site.label_alt_id 
_atom_site.label_comp_id 
_atom_site.label_asym_id 
_atom_site.label_entity_id 
_atom_site.label_seq_id 
_atom_site.pdbx_PDB_ins_code 
_atom_site.Cartn_x 
_atom_site.Cartn_y 
_atom_site.Cartn_z 
_atom_site.occupancy 
_atom_site.B_iso_or_equiv 
_atom_site.pdbx_formal_charge 
_atom_site.auth_seq_id 
_atom_site.auth_comp_id 
_atom_site.auth_asym_id 
_atom_site.auth_atom_id 
_atom_site.pdbx_PDB_model_num 
ATOM   1   N N   . SER A 1 4   ? -9.684  20.843  -4.039  1.00 134.74 ? 4   SER A N   1 
ATOM   2   C CA  . SER A 1 4   ? -9.639  19.387  -3.992  1.00 130.48 ? 4   SER A CA  1 
ATOM   3   C C   . SER A 1 4   ? -8.206  18.891  -4.078  1.00 127.10 ? 4   SER A C   1 
ATOM   4   O O   . SER A 1 4   ? -7.847  18.199  -5.031  1.00 123.86 ? 4   SER A O   1 
ATOM   5   C CB  . SER A 1 4   ? -10.474 18.787  -5.126  1.00 130.46 ? 4   SER A CB  1 
ATOM   6   O OG  . SER A 1 4   ? -10.338 17.374  -5.167  1.00 138.42 ? 4   SER A OG  1 
ATOM   7   N N   . PRO A 1 5   ? -7.393  19.227  -3.080  1.00 130.01 ? 5   PRO A N   1 
ATOM   8   C CA  . PRO A 1 5   ? -5.961  18.896  -3.134  1.00 129.54 ? 5   PRO A CA  1 
ATOM   9   C C   . PRO A 1 5   ? -5.746  17.389  -3.075  1.00 127.42 ? 5   PRO A C   1 
ATOM   10  O O   . PRO A 1 5   ? -6.575  16.660  -2.512  1.00 127.58 ? 5   PRO A O   1 
ATOM   11  C CB  . PRO A 1 5   ? -5.379  19.595  -1.893  1.00 122.24 ? 5   PRO A CB  1 
ATOM   12  C CG  . PRO A 1 5   ? -6.519  20.368  -1.272  1.00 128.36 ? 5   PRO A CG  1 
ATOM   13  C CD  . PRO A 1 5   ? -7.782  19.745  -1.760  1.00 131.33 ? 5   PRO A CD  1 
ATOM   14  N N   . PRO A 1 6   ? -4.648  16.894  -3.643  1.00 116.65 ? 6   PRO A N   1 
ATOM   15  C CA  . PRO A 1 6   ? -4.458  15.440  -3.726  1.00 111.49 ? 6   PRO A CA  1 
ATOM   16  C C   . PRO A 1 6   ? -4.202  14.818  -2.360  1.00 108.88 ? 6   PRO A C   1 
ATOM   17  O O   . PRO A 1 6   ? -3.753  15.473  -1.415  1.00 114.94 ? 6   PRO A O   1 
ATOM   18  C CB  . PRO A 1 6   ? -3.240  15.281  -4.647  1.00 105.43 ? 6   PRO A CB  1 
ATOM   19  C CG  . PRO A 1 6   ? -2.790  16.665  -5.012  1.00 112.68 ? 6   PRO A CG  1 
ATOM   20  C CD  . PRO A 1 6   ? -3.482  17.644  -4.133  1.00 118.69 ? 6   PRO A CD  1 
ATOM   21  N N   . ILE A 1 7   ? -4.523  13.530  -2.262  1.00 96.17  ? 7   ILE A N   1 
ATOM   22  C CA  . ILE A 1 7   ? -4.320  12.749  -1.046  1.00 98.95  ? 7   ILE A CA  1 
ATOM   23  C C   . ILE A 1 7   ? -3.001  11.996  -1.172  1.00 94.44  ? 7   ILE A C   1 
ATOM   24  O O   . ILE A 1 7   ? -2.831  11.163  -2.072  1.00 84.18  ? 7   ILE A O   1 
ATOM   25  C CB  . ILE A 1 7   ? -5.478  11.771  -0.797  1.00 94.98  ? 7   ILE A CB  1 
ATOM   26  C CG1 . ILE A 1 7   ? -6.739  12.524  -0.392  1.00 111.32 ? 7   ILE A CG1 1 
ATOM   27  C CG2 . ILE A 1 7   ? -5.088  10.757  0.269   1.00 89.99  ? 7   ILE A CG2 1 
ATOM   28  C CD1 . ILE A 1 7   ? -6.493  13.585  0.663   1.00 125.92 ? 7   ILE A CD1 1 
ATOM   29  N N   . THR A 1 8   ? -2.080  12.266  -0.258  1.00 87.04  ? 8   THR A N   1 
ATOM   30  C CA  . THR A 1 8   ? -0.787  11.612  -0.273  1.00 84.52  ? 8   THR A CA  1 
ATOM   31  C C   . THR A 1 8   ? -0.709  10.573  0.837   1.00 83.76  ? 8   THR A C   1 
ATOM   32  O O   . THR A 1 8   ? -1.456  10.614  1.817   1.00 86.59  ? 8   THR A O   1 
ATOM   33  C CB  . THR A 1 8   ? 0.349   12.629  -0.130  1.00 82.12  ? 8   THR A CB  1 
ATOM   34  O OG1 . THR A 1 8   ? 0.226   13.308  1.122   1.00 85.62  ? 8   THR A OG1 1 
ATOM   35  C CG2 . THR A 1 8   ? 0.282   13.650  -1.259  1.00 85.05  ? 8   THR A CG2 1 
ATOM   36  N N   . TYR A 1 9   ? 0.199   9.618   0.653   1.00 82.62  ? 9   TYR A N   1 
ATOM   37  C CA  . TYR A 1 9   ? 0.416   8.552   1.616   1.00 73.90  ? 9   TYR A CA  1 
ATOM   38  C C   . TYR A 1 9   ? 1.906   8.263   1.677   1.00 70.74  ? 9   TYR A C   1 
ATOM   39  O O   . TYR A 1 9   ? 2.669   8.611   0.776   1.00 70.55  ? 9   TYR A O   1 
ATOM   40  C CB  . TYR A 1 9   ? -0.374  7.277   1.251   1.00 76.42  ? 9   TYR A CB  1 
ATOM   41  C CG  . TYR A 1 9   ? -0.090  6.747   -0.137  1.00 71.34  ? 9   TYR A CG  1 
ATOM   42  C CD1 . TYR A 1 9   ? 1.035   5.988   -0.380  1.00 69.07  ? 9   TYR A CD1 1 
ATOM   43  C CD2 . TYR A 1 9   ? -0.941  7.012   -1.200  1.00 78.50  ? 9   TYR A CD2 1 
ATOM   44  C CE1 . TYR A 1 9   ? 1.314   5.509   -1.628  1.00 72.96  ? 9   TYR A CE1 1 
ATOM   45  C CE2 . TYR A 1 9   ? -0.663  6.532   -2.470  1.00 78.86  ? 9   TYR A CE2 1 
ATOM   46  C CZ  . TYR A 1 9   ? 0.476   5.775   -2.669  1.00 70.84  ? 9   TYR A CZ  1 
ATOM   47  O OH  . TYR A 1 9   ? 0.804   5.278   -3.908  1.00 76.45  ? 9   TYR A OH  1 
ATOM   48  N N   . THR A 1 10  ? 2.318   7.644   2.769   1.00 69.37  ? 10  THR A N   1 
ATOM   49  C CA  . THR A 1 10  ? 3.675   7.149   2.918   1.00 70.30  ? 10  THR A CA  1 
ATOM   50  C C   . THR A 1 10  ? 3.598   5.757   3.510   1.00 69.79  ? 10  THR A C   1 
ATOM   51  O O   . THR A 1 10  ? 2.604   5.376   4.139   1.00 66.31  ? 10  THR A O   1 
ATOM   52  C CB  . THR A 1 10  ? 4.553   8.035   3.823   1.00 68.10  ? 10  THR A CB  1 
ATOM   53  O OG1 . THR A 1 10  ? 4.059   7.964   5.170   1.00 80.22  ? 10  THR A OG1 1 
ATOM   54  C CG2 . THR A 1 10  ? 4.572   9.472   3.350   1.00 70.80  ? 10  THR A CG2 1 
ATOM   55  N N   . GLY A 1 11  ? 4.653   4.987   3.288   1.00 67.70  ? 11  GLY A N   1 
ATOM   56  C CA  . GLY A 1 11  ? 4.645   3.648   3.832   1.00 61.88  ? 11  GLY A CA  1 
ATOM   57  C C   . GLY A 1 11  ? 6.023   3.038   3.868   1.00 60.23  ? 11  GLY A C   1 
ATOM   58  O O   . GLY A 1 11  ? 7.024   3.645   3.476   1.00 60.19  ? 11  GLY A O   1 
ATOM   59  N N   . ARG A 1 12  ? 6.026   1.778   4.297   1.00 63.17  ? 12  ARG A N   1 
ATOM   60  C CA  . ARG A 1 12  ? 7.218   0.981   4.542   1.00 63.96  ? 12  ARG A CA  1 
ATOM   61  C C   . ARG A 1 12  ? 6.921   -0.460  4.156   1.00 61.71  ? 12  ARG A C   1 
ATOM   62  O O   . ARG A 1 12  ? 5.908   -1.020  4.577   1.00 61.97  ? 12  ARG A O   1 
ATOM   63  C CB  . ARG A 1 12  ? 7.605   1.090   6.021   1.00 58.45  ? 12  ARG A CB  1 
ATOM   64  C CG  . ARG A 1 12  ? 8.704   0.211   6.452   1.00 64.75  ? 12  ARG A CG  1 
ATOM   65  C CD  . ARG A 1 12  ? 9.154   0.532   7.863   1.00 58.68  ? 12  ARG A CD  1 
ATOM   66  N NE  . ARG A 1 12  ? 8.488   -0.264  8.896   1.00 81.72  ? 12  ARG A NE  1 
ATOM   67  C CZ  . ARG A 1 12  ? 8.929   -1.465  9.293   1.00 74.74  ? 12  ARG A CZ  1 
ATOM   68  N NH1 . ARG A 1 12  ? 9.888   -2.110  8.668   1.00 81.56  ? 12  ARG A NH1 1 
ATOM   69  N NH2 . ARG A 1 12  ? 8.276   -2.092  10.277  1.00 73.09  ? 12  ARG A NH2 1 
ATOM   70  N N   . PHE A 1 13  ? 7.784   -1.075  3.368   1.00 58.49  ? 13  PHE A N   1 
ATOM   71  C CA  . PHE A 1 13  ? 7.520   -2.449  2.964   1.00 62.32  ? 13  PHE A CA  1 
ATOM   72  C C   . PHE A 1 13  ? 8.724   -3.329  3.264   1.00 57.44  ? 13  PHE A C   1 
ATOM   73  O O   . PHE A 1 13  ? 9.866   -2.867  3.284   1.00 61.24  ? 13  PHE A O   1 
ATOM   74  C CB  . PHE A 1 13  ? 7.153   -2.538  1.474   1.00 58.60  ? 13  PHE A CB  1 
ATOM   75  C CG  . PHE A 1 13  ? 8.282   -2.209  0.543   1.00 62.53  ? 13  PHE A CG  1 
ATOM   76  C CD1 . PHE A 1 13  ? 9.086   -3.214  0.025   1.00 59.16  ? 13  PHE A CD1 1 
ATOM   77  C CD2 . PHE A 1 13  ? 8.525   -0.906  0.170   1.00 58.56  ? 13  PHE A CD2 1 
ATOM   78  C CE1 . PHE A 1 13  ? 10.109  -2.907  -0.852  1.00 63.58  ? 13  PHE A CE1 1 
ATOM   79  C CE2 . PHE A 1 13  ? 9.542   -0.589  -0.695  1.00 59.09  ? 13  PHE A CE2 1 
ATOM   80  C CZ  . PHE A 1 13  ? 10.336  -1.586  -1.216  1.00 59.67  ? 13  PHE A CZ  1 
ATOM   81  N N   . SER A 1 14  ? 8.444   -4.609  3.490   1.00 58.16  ? 14  SER A N   1 
ATOM   82  C CA  . SER A 1 14  ? 9.440   -5.668  3.636   1.00 58.56  ? 14  SER A CA  1 
ATOM   83  C C   . SER A 1 14  ? 8.964   -6.848  2.802   1.00 60.25  ? 14  SER A C   1 
ATOM   84  O O   . SER A 1 14  ? 7.790   -7.210  2.858   1.00 62.01  ? 14  SER A O   1 
ATOM   85  C CB  . SER A 1 14  ? 9.587   -6.059  5.109   1.00 58.53  ? 14  SER A CB  1 
ATOM   86  O OG  . SER A 1 14  ? 10.702  -6.863  5.345   1.00 68.20  ? 14  SER A OG  1 
ATOM   87  N N   . LEU A 1 15  ? 9.843   -7.435  2.014   1.00 61.17  ? 15  LEU A N   1 
ATOM   88  C CA  . LEU A 1 15  ? 9.416   -8.447  1.063   1.00 63.46  ? 15  LEU A CA  1 
ATOM   89  C C   . LEU A 1 15  ? 10.438  -9.571  1.023   1.00 65.54  ? 15  LEU A C   1 
ATOM   90  O O   . LEU A 1 15  ? 11.645  -9.306  1.075   1.00 68.58  ? 15  LEU A O   1 
ATOM   91  C CB  . LEU A 1 15  ? 9.277   -7.849  -0.340  1.00 67.90  ? 15  LEU A CB  1 
ATOM   92  C CG  . LEU A 1 15  ? 8.732   -8.815  -1.379  1.00 78.25  ? 15  LEU A CG  1 
ATOM   93  C CD1 . LEU A 1 15  ? 7.289   -8.442  -1.695  1.00 83.12  ? 15  LEU A CD1 1 
ATOM   94  C CD2 . LEU A 1 15  ? 9.628   -8.911  -2.608  1.00 84.58  ? 15  LEU A CD2 1 
ATOM   95  N N   . GLU A 1 16  ? 9.960   -10.805 0.910   1.00 67.61  ? 16  GLU A N   1 
ATOM   96  C CA  . GLU A 1 16  ? 10.864  -11.957 0.846   1.00 75.01  ? 16  GLU A CA  1 
ATOM   97  C C   . GLU A 1 16  ? 10.119  -13.132 0.244   1.00 73.56  ? 16  GLU A C   1 
ATOM   98  O O   . GLU A 1 16  ? 8.883   -13.172 0.249   1.00 74.11  ? 16  GLU A O   1 
ATOM   99  C CB  . GLU A 1 16  ? 11.387  -12.320 2.233   1.00 71.05  ? 16  GLU A CB  1 
ATOM   100 C CG  . GLU A 1 16  ? 10.386  -13.068 3.035   1.00 70.53  ? 16  GLU A CG  1 
ATOM   101 C CD  . GLU A 1 16  ? 10.606  -12.878 4.499   1.00 82.29  ? 16  GLU A CD  1 
ATOM   102 O OE1 . GLU A 1 16  ? 9.945   -12.003 5.098   1.00 100.95 ? 16  GLU A OE1 1 
ATOM   103 O OE2 . GLU A 1 16  ? 11.470  -13.589 5.046   1.00 86.14  ? 16  GLU A OE2 1 
ATOM   104 N N   . PRO A 1 17  ? 10.837  -14.127 -0.275  1.00 76.68  ? 17  PRO A N   1 
ATOM   105 C CA  . PRO A 1 17  ? 10.161  -15.289 -0.858  1.00 83.80  ? 17  PRO A CA  1 
ATOM   106 C C   . PRO A 1 17  ? 9.407   -16.106 0.183   1.00 83.08  ? 17  PRO A C   1 
ATOM   107 O O   . PRO A 1 17  ? 9.776   -16.160 1.359   1.00 82.70  ? 17  PRO A O   1 
ATOM   108 C CB  . PRO A 1 17  ? 11.294  -16.106 -1.492  1.00 84.30  ? 17  PRO A CB  1 
ATOM   109 C CG  . PRO A 1 17  ? 12.511  -15.260 -1.441  1.00 81.64  ? 17  PRO A CG  1 
ATOM   110 C CD  . PRO A 1 17  ? 12.288  -14.104 -0.536  1.00 76.94  ? 17  PRO A CD  1 
ATOM   111 N N   . ALA A 1 18  ? 8.318   -16.730 -0.278  1.00 85.49  ? 18  ALA A N   1 
ATOM   112 C CA  . ALA A 1 18  ? 7.452   -17.601 0.497   1.00 88.80  ? 18  ALA A CA  1 
ATOM   113 C C   . ALA A 1 18  ? 8.096   -18.976 0.665   1.00 93.81  ? 18  ALA A C   1 
ATOM   114 O O   . ALA A 1 18  ? 8.710   -19.490 -0.273  1.00 98.46  ? 18  ALA A O   1 
ATOM   115 C CB  . ALA A 1 18  ? 6.103   -17.751 -0.193  1.00 90.68  ? 18  ALA A CB  1 
ATOM   116 N N   . PRO A 1 19  ? 7.951   -19.609 1.840   1.00 106.63 ? 19  PRO A N   1 
ATOM   117 C CA  . PRO A 1 19  ? 8.525   -20.949 2.029   1.00 97.78  ? 19  PRO A CA  1 
ATOM   118 C C   . PRO A 1 19  ? 7.841   -21.975 1.150   1.00 103.77 ? 19  PRO A C   1 
ATOM   119 O O   . PRO A 1 19  ? 8.549   -22.840 0.648   1.00 113.59 ? 19  PRO A O   1 
ATOM   120 C CB  . PRO A 1 19  ? 8.279   -21.249 3.514   1.00 98.54  ? 19  PRO A CB  1 
ATOM   121 C CG  . PRO A 1 19  ? 7.535   -20.065 4.077   1.00 108.18 ? 19  PRO A CG  1 
ATOM   122 C CD  . PRO A 1 19  ? 7.064   -19.218 2.946   1.00 103.83 ? 19  PRO A CD  1 
ATOM   123 N N   . GLN A 1 30  ? -2.938  -16.131 2.323   1.00 125.82 ? 30  GLN A N   1 
ATOM   124 C CA  . GLN A 1 30  ? -3.586  -14.884 2.722   1.00 127.17 ? 30  GLN A CA  1 
ATOM   125 C C   . GLN A 1 30  ? -3.193  -13.759 1.776   1.00 120.51 ? 30  GLN A C   1 
ATOM   126 O O   . GLN A 1 30  ? -2.320  -12.945 2.092   1.00 107.58 ? 30  GLN A O   1 
ATOM   127 C CB  . GLN A 1 30  ? -3.225  -14.515 4.165   1.00 121.33 ? 30  GLN A CB  1 
ATOM   128 C CG  . GLN A 1 30  ? -3.582  -15.580 5.195   1.00 131.42 ? 30  GLN A CG  1 
ATOM   129 C CD  . GLN A 1 30  ? -2.563  -16.698 5.259   1.00 129.63 ? 30  GLN A CD  1 
ATOM   130 O OE1 . GLN A 1 30  ? -1.352  -16.451 5.261   1.00 131.21 ? 30  GLN A OE1 1 
ATOM   131 N NE2 . GLN A 1 30  ? -3.046  -17.938 5.305   1.00 121.87 ? 30  GLN A NE2 1 
ATOM   132 N N   . SER A 1 31  ? -3.841  -13.714 0.613   1.00 130.99 ? 31  SER A N   1 
ATOM   133 C CA  . SER A 1 31  ? -3.513  -12.716 -0.396  1.00 128.27 ? 31  SER A CA  1 
ATOM   134 C C   . SER A 1 31  ? -4.198  -11.400 -0.038  1.00 123.36 ? 31  SER A C   1 
ATOM   135 O O   . SER A 1 31  ? -4.680  -11.210 1.082   1.00 120.13 ? 31  SER A O   1 
ATOM   136 C CB  . SER A 1 31  ? -3.902  -13.204 -1.789  1.00 130.21 ? 31  SER A CB  1 
ATOM   137 O OG  . SER A 1 31  ? -3.537  -12.244 -2.771  1.00 121.71 ? 31  SER A OG  1 
ATOM   138 N N   . VAL A 1 32  ? -4.256  -10.476 -1.000  1.00 122.53 ? 32  VAL A N   1 
ATOM   139 C CA  . VAL A 1 32  ? -4.723  -9.126  -0.698  1.00 118.72 ? 32  VAL A CA  1 
ATOM   140 C C   . VAL A 1 32  ? -6.189  -9.136  -0.251  1.00 111.99 ? 32  VAL A C   1 
ATOM   141 O O   . VAL A 1 32  ? -6.530  -8.586  0.799   1.00 104.29 ? 32  VAL A O   1 
ATOM   142 C CB  . VAL A 1 32  ? -4.455  -8.184  -1.894  1.00 107.61 ? 32  VAL A CB  1 
ATOM   143 C CG1 . VAL A 1 32  ? -3.038  -8.401  -2.417  1.00 106.44 ? 32  VAL A CG1 1 
ATOM   144 C CG2 . VAL A 1 32  ? -5.437  -8.400  -3.036  1.00 114.36 ? 32  VAL A CG2 1 
ATOM   145 N N   . MET A 1 33  ? -7.065  -9.817  -0.993  1.00 120.63 ? 33  MET A N   1 
ATOM   146 C CA  . MET A 1 33  ? -8.499  -9.679  -0.742  1.00 116.87 ? 33  MET A CA  1 
ATOM   147 C C   . MET A 1 33  ? -8.874  -10.185 0.644   1.00 117.80 ? 33  MET A C   1 
ATOM   148 O O   . MET A 1 33  ? -9.384  -9.429  1.477   1.00 121.24 ? 33  MET A O   1 
ATOM   149 C CB  . MET A 1 33  ? -9.298  -10.410 -1.819  1.00 115.50 ? 33  MET A CB  1 
ATOM   150 C CG  . MET A 1 33  ? -9.086  -9.821  -3.196  1.00 120.37 ? 33  MET A CG  1 
ATOM   151 S SD  . MET A 1 33  ? -9.528  -8.073  -3.385  1.00 134.73 ? 33  MET A SD  1 
ATOM   152 C CE  . MET A 1 33  ? -10.856 -7.808  -2.192  1.00 110.88 ? 33  MET A CE  1 
ATOM   153 N N   . GLN A 1 34  ? -8.634  -11.468 0.893   1.00 121.55 ? 34  GLN A N   1 
ATOM   154 C CA  . GLN A 1 34  ? -8.834  -12.090 2.197   1.00 128.54 ? 34  GLN A CA  1 
ATOM   155 C C   . GLN A 1 34  ? -8.237  -11.206 3.285   1.00 121.73 ? 34  GLN A C   1 
ATOM   156 O O   . GLN A 1 34  ? -8.845  -11.014 4.345   1.00 126.47 ? 34  GLN A O   1 
ATOM   157 C CB  . GLN A 1 34  ? -8.207  -13.494 2.226   1.00 128.95 ? 34  GLN A CB  1 
ATOM   158 C CG  . GLN A 1 34  ? -8.237  -14.261 0.887   1.00 120.04 ? 34  GLN A CG  1 
ATOM   159 C CD  . GLN A 1 34  ? -7.226  -13.756 -0.154  1.00 132.84 ? 34  GLN A CD  1 
ATOM   160 O OE1 . GLN A 1 34  ? -6.743  -12.620 -0.090  1.00 119.29 ? 34  GLN A OE1 1 
ATOM   161 N NE2 . GLN A 1 34  ? -6.914  -14.609 -1.124  1.00 135.35 ? 34  GLN A NE2 1 
ATOM   162 N N   . ALA A 1 35  ? -7.049  -10.654 3.030   1.00 113.75 ? 35  ALA A N   1 
ATOM   163 C CA  . ALA A 1 35  ? -6.534  -9.619  3.913   1.00 118.01 ? 35  ALA A CA  1 
ATOM   164 C C   . ALA A 1 35  ? -7.454  -8.403  3.919   1.00 118.71 ? 35  ALA A C   1 
ATOM   165 O O   . ALA A 1 35  ? -7.942  -8.000  4.979   1.00 121.03 ? 35  ALA A O   1 
ATOM   166 C CB  . ALA A 1 35  ? -5.110  -9.231  3.511   1.00 107.79 ? 35  ALA A CB  1 
ATOM   167 N N   . LEU A 1 36  ? -7.767  -7.846  2.736   1.00 115.10 ? 36  LEU A N   1 
ATOM   168 C CA  . LEU A 1 36  ? -8.513  -6.586  2.709   1.00 111.99 ? 36  LEU A CA  1 
ATOM   169 C C   . LEU A 1 36  ? -9.933  -6.741  3.241   1.00 119.33 ? 36  LEU A C   1 
ATOM   170 O O   . LEU A 1 36  ? -10.466 -5.803  3.841   1.00 116.84 ? 36  LEU A O   1 
ATOM   171 C CB  . LEU A 1 36  ? -8.543  -5.943  1.319   1.00 102.89 ? 36  LEU A CB  1 
ATOM   172 C CG  . LEU A 1 36  ? -7.372  -5.092  0.774   1.00 107.76 ? 36  LEU A CG  1 
ATOM   173 C CD1 . LEU A 1 36  ? -6.871  -4.107  1.852   1.00 106.28 ? 36  LEU A CD1 1 
ATOM   174 C CD2 . LEU A 1 36  ? -6.212  -5.799  0.129   1.00 106.21 ? 36  LEU A CD2 1 
ATOM   175 N N   . GLU A 1 37  ? -10.575 -7.901  3.030   1.00 126.82 ? 37  GLU A N   1 
ATOM   176 C CA  . GLU A 1 37  ? -11.916 -8.107  3.586   1.00 119.55 ? 37  GLU A CA  1 
ATOM   177 C C   . GLU A 1 37  ? -11.894 -8.264  5.103   1.00 120.09 ? 37  GLU A C   1 
ATOM   178 O O   . GLU A 1 37  ? -12.887 -7.954  5.772   1.00 120.33 ? 37  GLU A O   1 
ATOM   179 C CB  . GLU A 1 37  ? -12.591 -9.328  2.959   1.00 124.36 ? 37  GLU A CB  1 
ATOM   180 C CG  . GLU A 1 37  ? -13.607 -9.023  1.869   1.00 127.07 ? 37  GLU A CG  1 
ATOM   181 C CD  . GLU A 1 37  ? -13.006 -9.006  0.476   1.00 137.83 ? 37  GLU A CD  1 
ATOM   182 O OE1 . GLU A 1 37  ? -12.043 -9.761  0.239   1.00 140.11 ? 37  GLU A OE1 1 
ATOM   183 O OE2 . GLU A 1 37  ? -13.511 -8.248  -0.379  1.00 151.28 ? 37  GLU A OE2 1 
ATOM   184 N N   . SER A 1 38  ? -10.780 -8.748  5.662   1.00 126.48 ? 38  SER A N   1 
ATOM   185 C CA  . SER A 1 38  ? -10.683 -8.925  7.108   1.00 131.57 ? 38  SER A CA  1 
ATOM   186 C C   . SER A 1 38  ? -10.732 -7.604  7.858   1.00 126.77 ? 38  SER A C   1 
ATOM   187 O O   . SER A 1 38  ? -11.157 -7.584  9.020   1.00 128.37 ? 38  SER A O   1 
ATOM   188 C CB  . SER A 1 38  ? -9.390  -9.665  7.465   1.00 125.50 ? 38  SER A CB  1 
ATOM   189 O OG  . SER A 1 38  ? -9.500  -10.321 8.719   1.00 127.08 ? 38  SER A OG  1 
ATOM   190 N N   . LEU A 1 39  ? -10.313 -6.503  7.227   1.00 124.37 ? 39  LEU A N   1 
ATOM   191 C CA  . LEU A 1 39  ? -10.312 -5.213  7.912   1.00 128.23 ? 39  LEU A CA  1 
ATOM   192 C C   . LEU A 1 39  ? -11.704 -4.853  8.425   1.00 117.19 ? 39  LEU A C   1 
ATOM   193 O O   . LEU A 1 39  ? -12.692 -4.943  7.693   1.00 115.96 ? 39  LEU A O   1 
ATOM   194 C CB  . LEU A 1 39  ? -9.794  -4.082  7.010   1.00 117.14 ? 39  LEU A CB  1 
ATOM   195 C CG  . LEU A 1 39  ? -8.346  -3.978  6.533   1.00 110.43 ? 39  LEU A CG  1 
ATOM   196 C CD1 . LEU A 1 39  ? -7.401  -3.917  7.707   1.00 117.44 ? 39  LEU A CD1 1 
ATOM   197 C CD2 . LEU A 1 39  ? -7.933  -5.076  5.630   1.00 118.91 ? 39  LEU A CD2 1 
ATOM   198 N N   . THR A 1 40  ? -11.772 -4.431  9.686   1.00 119.94 ? 40  THR A N   1 
ATOM   199 C CA  . THR A 1 40  ? -13.028 -3.990  10.276  1.00 126.50 ? 40  THR A CA  1 
ATOM   200 C C   . THR A 1 40  ? -13.266 -2.522  9.947   1.00 125.21 ? 40  THR A C   1 
ATOM   201 O O   . THR A 1 40  ? -12.347 -1.781  9.609   1.00 127.49 ? 40  THR A O   1 
ATOM   202 C CB  . THR A 1 40  ? -13.039 -4.193  11.794  1.00 129.99 ? 40  THR A CB  1 
ATOM   203 O OG1 . THR A 1 40  ? -12.427 -3.070  12.444  1.00 129.90 ? 40  THR A OG1 1 
ATOM   204 C CG2 . THR A 1 40  ? -12.277 -5.457  12.157  1.00 132.54 ? 40  THR A CG2 1 
ATOM   205 N N   . GLU A 1 41  ? -14.524 -2.105  10.067  1.00 123.33 ? 41  GLU A N   1 
ATOM   206 C CA  . GLU A 1 41  ? -14.926 -0.784  9.594   1.00 134.00 ? 41  GLU A CA  1 
ATOM   207 C C   . GLU A 1 41  ? -14.137 0.327   10.281  1.00 135.83 ? 41  GLU A C   1 
ATOM   208 O O   . GLU A 1 41  ? -13.616 1.231   9.617   1.00 138.75 ? 41  GLU A O   1 
ATOM   209 C CB  . GLU A 1 41  ? -16.430 -0.589  9.800   1.00 126.39 ? 41  GLU A CB  1 
ATOM   210 C CG  . GLU A 1 41  ? -17.327 -1.686  9.196   1.00 143.51 ? 41  GLU A CG  1 
ATOM   211 C CD  . GLU A 1 41  ? -17.337 -3.013  9.967   1.00 143.83 ? 41  GLU A CD  1 
ATOM   212 O OE1 . GLU A 1 41  ? -16.262 -3.589  10.233  1.00 140.64 ? 41  GLU A OE1 1 
ATOM   213 O OE2 . GLU A 1 41  ? -18.452 -3.483  10.296  1.00 147.38 ? 41  GLU A OE2 1 
ATOM   214 N N   . THR A 1 42  ? -14.033 0.280   11.612  1.00 141.89 ? 42  THR A N   1 
ATOM   215 C CA  . THR A 1 42  ? -13.259 1.304   12.308  1.00 138.58 ? 42  THR A CA  1 
ATOM   216 C C   . THR A 1 42  ? -11.759 1.143   12.080  1.00 123.60 ? 42  THR A C   1 
ATOM   217 O O   . THR A 1 42  ? -11.016 2.127   12.176  1.00 126.77 ? 42  THR A O   1 
ATOM   218 C CB  . THR A 1 42  ? -13.597 1.307   13.804  1.00 148.35 ? 42  THR A CB  1 
ATOM   219 O OG1 . THR A 1 42  ? -12.562 1.984   14.533  1.00 160.37 ? 42  THR A OG1 1 
ATOM   220 C CG2 . THR A 1 42  ? -13.790 -0.097  14.334  1.00 146.03 ? 42  THR A CG2 1 
ATOM   221 N N   . GLN A 1 43  ? -11.292 -0.075  11.781  1.00 130.87 ? 43  GLN A N   1 
ATOM   222 C CA  . GLN A 1 43  ? -9.946  -0.235  11.230  1.00 119.81 ? 43  GLN A CA  1 
ATOM   223 C C   . GLN A 1 43  ? -9.789  0.592   9.970   1.00 114.91 ? 43  GLN A C   1 
ATOM   224 O O   . GLN A 1 43  ? -8.878  1.417   9.852   1.00 112.28 ? 43  GLN A O   1 
ATOM   225 C CB  . GLN A 1 43  ? -9.676  -1.700  10.894  1.00 119.63 ? 43  GLN A CB  1 
ATOM   226 C CG  . GLN A 1 43  ? -8.833  -2.467  11.857  1.00 121.97 ? 43  GLN A CG  1 
ATOM   227 C CD  . GLN A 1 43  ? -8.357  -3.790  11.272  1.00 123.15 ? 43  GLN A CD  1 
ATOM   228 O OE1 . GLN A 1 43  ? -8.921  -4.269  10.303  1.00 129.15 ? 43  GLN A OE1 1 
ATOM   229 N NE2 . GLN A 1 43  ? -7.330  -4.384  11.861  1.00 112.76 ? 43  GLN A NE2 1 
ATOM   230 N N   . VAL A 1 44  ? -10.697 0.387   9.019   1.00 118.23 ? 44  VAL A N   1 
ATOM   231 C CA  . VAL A 1 44  ? -10.689 1.140   7.776   1.00 113.00 ? 44  VAL A CA  1 
ATOM   232 C C   . VAL A 1 44  ? -10.846 2.627   8.057   1.00 111.89 ? 44  VAL A C   1 
ATOM   233 O O   . VAL A 1 44  ? -10.078 3.450   7.549   1.00 116.83 ? 44  VAL A O   1 
ATOM   234 C CB  . VAL A 1 44  ? -11.797 0.594   6.858   1.00 116.21 ? 44  VAL A CB  1 
ATOM   235 C CG1 . VAL A 1 44  ? -11.644 1.073   5.460   1.00 108.37 ? 44  VAL A CG1 1 
ATOM   236 C CG2 . VAL A 1 44  ? -11.701 -0.917  6.824   1.00 120.21 ? 44  VAL A CG2 1 
ATOM   237 N N   . SER A 1 45  ? -11.792 2.987   8.924   1.00 118.61 ? 45  SER A N   1 
ATOM   238 C CA  . SER A 1 45  ? -12.091 4.398   9.169   1.00 120.88 ? 45  SER A CA  1 
ATOM   239 C C   . SER A 1 45  ? -10.888 5.139   9.733   1.00 115.63 ? 45  SER A C   1 
ATOM   240 O O   . SER A 1 45  ? -10.612 6.274   9.333   1.00 111.70 ? 45  SER A O   1 
ATOM   241 C CB  . SER A 1 45  ? -13.287 4.536   10.112  1.00 130.48 ? 45  SER A CB  1 
ATOM   242 O OG  . SER A 1 45  ? -14.266 3.549   9.847   1.00 141.20 ? 45  SER A OG  1 
ATOM   243 N N   . ASP A 1 46  ? -10.156 4.514   10.661  1.00 116.64 ? 46  ASP A N   1 
ATOM   244 C CA  . ASP A 1 46  ? -8.944  5.139   11.184  1.00 117.66 ? 46  ASP A CA  1 
ATOM   245 C C   . ASP A 1 46  ? -7.949  5.445   10.070  1.00 109.14 ? 46  ASP A C   1 
ATOM   246 O O   . ASP A 1 46  ? -7.336  6.520   10.044  1.00 96.88  ? 46  ASP A O   1 
ATOM   247 C CB  . ASP A 1 46  ? -8.292  4.229   12.220  1.00 118.66 ? 46  ASP A CB  1 
ATOM   248 C CG  . ASP A 1 46  ? -8.938  4.337   13.586  1.00 122.03 ? 46  ASP A CG  1 
ATOM   249 O OD1 . ASP A 1 46  ? -9.979  5.018   13.706  1.00 116.56 ? 46  ASP A OD1 1 
ATOM   250 O OD2 . ASP A 1 46  ? -8.369  3.761   14.542  1.00 129.63 ? 46  ASP A OD2 1 
ATOM   251 N N   . PHE A 1 47  ? -7.773  4.501   9.148   1.00 103.42 ? 47  PHE A N   1 
ATOM   252 C CA  . PHE A 1 47  ? -6.751  4.641   8.122   1.00 97.87  ? 47  PHE A CA  1 
ATOM   253 C C   . PHE A 1 47  ? -7.117  5.737   7.123   1.00 98.45  ? 47  PHE A C   1 
ATOM   254 O O   . PHE A 1 47  ? -6.361  6.694   6.938   1.00 99.76  ? 47  PHE A O   1 
ATOM   255 C CB  . PHE A 1 47  ? -6.535  3.297   7.425   1.00 93.18  ? 47  PHE A CB  1 
ATOM   256 C CG  . PHE A 1 47  ? -5.591  3.364   6.267   1.00 87.42  ? 47  PHE A CG  1 
ATOM   257 C CD1 . PHE A 1 47  ? -4.297  3.819   6.441   1.00 81.50  ? 47  PHE A CD1 1 
ATOM   258 C CD2 . PHE A 1 47  ? -6.003  2.990   5.001   1.00 88.83  ? 47  PHE A CD2 1 
ATOM   259 C CE1 . PHE A 1 47  ? -3.432  3.894   5.381   1.00 79.58  ? 47  PHE A CE1 1 
ATOM   260 C CE2 . PHE A 1 47  ? -5.143  3.072   3.933   1.00 85.46  ? 47  PHE A CE2 1 
ATOM   261 C CZ  . PHE A 1 47  ? -3.854  3.520   4.124   1.00 84.65  ? 47  PHE A CZ  1 
ATOM   262 N N   . LEU A 1 48  ? -8.286  5.632   6.482   1.00 101.13 ? 48  LEU A N   1 
ATOM   263 C CA  . LEU A 1 48  ? -8.665  6.627   5.478   1.00 97.09  ? 48  LEU A CA  1 
ATOM   264 C C   . LEU A 1 48  ? -8.868  8.015   6.061   1.00 95.42  ? 48  LEU A C   1 
ATOM   265 O O   . LEU A 1 48  ? -8.948  8.989   5.300   1.00 99.01  ? 48  LEU A O   1 
ATOM   266 C CB  . LEU A 1 48  ? -9.928  6.214   4.728   1.00 105.88 ? 48  LEU A CB  1 
ATOM   267 C CG  . LEU A 1 48  ? -9.848  5.005   3.805   1.00 113.65 ? 48  LEU A CG  1 
ATOM   268 C CD1 . LEU A 1 48  ? -10.087 3.782   4.589   1.00 114.42 ? 48  LEU A CD1 1 
ATOM   269 C CD2 . LEU A 1 48  ? -10.949 5.141   2.771   1.00 115.07 ? 48  LEU A CD2 1 
ATOM   270 N N   . SER A 1 49  ? -8.960  8.139   7.379   1.00 98.36  ? 49  SER A N   1 
ATOM   271 C CA  . SER A 1 49  ? -9.008  9.468   7.968   1.00 105.60 ? 49  SER A CA  1 
ATOM   272 C C   . SER A 1 49  ? -7.621  10.026  8.209   1.00 103.91 ? 49  SER A C   1 
ATOM   273 O O   . SER A 1 49  ? -7.430  11.241  8.114   1.00 107.90 ? 49  SER A O   1 
ATOM   274 C CB  . SER A 1 49  ? -9.776  9.457   9.293   1.00 105.22 ? 49  SER A CB  1 
ATOM   275 O OG  . SER A 1 49  ? -9.401  8.356   10.103  1.00 108.41 ? 49  SER A OG  1 
ATOM   276 N N   . GLY A 1 50  ? -6.654  9.164   8.506   1.00 94.13  ? 50  GLY A N   1 
ATOM   277 C CA  . GLY A 1 50  ? -5.348  9.593   8.945   1.00 92.26  ? 50  GLY A CA  1 
ATOM   278 C C   . GLY A 1 50  ? -5.083  9.367   10.411  1.00 99.38  ? 50  GLY A C   1 
ATOM   279 O O   . GLY A 1 50  ? -4.010  9.746   10.894  1.00 109.51 ? 50  GLY A O   1 
ATOM   280 N N   . ARG A 1 51  ? -6.016  8.746   11.132  1.00 101.05 ? 51  ARG A N   1 
ATOM   281 C CA  . ARG A 1 51  ? -5.895  8.618   12.576  1.00 98.13  ? 51  ARG A CA  1 
ATOM   282 C C   . ARG A 1 51  ? -5.102  7.396   13.009  1.00 98.26  ? 51  ARG A C   1 
ATOM   283 O O   . ARG A 1 51  ? -4.705  7.327   14.176  1.00 106.63 ? 51  ARG A O   1 
ATOM   284 C CB  . ARG A 1 51  ? -7.288  8.603   13.201  1.00 105.74 ? 51  ARG A CB  1 
ATOM   285 C CG  . ARG A 1 51  ? -8.106  9.823   12.798  1.00 111.37 ? 51  ARG A CG  1 
ATOM   286 C CD  . ARG A 1 51  ? -9.437  9.855   13.512  1.00 115.64 ? 51  ARG A CD  1 
ATOM   287 N NE  . ARG A 1 51  ? -10.424 8.982   12.886  1.00 124.99 ? 51  ARG A NE  1 
ATOM   288 C CZ  . ARG A 1 51  ? -10.699 7.751   13.310  1.00 132.00 ? 51  ARG A CZ  1 
ATOM   289 N NH1 . ARG A 1 51  ? -10.006 7.189   14.291  1.00 129.26 ? 51  ARG A NH1 1 
ATOM   290 N NH2 . ARG A 1 51  ? -11.686 7.070   12.726  1.00 137.07 ? 51  ARG A NH2 1 
ATOM   291 N N   . SER A 1 52  ? -4.863  6.436   12.111  1.00 94.67  ? 52  SER A N   1 
ATOM   292 C CA  . SER A 1 52  ? -4.066  5.265   12.439  1.00 94.62  ? 52  SER A CA  1 
ATOM   293 C C   . SER A 1 52  ? -3.352  4.750   11.199  1.00 98.40  ? 52  SER A C   1 
ATOM   294 O O   . SER A 1 52  ? -3.944  4.736   10.109  1.00 95.72  ? 52  SER A O   1 
ATOM   295 C CB  . SER A 1 52  ? -4.924  4.139   13.032  1.00 89.20  ? 52  SER A CB  1 
ATOM   296 O OG  . SER A 1 52  ? -5.083  4.285   14.428  1.00 101.63 ? 52  SER A OG  1 
ATOM   297 N N   . PRO A 1 53  ? -2.105  4.299   11.327  1.00 89.07  ? 53  PRO A N   1 
ATOM   298 C CA  . PRO A 1 53  ? -1.502  3.530   10.238  1.00 89.78  ? 53  PRO A CA  1 
ATOM   299 C C   . PRO A 1 53  ? -2.277  2.240   10.022  1.00 82.68  ? 53  PRO A C   1 
ATOM   300 O O   . PRO A 1 53  ? -3.048  1.798   10.871  1.00 84.74  ? 53  PRO A O   1 
ATOM   301 C CB  . PRO A 1 53  ? -0.076  3.248   10.736  1.00 79.73  ? 53  PRO A CB  1 
ATOM   302 C CG  . PRO A 1 53  ? -0.182  3.344   12.237  1.00 88.91  ? 53  PRO A CG  1 
ATOM   303 C CD  . PRO A 1 53  ? -1.209  4.422   12.490  1.00 88.12  ? 53  PRO A CD  1 
ATOM   304 N N   . LEU A 1 54  ? -2.078  1.645   8.855   1.00 81.17  ? 54  LEU A N   1 
ATOM   305 C CA  . LEU A 1 54  ? -2.628  0.339   8.534   1.00 74.89  ? 54  LEU A CA  1 
ATOM   306 C C   . LEU A 1 54  ? -1.477  -0.558  8.118   1.00 77.40  ? 54  LEU A C   1 
ATOM   307 O O   . LEU A 1 54  ? -0.669  -0.174  7.266   1.00 78.11  ? 54  LEU A O   1 
ATOM   308 C CB  . LEU A 1 54  ? -3.655  0.442   7.418   1.00 80.45  ? 54  LEU A CB  1 
ATOM   309 C CG  . LEU A 1 54  ? -4.177  -0.877  6.889   1.00 84.08  ? 54  LEU A CG  1 
ATOM   310 C CD1 . LEU A 1 54  ? -5.049  -1.482  7.955   1.00 83.50  ? 54  LEU A CD1 1 
ATOM   311 C CD2 . LEU A 1 54  ? -4.966  -0.634  5.622   1.00 88.37  ? 54  LEU A CD2 1 
ATOM   312 N N   . THR A 1 55  ? -1.387  -1.739  8.722   1.00 78.62  ? 55  THR A N   1 
ATOM   313 C CA  . THR A 1 55  ? -0.265  -2.635  8.471   1.00 68.72  ? 55  THR A CA  1 
ATOM   314 C C   . THR A 1 55  ? -0.779  -4.017  8.107   1.00 76.07  ? 55  THR A C   1 
ATOM   315 O O   . THR A 1 55  ? -1.666  -4.554  8.776   1.00 74.53  ? 55  THR A O   1 
ATOM   316 C CB  . THR A 1 55  ? 0.685   -2.688  9.676   1.00 74.68  ? 55  THR A CB  1 
ATOM   317 O OG1 . THR A 1 55  ? 1.531   -3.850  9.586   1.00 86.65  ? 55  THR A OG1 1 
ATOM   318 C CG2 . THR A 1 55  ? -0.066  -2.684  10.949  1.00 70.90  ? 55  THR A CG2 1 
ATOM   319 N N   . LEU A 1 56  ? -0.229  -4.581  7.035   1.00 70.92  ? 56  LEU A N   1 
ATOM   320 C CA  . LEU A 1 56  ? -0.779  -5.765  6.398   1.00 70.44  ? 56  LEU A CA  1 
ATOM   321 C C   . LEU A 1 56  ? 0.300   -6.820  6.246   1.00 69.44  ? 56  LEU A C   1 
ATOM   322 O O   . LEU A 1 56  ? 1.486   -6.509  6.103   1.00 72.06  ? 56  LEU A O   1 
ATOM   323 C CB  . LEU A 1 56  ? -1.339  -5.441  5.011   1.00 70.96  ? 56  LEU A CB  1 
ATOM   324 C CG  . LEU A 1 56  ? -2.354  -4.306  4.883   1.00 80.31  ? 56  LEU A CG  1 
ATOM   325 C CD1 . LEU A 1 56  ? -2.828  -4.183  3.431   1.00 88.85  ? 56  LEU A CD1 1 
ATOM   326 C CD2 . LEU A 1 56  ? -3.536  -4.541  5.814   1.00 75.30  ? 56  LEU A CD2 1 
ATOM   327 N N   . ALA A 1 57  ? -0.129  -8.077  6.256   1.00 71.90  ? 57  ALA A N   1 
ATOM   328 C CA  . ALA A 1 57  ? 0.728   -9.210  5.946   1.00 71.99  ? 57  ALA A CA  1 
ATOM   329 C C   . ALA A 1 57  ? 0.022   -9.997  4.855   1.00 79.10  ? 57  ALA A C   1 
ATOM   330 O O   . ALA A 1 57  ? -1.060  -10.549 5.085   1.00 86.89  ? 57  ALA A O   1 
ATOM   331 C CB  . ALA A 1 57  ? 0.981   -10.073 7.182   1.00 73.23  ? 57  ALA A CB  1 
ATOM   332 N N   . LEU A 1 58  ? 0.601   -10.031 3.661   1.00 73.98  ? 58  LEU A N   1 
ATOM   333 C CA  . LEU A 1 58  ? -0.100  -10.655 2.550   1.00 95.64  ? 58  LEU A CA  1 
ATOM   334 C C   . LEU A 1 58  ? 0.865   -11.424 1.657   1.00 88.54  ? 58  LEU A C   1 
ATOM   335 O O   . LEU A 1 58  ? 2.042   -11.082 1.540   1.00 85.47  ? 58  LEU A O   1 
ATOM   336 C CB  . LEU A 1 58  ? -0.879  -9.600  1.751   1.00 95.37  ? 58  LEU A CB  1 
ATOM   337 C CG  . LEU A 1 58  ? -0.123  -8.310  1.429   1.00 74.37  ? 58  LEU A CG  1 
ATOM   338 C CD1 . LEU A 1 58  ? 0.580   -8.461  0.124   1.00 92.61  ? 58  LEU A CD1 1 
ATOM   339 C CD2 . LEU A 1 58  ? -1.055  -7.130  1.390   1.00 86.95  ? 58  LEU A CD2 1 
ATOM   340 N N   . ARG A 1 59  ? 0.348   -12.487 1.043   1.00 102.52 ? 59  ARG A N   1 
ATOM   341 C CA  . ARG A 1 59  ? 1.057   -13.206 -0.004  1.00 96.42  ? 59  ARG A CA  1 
ATOM   342 C C   . ARG A 1 59  ? 0.628   -12.603 -1.330  1.00 97.48  ? 59  ARG A C   1 
ATOM   343 O O   . ARG A 1 59  ? -0.567  -12.431 -1.583  1.00 114.75 ? 59  ARG A O   1 
ATOM   344 C CB  . ARG A 1 59  ? 0.752   -14.710 0.043   1.00 97.14  ? 59  ARG A CB  1 
ATOM   345 C CG  . ARG A 1 59  ? 1.325   -15.590 -1.100  1.00 101.09 ? 59  ARG A CG  1 
ATOM   346 C CD  . ARG A 1 59  ? 0.559   -15.436 -2.433  1.00 110.26 ? 59  ARG A CD  1 
ATOM   347 N NE  . ARG A 1 59  ? 0.506   -16.624 -3.280  1.00 113.51 ? 59  ARG A NE  1 
ATOM   348 C CZ  . ARG A 1 59  ? -0.318  -16.752 -4.315  1.00 118.07 ? 59  ARG A CZ  1 
ATOM   349 N NH1 . ARG A 1 59  ? -1.105  -15.758 -4.696  1.00 122.74 ? 59  ARG A NH1 1 
ATOM   350 N NH2 . ARG A 1 59  ? -0.359  -17.905 -4.979  1.00 113.50 ? 59  ARG A NH2 1 
ATOM   351 N N   . VAL A 1 60  ? 1.600   -12.277 -2.167  1.00 97.07  ? 60  VAL A N   1 
ATOM   352 C CA  . VAL A 1 60  ? 1.343   -11.882 -3.543  1.00 94.62  ? 60  VAL A CA  1 
ATOM   353 C C   . VAL A 1 60  ? 2.287   -12.679 -4.434  1.00 87.73  ? 60  VAL A C   1 
ATOM   354 O O   . VAL A 1 60  ? 3.510   -12.601 -4.279  1.00 84.27  ? 60  VAL A O   1 
ATOM   355 C CB  . VAL A 1 60  ? 1.503   -10.364 -3.756  1.00 91.74  ? 60  VAL A CB  1 
ATOM   356 C CG1 . VAL A 1 60  ? 2.810   -9.855  -3.172  1.00 87.97  ? 60  VAL A CG1 1 
ATOM   357 C CG2 . VAL A 1 60  ? 1.422   -10.034 -5.239  1.00 100.87 ? 60  VAL A CG2 1 
ATOM   358 N N   . GLY A 1 61  ? 1.721   -13.461 -5.341  1.00 94.27  ? 61  GLY A N   1 
ATOM   359 C CA  . GLY A 1 61  ? 2.529   -14.296 -6.215  1.00 103.22 ? 61  GLY A CA  1 
ATOM   360 C C   . GLY A 1 61  ? 3.377   -15.279 -5.429  1.00 99.58  ? 61  GLY A C   1 
ATOM   361 O O   . GLY A 1 61  ? 2.878   -16.077 -4.627  1.00 98.83  ? 61  GLY A O   1 
ATOM   362 N N   . ASP A 1 62  ? 4.683   -15.227 -5.665  1.00 100.49 ? 62  ASP A N   1 
ATOM   363 C CA  . ASP A 1 62  ? 5.647   -16.105 -5.021  1.00 101.95 ? 62  ASP A CA  1 
ATOM   364 C C   . ASP A 1 62  ? 6.287   -15.472 -3.793  1.00 96.42  ? 62  ASP A C   1 
ATOM   365 O O   . ASP A 1 62  ? 7.137   -16.099 -3.152  1.00 91.80  ? 62  ASP A O   1 
ATOM   366 C CB  . ASP A 1 62  ? 6.733   -16.483 -6.028  1.00 111.96 ? 62  ASP A CB  1 
ATOM   367 C CG  . ASP A 1 62  ? 6.288   -16.260 -7.462  1.00 119.28 ? 62  ASP A CG  1 
ATOM   368 O OD1 . ASP A 1 62  ? 5.779   -17.226 -8.088  1.00 116.43 ? 62  ASP A OD1 1 
ATOM   369 O OD2 . ASP A 1 62  ? 6.428   -15.109 -7.945  1.00 111.17 ? 62  ASP A OD2 1 
ATOM   370 N N   . HIS A 1 63  ? 5.914   -14.244 -3.465  1.00 87.04  ? 63  HIS A N   1 
ATOM   371 C CA  . HIS A 1 63  ? 6.581   -13.508 -2.413  1.00 86.14  ? 63  HIS A CA  1 
ATOM   372 C C   . HIS A 1 63  ? 5.627   -13.247 -1.269  1.00 78.68  ? 63  HIS A C   1 
ATOM   373 O O   . HIS A 1 63  ? 4.434   -13.536 -1.322  1.00 82.95  ? 63  HIS A O   1 
ATOM   374 C CB  . HIS A 1 63  ? 7.153   -12.188 -2.925  1.00 77.56  ? 63  HIS A CB  1 
ATOM   375 C CG  . HIS A 1 63  ? 8.272   -12.372 -3.890  1.00 85.81  ? 63  HIS A CG  1 
ATOM   376 N ND1 . HIS A 1 63  ? 8.064   -12.774 -5.191  1.00 97.72  ? 63  HIS A ND1 1 
ATOM   377 C CD2 . HIS A 1 63  ? 9.611   -12.241 -3.741  1.00 92.32  ? 63  HIS A CD2 1 
ATOM   378 C CE1 . HIS A 1 63  ? 9.229   -12.867 -5.808  1.00 105.76 ? 63  HIS A CE1 1 
ATOM   379 N NE2 . HIS A 1 63  ? 10.185  -12.545 -4.952  1.00 100.65 ? 63  HIS A NE2 1 
ATOM   380 N N   . MET A 1 64  ? 6.191   -12.689 -0.226  1.00 77.10  ? 64  MET A N   1 
ATOM   381 C CA  . MET A 1 64  ? 5.526   -12.559 1.049   1.00 75.53  ? 64  MET A CA  1 
ATOM   382 C C   . MET A 1 64  ? 5.847   -11.167 1.561   1.00 72.22  ? 64  MET A C   1 
ATOM   383 O O   . MET A 1 64  ? 7.013   -10.754 1.564   1.00 69.70  ? 64  MET A O   1 
ATOM   384 C CB  . MET A 1 64  ? 6.015   -13.709 1.920   1.00 75.82  ? 64  MET A CB  1 
ATOM   385 C CG  . MET A 1 64  ? 4.991   -14.509 2.702   1.00 84.66  ? 64  MET A CG  1 
ATOM   386 S SD  . MET A 1 64  ? 5.895   -15.870 3.353   1.00 116.36 ? 64  MET A SD  1 
ATOM   387 C CE  . MET A 1 64  ? 6.343   -15.352 4.988   1.00 90.69  ? 64  MET A CE  1 
ATOM   388 N N   . MET A 1 65  ? 4.821   -10.415 1.896   1.00 69.47  ? 65  MET A N   1 
ATOM   389 C CA  . MET A 1 65  ? 4.984   -8.980  2.007   1.00 68.03  ? 65  MET A CA  1 
ATOM   390 C C   . MET A 1 65  ? 4.369   -8.477  3.296   1.00 71.34  ? 65  MET A C   1 
ATOM   391 O O   . MET A 1 65  ? 3.252   -8.856  3.662   1.00 75.06  ? 65  MET A O   1 
ATOM   392 C CB  . MET A 1 65  ? 4.349   -8.265  0.822   1.00 80.84  ? 65  MET A CB  1 
ATOM   393 C CG  . MET A 1 65  ? 4.651   -6.775  0.776   1.00 84.83  ? 65  MET A CG  1 
ATOM   394 S SD  . MET A 1 65  ? 4.634   -6.043  -0.880  1.00 102.84 ? 65  MET A SD  1 
ATOM   395 C CE  . MET A 1 65  ? 2.877   -5.739  -1.078  1.00 84.91  ? 65  MET A CE  1 
ATOM   396 N N   . PHE A 1 66  ? 5.119   -7.621  3.970   1.00 63.46  ? 66  PHE A N   1 
ATOM   397 C CA  . PHE A 1 66  ? 4.629   -6.816  5.070   1.00 66.21  ? 66  PHE A CA  1 
ATOM   398 C C   . PHE A 1 66  ? 4.574   -5.382  4.569   1.00 63.64  ? 66  PHE A C   1 
ATOM   399 O O   . PHE A 1 66  ? 5.539   -4.897  3.978   1.00 62.72  ? 66  PHE A O   1 
ATOM   400 C CB  . PHE A 1 66  ? 5.565   -6.911  6.275   1.00 66.30  ? 66  PHE A CB  1 
ATOM   401 C CG  . PHE A 1 66  ? 5.322   -8.094  7.165   1.00 64.88  ? 66  PHE A CG  1 
ATOM   402 C CD1 . PHE A 1 66  ? 4.180   -8.179  7.935   1.00 74.33  ? 66  PHE A CD1 1 
ATOM   403 C CD2 . PHE A 1 66  ? 6.268   -9.090  7.284   1.00 64.27  ? 66  PHE A CD2 1 
ATOM   404 C CE1 . PHE A 1 66  ? 3.964   -9.276  8.790   1.00 67.87  ? 66  PHE A CE1 1 
ATOM   405 C CE2 . PHE A 1 66  ? 6.080   -10.166 8.146   1.00 66.37  ? 66  PHE A CE2 1 
ATOM   406 C CZ  . PHE A 1 66  ? 4.914   -10.266 8.883   1.00 68.15  ? 66  PHE A CZ  1 
ATOM   407 N N   . VAL A 1 67  ? 3.456   -4.705  4.775   1.00 64.08  ? 67  VAL A N   1 
ATOM   408 C CA  . VAL A 1 67  ? 3.370   -3.303  4.388   1.00 62.26  ? 67  VAL A CA  1 
ATOM   409 C C   . VAL A 1 67  ? 2.734   -2.545  5.535   1.00 65.04  ? 67  VAL A C   1 
ATOM   410 O O   . VAL A 1 67  ? 1.775   -3.022  6.148   1.00 70.52  ? 67  VAL A O   1 
ATOM   411 C CB  . VAL A 1 67  ? 2.559   -3.081  3.092   1.00 68.86  ? 67  VAL A CB  1 
ATOM   412 C CG1 . VAL A 1 67  ? 2.750   -1.659  2.609   1.00 69.03  ? 67  VAL A CG1 1 
ATOM   413 C CG2 . VAL A 1 67  ? 2.972   -4.033  2.020   1.00 65.48  ? 67  VAL A CG2 1 
ATOM   414 N N   . GLN A 1 68  ? 3.298   -1.390  5.857   1.00 61.42  ? 68  GLN A N   1 
ATOM   415 C CA  . GLN A 1 68  ? 2.662   -0.441  6.753   1.00 67.83  ? 68  GLN A CA  1 
ATOM   416 C C   . GLN A 1 68  ? 2.338   0.813   5.955   1.00 69.44  ? 68  GLN A C   1 
ATOM   417 O O   . GLN A 1 68  ? 3.168   1.269   5.163   1.00 64.02  ? 68  GLN A O   1 
ATOM   418 C CB  . GLN A 1 68  ? 3.555   -0.109  7.944   1.00 65.31  ? 68  GLN A CB  1 
ATOM   419 C CG  . GLN A 1 68  ? 3.069   1.093   8.706   1.00 70.44  ? 68  GLN A CG  1 
ATOM   420 C CD  . GLN A 1 68  ? 3.465   1.036   10.145  1.00 77.49  ? 68  GLN A CD  1 
ATOM   421 O OE1 . GLN A 1 68  ? 4.594   1.385   10.501  1.00 98.04  ? 68  GLN A OE1 1 
ATOM   422 N NE2 . GLN A 1 68  ? 2.552   0.579   10.993  1.00 78.16  ? 68  GLN A NE2 1 
ATOM   423 N N   . LEU A 1 69  ? 1.126   1.352   6.149   1.00 70.50  ? 69  LEU A N   1 
ATOM   424 C CA  . LEU A 1 69  ? 0.600   2.451   5.350   1.00 66.35  ? 69  LEU A CA  1 
ATOM   425 C C   . LEU A 1 69  ? 0.060   3.565   6.236   1.00 78.76  ? 69  LEU A C   1 
ATOM   426 O O   . LEU A 1 69  ? -0.645  3.307   7.218   1.00 80.13  ? 69  LEU A O   1 
ATOM   427 C CB  . LEU A 1 69  ? -0.530  1.987   4.445   1.00 67.62  ? 69  LEU A CB  1 
ATOM   428 C CG  . LEU A 1 69  ? -0.124  1.185   3.218   1.00 76.74  ? 69  LEU A CG  1 
ATOM   429 C CD1 . LEU A 1 69  ? -1.125  0.120   2.896   1.00 79.87  ? 69  LEU A CD1 1 
ATOM   430 C CD2 . LEU A 1 69  ? 0.036   2.130   2.060   1.00 77.81  ? 69  LEU A CD2 1 
ATOM   431 N N   . GLN A 1 70  ? 0.352   4.810   5.866   1.00 79.17  ? 70  GLN A N   1 
ATOM   432 C CA  . GLN A 1 70  ? -0.176  5.958   6.597   1.00 80.46  ? 70  GLN A CA  1 
ATOM   433 C C   . GLN A 1 70  ? -0.614  7.047   5.624   1.00 77.76  ? 70  GLN A C   1 
ATOM   434 O O   . GLN A 1 70  ? 0.185   7.527   4.814   1.00 75.95  ? 70  GLN A O   1 
ATOM   435 C CB  . GLN A 1 70  ? 0.864   6.492   7.585   1.00 75.49  ? 70  GLN A CB  1 
ATOM   436 C CG  . GLN A 1 70  ? 0.406   7.721   8.338   1.00 86.16  ? 70  GLN A CG  1 
ATOM   437 C CD  . GLN A 1 70  ? 0.413   7.498   9.833   1.00 101.31 ? 70  GLN A CD  1 
ATOM   438 O OE1 . GLN A 1 70  ? 1.443   7.130   10.414  1.00 109.64 ? 70  GLN A OE1 1 
ATOM   439 N NE2 . GLN A 1 70  ? -0.733  7.713   10.469  1.00 96.31  ? 70  GLN A NE2 1 
ATOM   440 N N   . LEU A 1 71  ? -1.876  7.444   5.706   1.00 83.85  ? 71  LEU A N   1 
ATOM   441 C CA  . LEU A 1 71  ? -2.339  8.577   4.925   1.00 90.36  ? 71  LEU A CA  1 
ATOM   442 C C   . LEU A 1 71  ? -1.860  9.888   5.543   1.00 90.48  ? 71  LEU A C   1 
ATOM   443 O O   . LEU A 1 71  ? -1.487  9.955   6.720   1.00 93.88  ? 71  LEU A O   1 
ATOM   444 C CB  . LEU A 1 71  ? -3.864  8.589   4.813   1.00 87.74  ? 71  LEU A CB  1 
ATOM   445 C CG  . LEU A 1 71  ? -4.533  7.599   3.859   1.00 85.98  ? 71  LEU A CG  1 
ATOM   446 C CD1 . LEU A 1 71  ? -5.813  8.223   3.348   1.00 86.28  ? 71  LEU A CD1 1 
ATOM   447 C CD2 . LEU A 1 71  ? -3.632  7.221   2.700   1.00 82.99  ? 71  LEU A CD2 1 
ATOM   448 N N   . ALA A 1 72  ? -1.875  10.936  4.722   1.00 93.60  ? 72  ALA A N   1 
ATOM   449 C CA  . ALA A 1 72  ? -1.434  12.273  5.129   1.00 97.64  ? 72  ALA A CA  1 
ATOM   450 C C   . ALA A 1 72  ? -2.187  12.768  6.356   1.00 93.64  ? 72  ALA A C   1 
ATOM   451 O O   . ALA A 1 72  ? -3.418  12.806  6.356   1.00 98.58  ? 72  ALA A O   1 
ATOM   452 C CB  . ALA A 1 72  ? -1.607  13.258  3.978   1.00 88.04  ? 72  ALA A CB  1 
ATOM   453 N N   . LYS A 1 84  ? 1.860   13.352  -10.401 1.00 107.50 ? 84  LYS A N   1 
ATOM   454 C CA  . LYS A 1 84  ? 1.291   12.131  -10.955 1.00 99.79  ? 84  LYS A CA  1 
ATOM   455 C C   . LYS A 1 84  ? 0.782   11.246  -9.830  1.00 98.00  ? 84  LYS A C   1 
ATOM   456 O O   . LYS A 1 84  ? 1.357   11.222  -8.751  1.00 90.26  ? 84  LYS A O   1 
ATOM   457 C CB  . LYS A 1 84  ? 2.313   11.346  -11.793 1.00 109.28 ? 84  LYS A CB  1 
ATOM   458 C CG  . LYS A 1 84  ? 3.354   12.164  -12.569 1.00 116.22 ? 84  LYS A CG  1 
ATOM   459 C CD  . LYS A 1 84  ? 4.571   12.545  -11.732 1.00 110.02 ? 84  LYS A CD  1 
ATOM   460 C CE  . LYS A 1 84  ? 5.573   13.330  -12.566 1.00 119.18 ? 84  LYS A CE  1 
ATOM   461 N NZ  . LYS A 1 84  ? 4.993   14.584  -13.136 1.00 116.38 ? 84  LYS A NZ  1 
ATOM   462 N N   . PRO A 1 85  ? -0.303  10.517  -10.081 1.00 96.80  ? 85  PRO A N   1 
ATOM   463 C CA  . PRO A 1 85  ? -0.722  9.498   -9.114  1.00 90.46  ? 85  PRO A CA  1 
ATOM   464 C C   . PRO A 1 85  ? 0.238   8.325   -9.153  1.00 92.49  ? 85  PRO A C   1 
ATOM   465 O O   . PRO A 1 85  ? 1.027   8.147   -10.086 1.00 87.26  ? 85  PRO A O   1 
ATOM   466 C CB  . PRO A 1 85  ? -2.123  9.093   -9.588  1.00 98.58  ? 85  PRO A CB  1 
ATOM   467 C CG  . PRO A 1 85  ? -2.373  9.808   -10.861 1.00 94.04  ? 85  PRO A CG  1 
ATOM   468 C CD  . PRO A 1 85  ? -1.147  10.545  -11.285 1.00 94.41  ? 85  PRO A CD  1 
ATOM   469 N N   . GLY A 1 86  ? 0.175   7.534   -8.110  1.00 87.38  ? 86  GLY A N   1 
ATOM   470 C CA  . GLY A 1 86  ? 1.063   6.409   -7.969  1.00 79.54  ? 86  GLY A CA  1 
ATOM   471 C C   . GLY A 1 86  ? 2.013   6.613   -6.808  1.00 81.42  ? 86  GLY A C   1 
ATOM   472 O O   . GLY A 1 86  ? 1.909   7.569   -6.036  1.00 74.71  ? 86  GLY A O   1 
ATOM   473 N N   . ALA A 1 87  ? 2.960   5.686   -6.702  1.00 73.31  ? 87  ALA A N   1 
ATOM   474 C CA  . ALA A 1 87  ? 3.904   5.646   -5.605  1.00 70.12  ? 87  ALA A CA  1 
ATOM   475 C C   . ALA A 1 87  ? 5.320   5.825   -6.132  1.00 70.14  ? 87  ALA A C   1 
ATOM   476 O O   . ALA A 1 87  ? 5.617   5.554   -7.300  1.00 80.37  ? 87  ALA A O   1 
ATOM   477 C CB  . ALA A 1 87  ? 3.793   4.327   -4.828  1.00 68.85  ? 87  ALA A CB  1 
ATOM   478 N N   . VAL A 1 88  ? 6.198   6.297   -5.261  1.00 71.16  ? 88  VAL A N   1 
ATOM   479 C CA  . VAL A 1 88  ? 7.614   6.411   -5.580  1.00 75.90  ? 88  VAL A CA  1 
ATOM   480 C C   . VAL A 1 88  ? 8.392   5.866   -4.394  1.00 67.28  ? 88  VAL A C   1 
ATOM   481 O O   . VAL A 1 88  ? 8.019   6.099   -3.241  1.00 66.49  ? 88  VAL A O   1 
ATOM   482 C CB  . VAL A 1 88  ? 8.015   7.867   -5.924  1.00 75.85  ? 88  VAL A CB  1 
ATOM   483 C CG1 . VAL A 1 88  ? 7.613   8.809   -4.813  1.00 79.20  ? 88  VAL A CG1 1 
ATOM   484 C CG2 . VAL A 1 88  ? 9.508   7.963   -6.167  1.00 77.78  ? 88  VAL A CG2 1 
ATOM   485 N N   . ILE A 1 89  ? 9.437   5.090   -4.678  1.00 72.71  ? 89  ILE A N   1 
ATOM   486 C CA  . ILE A 1 89  ? 10.256  4.480   -3.637  1.00 64.68  ? 89  ILE A CA  1 
ATOM   487 C C   . ILE A 1 89  ? 11.239  5.526   -3.132  1.00 68.35  ? 89  ILE A C   1 
ATOM   488 O O   . ILE A 1 89  ? 11.936  6.168   -3.925  1.00 67.57  ? 89  ILE A O   1 
ATOM   489 C CB  . ILE A 1 89  ? 10.999  3.246   -4.178  1.00 70.69  ? 89  ILE A CB  1 
ATOM   490 C CG1 . ILE A 1 89  ? 10.022  2.220   -4.749  1.00 69.28  ? 89  ILE A CG1 1 
ATOM   491 C CG2 . ILE A 1 89  ? 11.811  2.593   -3.086  1.00 63.02  ? 89  ILE A CG2 1 
ATOM   492 C CD1 . ILE A 1 89  ? 9.041   1.703   -3.746  1.00 75.19  ? 89  ILE A CD1 1 
ATOM   493 N N   . GLU A 1 90  ? 11.300  5.706   -1.813  1.00 68.07  ? 90  GLU A N   1 
ATOM   494 C CA  . GLU A 1 90  ? 12.208  6.691   -1.247  1.00 65.82  ? 90  GLU A CA  1 
ATOM   495 C C   . GLU A 1 90  ? 13.479  6.069   -0.701  1.00 65.28  ? 90  GLU A C   1 
ATOM   496 O O   . GLU A 1 90  ? 14.461  6.782   -0.468  1.00 67.02  ? 90  GLU A O   1 
ATOM   497 C CB  . GLU A 1 90  ? 11.509  7.481   -0.136  1.00 68.26  ? 90  GLU A CB  1 
ATOM   498 C CG  . GLU A 1 90  ? 10.097  7.859   -0.477  1.00 73.48  ? 90  GLU A CG  1 
ATOM   499 C CD  . GLU A 1 90  ? 9.992   9.232   -1.123  1.00 94.49  ? 90  GLU A CD  1 
ATOM   500 O OE1 . GLU A 1 90  ? 9.572   9.311   -2.300  1.00 103.55 ? 90  GLU A OE1 1 
ATOM   501 O OE2 . GLU A 1 90  ? 10.304  10.243  -0.452  1.00 111.57 ? 90  GLU A OE2 1 
ATOM   502 N N   . SER A 1 91  ? 13.479  4.763   -0.490  1.00 63.40  ? 91  SER A N   1 
ATOM   503 C CA  . SER A 1 91  ? 14.669  4.075   -0.029  1.00 63.20  ? 91  SER A CA  1 
ATOM   504 C C   . SER A 1 91  ? 14.412  2.589   -0.210  1.00 61.71  ? 91  SER A C   1 
ATOM   505 O O   . SER A 1 91  ? 13.274  2.136   -0.057  1.00 60.48  ? 91  SER A O   1 
ATOM   506 C CB  . SER A 1 91  ? 14.995  4.423   1.435   1.00 63.08  ? 91  SER A CB  1 
ATOM   507 O OG  . SER A 1 91  ? 14.097  3.783   2.339   1.00 61.28  ? 91  SER A OG  1 
ATOM   508 N N   . PHE A 1 92  ? 15.448  1.841   -0.584  1.00 62.38  ? 92  PHE A N   1 
ATOM   509 C CA  . PHE A 1 92  ? 15.310  0.397   -0.554  1.00 61.51  ? 92  PHE A CA  1 
ATOM   510 C C   . PHE A 1 92  ? 16.665  -0.254  -0.298  1.00 62.42  ? 92  PHE A C   1 
ATOM   511 O O   . PHE A 1 92  ? 17.726  0.345   -0.483  1.00 64.07  ? 92  PHE A O   1 
ATOM   512 C CB  . PHE A 1 92  ? 14.651  -0.152  -1.836  1.00 63.13  ? 92  PHE A CB  1 
ATOM   513 C CG  . PHE A 1 92  ? 15.618  -0.637  -2.864  1.00 70.03  ? 92  PHE A CG  1 
ATOM   514 C CD1 . PHE A 1 92  ? 16.304  0.255   -3.653  1.00 78.08  ? 92  PHE A CD1 1 
ATOM   515 C CD2 . PHE A 1 92  ? 15.857  -1.992  -3.026  1.00 66.04  ? 92  PHE A CD2 1 
ATOM   516 C CE1 . PHE A 1 92  ? 17.216  -0.181  -4.606  1.00 72.43  ? 92  PHE A CE1 1 
ATOM   517 C CE2 . PHE A 1 92  ? 16.768  -2.435  -3.951  1.00 69.32  ? 92  PHE A CE2 1 
ATOM   518 C CZ  . PHE A 1 92  ? 17.450  -1.528  -4.746  1.00 71.11  ? 92  PHE A CZ  1 
ATOM   519 N N   . VAL A 1 93  ? 16.597  -1.481  0.199   1.00 61.72  ? 93  VAL A N   1 
ATOM   520 C CA  . VAL A 1 93  ? 17.777  -2.302  0.437   1.00 65.12  ? 93  VAL A CA  1 
ATOM   521 C C   . VAL A 1 93  ? 17.502  -3.688  -0.121  1.00 63.48  ? 93  VAL A C   1 
ATOM   522 O O   . VAL A 1 93  ? 16.466  -4.288  0.178   1.00 67.20  ? 93  VAL A O   1 
ATOM   523 C CB  . VAL A 1 93  ? 18.136  -2.388  1.936   1.00 73.36  ? 93  VAL A CB  1 
ATOM   524 C CG1 . VAL A 1 93  ? 19.448  -3.161  2.120   1.00 63.87  ? 93  VAL A CG1 1 
ATOM   525 C CG2 . VAL A 1 93  ? 18.260  -0.996  2.542   1.00 62.42  ? 93  VAL A CG2 1 
ATOM   526 N N   . ASN A 1 94  ? 18.415  -4.185  -0.937  1.00 66.30  ? 94  ASN A N   1 
ATOM   527 C CA  . ASN A 1 94  ? 18.458  -5.586  -1.338  1.00 67.35  ? 94  ASN A CA  1 
ATOM   528 C C   . ASN A 1 94  ? 19.283  -6.356  -0.309  1.00 67.80  ? 94  ASN A C   1 
ATOM   529 O O   . ASN A 1 94  ? 20.495  -6.197  -0.257  1.00 69.41  ? 94  ASN A O   1 
ATOM   530 C CB  . ASN A 1 94  ? 19.052  -5.669  -2.738  1.00 70.35  ? 94  ASN A CB  1 
ATOM   531 C CG  . ASN A 1 94  ? 18.831  -7.002  -3.398  1.00 73.44  ? 94  ASN A CG  1 
ATOM   532 O OD1 . ASN A 1 94  ? 17.949  -7.772  -3.010  1.00 74.94  ? 94  ASN A OD1 1 
ATOM   533 N ND2 . ASN A 1 94  ? 19.598  -7.257  -4.466  1.00 92.01  ? 94  ASN A ND2 1 
ATOM   534 N N   . HIS A 1 95  ? 18.629  -7.156  0.542   1.00 66.73  ? 95  HIS A N   1 
ATOM   535 C CA  . HIS A 1 95  ? 19.362  -7.907  1.568   1.00 67.45  ? 95  HIS A CA  1 
ATOM   536 C C   . HIS A 1 95  ? 19.983  -9.191  1.038   1.00 70.56  ? 95  HIS A C   1 
ATOM   537 O O   . HIS A 1 95  ? 21.079  -9.579  1.450   1.00 72.32  ? 95  HIS A O   1 
ATOM   538 C CB  . HIS A 1 95  ? 18.438  -8.278  2.725   1.00 65.71  ? 95  HIS A CB  1 
ATOM   539 C CG  . HIS A 1 95  ? 17.868  -7.098  3.442   1.00 63.29  ? 95  HIS A CG  1 
ATOM   540 N ND1 . HIS A 1 95  ? 18.661  -6.158  4.065   1.00 63.06  ? 95  HIS A ND1 1 
ATOM   541 C CD2 . HIS A 1 95  ? 16.586  -6.707  3.642   1.00 61.56  ? 95  HIS A CD2 1 
ATOM   542 C CE1 . HIS A 1 95  ? 17.887  -5.232  4.608   1.00 70.48  ? 95  HIS A CE1 1 
ATOM   543 N NE2 . HIS A 1 95  ? 16.625  -5.547  4.375   1.00 60.91  ? 95  HIS A NE2 1 
ATOM   544 N N   . ALA A 1 96  ? 19.285  -9.855  0.137   1.00 71.73  ? 96  ALA A N   1 
ATOM   545 C CA  . ALA A 1 96  ? 19.629  -11.154 -0.403  1.00 75.25  ? 96  ALA A CA  1 
ATOM   546 C C   . ALA A 1 96  ? 18.726  -11.373 -1.605  1.00 76.40  ? 96  ALA A C   1 
ATOM   547 O O   . ALA A 1 96  ? 17.745  -10.641 -1.757  1.00 74.08  ? 96  ALA A O   1 
ATOM   548 C CB  . ALA A 1 96  ? 19.434  -12.261 0.651   1.00 75.75  ? 96  ALA A CB  1 
ATOM   549 N N   . PRO A 1 97  ? 19.027  -12.326 -2.477  1.00 80.36  ? 97  PRO A N   1 
ATOM   550 C CA  . PRO A 1 97  ? 18.182  -12.483 -3.674  1.00 82.05  ? 97  PRO A CA  1 
ATOM   551 C C   . PRO A 1 97  ? 16.740  -12.744 -3.281  1.00 80.39  ? 97  PRO A C   1 
ATOM   552 O O   . PRO A 1 97  ? 16.442  -13.672 -2.530  1.00 81.01  ? 97  PRO A O   1 
ATOM   553 C CB  . PRO A 1 97  ? 18.803  -13.673 -4.420  1.00 87.35  ? 97  PRO A CB  1 
ATOM   554 C CG  . PRO A 1 97  ? 20.105  -13.969 -3.765  1.00 88.42  ? 97  PRO A CG  1 
ATOM   555 C CD  . PRO A 1 97  ? 20.175  -13.253 -2.451  1.00 84.03  ? 97  PRO A CD  1 
ATOM   556 N N   . GLY A 1 98  ? 15.848  -11.891 -3.769  1.00 78.61  ? 98  GLY A N   1 
ATOM   557 C CA  . GLY A 1 98  ? 14.454  -11.931 -3.408  1.00 77.07  ? 98  GLY A CA  1 
ATOM   558 C C   . GLY A 1 98  ? 14.092  -11.264 -2.098  1.00 73.06  ? 98  GLY A C   1 
ATOM   559 O O   . GLY A 1 98  ? 12.912  -11.281 -1.731  1.00 72.06  ? 98  GLY A O   1 
ATOM   560 N N   . VAL A 1 99  ? 15.051  -10.684 -1.375  1.00 71.25  ? 99  VAL A N   1 
ATOM   561 C CA  . VAL A 1 99  ? 14.812  -10.142 -0.034  1.00 68.21  ? 99  VAL A CA  1 
ATOM   562 C C   . VAL A 1 99  ? 15.072  -8.639  -0.096  1.00 65.98  ? 99  VAL A C   1 
ATOM   563 O O   . VAL A 1 99  ? 16.231  -8.197  -0.138  1.00 66.28  ? 99  VAL A O   1 
ATOM   564 C CB  . VAL A 1 99  ? 15.681  -10.828 1.037   1.00 68.74  ? 99  VAL A CB  1 
ATOM   565 C CG1 . VAL A 1 99  ? 15.205  -10.484 2.439   1.00 66.42  ? 99  VAL A CG1 1 
ATOM   566 C CG2 . VAL A 1 99  ? 15.633  -12.331 0.872   1.00 71.96  ? 99  VAL A CG2 1 
ATOM   567 N N   . PHE A 1 100 ? 13.999  -7.854  -0.124  1.00 64.29  ? 100 PHE A N   1 
ATOM   568 C CA  . PHE A 1 100 ? 14.057  -6.400  -0.247  1.00 62.71  ? 100 PHE A CA  1 
ATOM   569 C C   . PHE A 1 100 ? 13.194  -5.761  0.826   1.00 60.59  ? 100 PHE A C   1 
ATOM   570 O O   . PHE A 1 100 ? 12.083  -6.235  1.102   1.00 60.48  ? 100 PHE A O   1 
ATOM   571 C CB  . PHE A 1 100 ? 13.524  -5.890  -1.609  1.00 63.60  ? 100 PHE A CB  1 
ATOM   572 C CG  . PHE A 1 100 ? 13.849  -6.773  -2.758  1.00 69.67  ? 100 PHE A CG  1 
ATOM   573 C CD1 . PHE A 1 100 ? 12.899  -7.661  -3.245  1.00 68.01  ? 100 PHE A CD1 1 
ATOM   574 C CD2 . PHE A 1 100 ? 15.083  -6.682  -3.398  1.00 83.44  ? 100 PHE A CD2 1 
ATOM   575 C CE1 . PHE A 1 100 ? 13.186  -8.493  -4.316  1.00 82.90  ? 100 PHE A CE1 1 
ATOM   576 C CE2 . PHE A 1 100 ? 15.379  -7.504  -4.487  1.00 89.27  ? 100 PHE A CE2 1 
ATOM   577 C CZ  . PHE A 1 100 ? 14.425  -8.410  -4.947  1.00 95.06  ? 100 PHE A CZ  1 
ATOM   578 N N   . SER A 1 101 ? 13.670  -4.648  1.374   1.00 59.47  ? 101 SER A N   1 
ATOM   579 C CA  . SER A 1 101 ? 12.789  -3.768  2.130   1.00 58.12  ? 101 SER A CA  1 
ATOM   580 C C   . SER A 1 101 ? 13.005  -2.318  1.706   1.00 58.01  ? 101 SER A C   1 
ATOM   581 O O   . SER A 1 101 ? 13.970  -1.986  1.008   1.00 58.92  ? 101 SER A O   1 
ATOM   582 C CB  . SER A 1 101 ? 12.995  -3.945  3.630   1.00 57.56  ? 101 SER A CB  1 
ATOM   583 O OG  . SER A 1 101 ? 14.348  -3.770  3.963   1.00 63.24  ? 101 SER A OG  1 
ATOM   584 N N   . GLY A 1 102 ? 12.080  -1.454  2.101   1.00 57.46  ? 102 GLY A N   1 
ATOM   585 C CA  . GLY A 1 102 ? 12.221  -0.051  1.751   1.00 57.82  ? 102 GLY A CA  1 
ATOM   586 C C   . GLY A 1 102 ? 11.042  0.793   2.197   1.00 57.66  ? 102 GLY A C   1 
ATOM   587 O O   . GLY A 1 102 ? 10.104  0.316   2.849   1.00 59.37  ? 102 GLY A O   1 
ATOM   588 N N   . THR A 1 103 ? 11.105  2.074   1.805   1.00 58.55  ? 103 THR A N   1 
ATOM   589 C CA  . THR A 1 103 ? 10.125  3.090   2.162   1.00 59.13  ? 103 THR A CA  1 
ATOM   590 C C   . THR A 1 103 ? 9.624   3.779   0.904   1.00 64.75  ? 103 THR A C   1 
ATOM   591 O O   . THR A 1 103 ? 10.335  3.856   -0.100  1.00 60.85  ? 103 THR A O   1 
ATOM   592 C CB  . THR A 1 103 ? 10.719  4.138   3.108   1.00 60.11  ? 103 THR A CB  1 
ATOM   593 O OG1 . THR A 1 103 ? 11.688  4.926   2.402   1.00 61.40  ? 103 THR A OG1 1 
ATOM   594 C CG2 . THR A 1 103 ? 11.371  3.477   4.302   1.00 59.52  ? 103 THR A CG2 1 
ATOM   595 N N   . PHE A 1 104 ? 8.398   4.301   0.961   1.00 68.02  ? 104 PHE A N   1 
ATOM   596 C CA  . PHE A 1 104 ? 7.805   4.905   -0.224  1.00 64.72  ? 104 PHE A CA  1 
ATOM   597 C C   . PHE A 1 104 ? 6.833   6.014   0.160   1.00 64.31  ? 104 PHE A C   1 
ATOM   598 O O   . PHE A 1 104 ? 6.480   6.195   1.327   1.00 63.69  ? 104 PHE A O   1 
ATOM   599 C CB  . PHE A 1 104 ? 7.081   3.854   -1.068  1.00 61.88  ? 104 PHE A CB  1 
ATOM   600 C CG  . PHE A 1 104 ? 5.972   3.159   -0.336  1.00 67.96  ? 104 PHE A CG  1 
ATOM   601 C CD1 . PHE A 1 104 ? 6.243   2.089   0.515   1.00 68.86  ? 104 PHE A CD1 1 
ATOM   602 C CD2 . PHE A 1 104 ? 4.659   3.568   -0.490  1.00 62.68  ? 104 PHE A CD2 1 
ATOM   603 C CE1 . PHE A 1 104 ? 5.210   1.436   1.184   1.00 63.48  ? 104 PHE A CE1 1 
ATOM   604 C CE2 . PHE A 1 104 ? 3.645   2.923   0.177   1.00 63.32  ? 104 PHE A CE2 1 
ATOM   605 C CZ  . PHE A 1 104 ? 3.921   1.859   1.019   1.00 61.55  ? 104 PHE A CZ  1 
ATOM   606 N N   . SER A 1 105 ? 6.381   6.739   -0.857  1.00 65.34  ? 105 SER A N   1 
ATOM   607 C CA  . SER A 1 105 ? 5.282   7.676   -0.717  1.00 67.27  ? 105 SER A CA  1 
ATOM   608 C C   . SER A 1 105 ? 4.485   7.662   -2.015  1.00 72.34  ? 105 SER A C   1 
ATOM   609 O O   . SER A 1 105 ? 4.878   7.037   -3.005  1.00 68.12  ? 105 SER A O   1 
ATOM   610 C CB  . SER A 1 105 ? 5.782   9.078   -0.392  1.00 69.34  ? 105 SER A CB  1 
ATOM   611 O OG  . SER A 1 105 ? 6.488   9.594   -1.504  1.00 70.57  ? 105 SER A OG  1 
ATOM   612 N N   . GLY A 1 106 ? 3.357   8.354   -2.009  1.00 70.51  ? 106 GLY A N   1 
ATOM   613 C CA  . GLY A 1 106 ? 2.586   8.443   -3.232  1.00 72.55  ? 106 GLY A CA  1 
ATOM   614 C C   . GLY A 1 106 ? 1.335   9.267   -3.049  1.00 79.41  ? 106 GLY A C   1 
ATOM   615 O O   . GLY A 1 106 ? 1.005   9.719   -1.946  1.00 75.37  ? 106 GLY A O   1 
ATOM   616 N N   . THR A 1 107 ? 0.648   9.459   -4.170  1.00 88.86  ? 107 THR A N   1 
ATOM   617 C CA  . THR A 1 107 ? -0.622  10.162  -4.241  1.00 85.61  ? 107 THR A CA  1 
ATOM   618 C C   . THR A 1 107 ? -1.703  9.188   -4.683  1.00 81.64  ? 107 THR A C   1 
ATOM   619 O O   . THR A 1 107 ? -1.444  8.295   -5.492  1.00 86.31  ? 107 THR A O   1 
ATOM   620 C CB  . THR A 1 107 ? -0.542  11.333  -5.225  1.00 88.13  ? 107 THR A CB  1 
ATOM   621 O OG1 . THR A 1 107 ? 0.538   12.199  -4.849  1.00 83.18  ? 107 THR A OG1 1 
ATOM   622 C CG2 . THR A 1 107 ? -1.855  12.120  -5.241  1.00 86.70  ? 107 THR A CG2 1 
ATOM   623 N N   . LEU A 1 108 ? -2.906  9.349   -4.144  1.00 83.59  ? 108 LEU A N   1 
ATOM   624 C CA  . LEU A 1 108 ? -4.005  8.478   -4.524  1.00 88.90  ? 108 LEU A CA  1 
ATOM   625 C C   . LEU A 1 108 ? -4.481  8.782   -5.945  1.00 92.91  ? 108 LEU A C   1 
ATOM   626 O O   . LEU A 1 108 ? -4.313  9.886   -6.468  1.00 91.44  ? 108 LEU A O   1 
ATOM   627 C CB  . LEU A 1 108 ? -5.172  8.644   -3.557  1.00 98.17  ? 108 LEU A CB  1 
ATOM   628 C CG  . LEU A 1 108 ? -5.561  7.531   -2.590  1.00 94.54  ? 108 LEU A CG  1 
ATOM   629 C CD1 . LEU A 1 108 ? -6.906  7.894   -1.954  1.00 96.77  ? 108 LEU A CD1 1 
ATOM   630 C CD2 . LEU A 1 108 ? -5.607  6.175   -3.277  1.00 95.69  ? 108 LEU A CD2 1 
ATOM   631 N N   . HIS A 1 109 ? -5.081  7.773   -6.571  1.00 98.10  ? 109 HIS A N   1 
ATOM   632 C CA  . HIS A 1 109 ? -5.770  7.972   -7.838  1.00 93.70  ? 109 HIS A CA  1 
ATOM   633 C C   . HIS A 1 109 ? -7.059  8.760   -7.604  1.00 97.61  ? 109 HIS A C   1 
ATOM   634 O O   . HIS A 1 109 ? -7.773  8.492   -6.630  1.00 94.37  ? 109 HIS A O   1 
ATOM   635 C CB  . HIS A 1 109 ? -6.062  6.609   -8.487  1.00 92.12  ? 109 HIS A CB  1 
ATOM   636 C CG  . HIS A 1 109 ? -6.454  6.680   -9.934  1.00 96.94  ? 109 HIS A CG  1 
ATOM   637 N ND1 . HIS A 1 109 ? -7.620  7.278   -10.362 1.00 98.53  ? 109 HIS A ND1 1 
ATOM   638 C CD2 . HIS A 1 109 ? -5.840  6.215   -11.047 1.00 95.67  ? 109 HIS A CD2 1 
ATOM   639 C CE1 . HIS A 1 109 ? -7.709  7.177   -11.678 1.00 101.34 ? 109 HIS A CE1 1 
ATOM   640 N NE2 . HIS A 1 109 ? -6.643  6.536   -12.117 1.00 100.10 ? 109 HIS A NE2 1 
ATOM   641 N N   . PRO A 1 110 ? -7.375  9.743   -8.453  1.00 97.51  ? 110 PRO A N   1 
ATOM   642 C CA  . PRO A 1 110 ? -8.561  10.580  -8.211  1.00 101.50 ? 110 PRO A CA  1 
ATOM   643 C C   . PRO A 1 110 ? -9.869  9.814   -8.198  1.00 106.59 ? 110 PRO A C   1 
ATOM   644 O O   . PRO A 1 110 ? -10.823 10.269  -7.552  1.00 106.62 ? 110 PRO A O   1 
ATOM   645 C CB  . PRO A 1 110 ? -8.535  11.597  -9.362  1.00 104.84 ? 110 PRO A CB  1 
ATOM   646 C CG  . PRO A 1 110 ? -7.338  11.315  -10.168 1.00 102.66 ? 110 PRO A CG  1 
ATOM   647 C CD  . PRO A 1 110 ? -6.460  10.345  -9.438  1.00 99.74  ? 110 PRO A CD  1 
ATOM   648 N N   . ASN A 1 111 ? -9.971  8.691   -8.904  1.00 105.58 ? 111 ASN A N   1 
ATOM   649 C CA  . ASN A 1 111 ? -11.231 7.962   -8.843  1.00 116.98 ? 111 ASN A CA  1 
ATOM   650 C C   . ASN A 1 111 ? -11.340 7.122   -7.576  1.00 111.48 ? 111 ASN A C   1 
ATOM   651 O O   . ASN A 1 111 ? -12.297 6.351   -7.427  1.00 119.33 ? 111 ASN A O   1 
ATOM   652 C CB  . ASN A 1 111 ? -11.455 7.123   -10.121 1.00 113.37 ? 111 ASN A CB  1 
ATOM   653 C CG  . ASN A 1 111 ? -10.495 5.953   -10.268 1.00 114.94 ? 111 ASN A CG  1 
ATOM   654 O OD1 . ASN A 1 111 ? -9.806  5.546   -9.325  1.00 117.84 ? 111 ASN A OD1 1 
ATOM   655 N ND2 . ASN A 1 111 ? -10.455 5.395   -11.476 1.00 107.50 ? 111 ASN A ND2 1 
ATOM   656 N N   . CYS A 1 112 ? -10.378 7.263   -6.666  1.00 113.96 ? 112 CYS A N   1 
ATOM   657 C CA  . CYS A 1 112 ? -10.504 6.806   -5.292  1.00 113.31 ? 112 CYS A CA  1 
ATOM   658 C C   . CYS A 1 112 ? -10.873 7.945   -4.347  1.00 107.20 ? 112 CYS A C   1 
ATOM   659 O O   . CYS A 1 112 ? -10.681 7.828   -3.133  1.00 104.39 ? 112 CYS A O   1 
ATOM   660 C CB  . CYS A 1 112 ? -9.211  6.130   -4.848  1.00 110.22 ? 112 CYS A CB  1 
ATOM   661 S SG  . CYS A 1 112 ? -8.899  4.571   -5.709  1.00 114.02 ? 112 CYS A SG  1 
ATOM   662 N N   . GLN A 1 113 ? -11.382 9.047   -4.887  1.00 110.82 ? 113 GLN A N   1 
ATOM   663 C CA  . GLN A 1 113 ? -11.917 10.152  -4.104  1.00 118.29 ? 113 GLN A CA  1 
ATOM   664 C C   . GLN A 1 113 ? -13.417 10.273  -4.357  1.00 121.12 ? 113 GLN A C   1 
ATOM   665 O O   . GLN A 1 113 ? -13.866 10.242  -5.509  1.00 114.88 ? 113 GLN A O   1 
ATOM   666 C CB  . GLN A 1 113 ? -11.218 11.469  -4.456  1.00 123.13 ? 113 GLN A CB  1 
ATOM   667 C CG  . GLN A 1 113 ? -9.753  11.563  -4.046  1.00 115.82 ? 113 GLN A CG  1 
ATOM   668 C CD  . GLN A 1 113 ? -9.208  12.975  -4.197  1.00 121.78 ? 113 GLN A CD  1 
ATOM   669 O OE1 . GLN A 1 113 ? -9.585  13.708  -5.123  1.00 129.36 ? 113 GLN A OE1 1 
ATOM   670 N NE2 . GLN A 1 113 ? -8.332  13.370  -3.285  1.00 113.32 ? 113 GLN A NE2 1 
ATOM   671 N N   . ASP A 1 114 ? -14.189 10.406  -3.283  1.00 121.88 ? 114 ASP A N   1 
ATOM   672 C CA  . ASP A 1 114 ? -15.620 10.572  -3.452  1.00 128.96 ? 114 ASP A CA  1 
ATOM   673 C C   . ASP A 1 114 ? -15.925 12.001  -3.900  1.00 135.17 ? 114 ASP A C   1 
ATOM   674 O O   . ASP A 1 114 ? -15.028 12.819  -4.136  1.00 129.88 ? 114 ASP A O   1 
ATOM   675 C CB  . ASP A 1 114 ? -16.363 10.184  -2.169  1.00 142.58 ? 114 ASP A CB  1 
ATOM   676 C CG  . ASP A 1 114 ? -15.984 11.039  -0.952  1.00 141.30 ? 114 ASP A CG  1 
ATOM   677 O OD1 . ASP A 1 114 ? -16.066 10.499  0.176   1.00 137.62 ? 114 ASP A OD1 1 
ATOM   678 O OD2 . ASP A 1 114 ? -15.652 12.240  -1.099  1.00 136.88 ? 114 ASP A OD2 1 
ATOM   679 N N   . SER A 1 115 ? -17.221 12.304  -4.012  1.00 142.69 ? 115 SER A N   1 
ATOM   680 C CA  . SER A 1 115 ? -17.658 13.592  -4.535  1.00 137.76 ? 115 SER A CA  1 
ATOM   681 C C   . SER A 1 115 ? -17.155 14.764  -3.705  1.00 142.55 ? 115 SER A C   1 
ATOM   682 O O   . SER A 1 115 ? -17.049 15.879  -4.227  1.00 137.84 ? 115 SER A O   1 
ATOM   683 C CB  . SER A 1 115 ? -19.179 13.628  -4.607  1.00 141.56 ? 115 SER A CB  1 
ATOM   684 O OG  . SER A 1 115 ? -19.628 14.905  -5.017  1.00 159.19 ? 115 SER A OG  1 
ATOM   685 N N   . SER A 1 116 ? -16.840 14.534  -2.432  1.00 148.09 ? 116 SER A N   1 
ATOM   686 C CA  . SER A 1 116 ? -16.334 15.562  -1.534  1.00 145.82 ? 116 SER A CA  1 
ATOM   687 C C   . SER A 1 116 ? -14.812 15.680  -1.550  1.00 140.72 ? 116 SER A C   1 
ATOM   688 O O   . SER A 1 116 ? -14.265 16.529  -0.839  1.00 138.82 ? 116 SER A O   1 
ATOM   689 C CB  . SER A 1 116 ? -16.828 15.290  -0.108  1.00 146.85 ? 116 SER A CB  1 
ATOM   690 O OG  . SER A 1 116 ? -15.873 15.697  0.852   1.00 157.27 ? 116 SER A OG  1 
ATOM   691 N N   . GLY A 1 117 ? -14.118 14.866  -2.342  1.00 135.04 ? 117 GLY A N   1 
ATOM   692 C CA  . GLY A 1 117 ? -12.682 14.985  -2.495  1.00 132.95 ? 117 GLY A CA  1 
ATOM   693 C C   . GLY A 1 117 ? -11.846 14.221  -1.494  1.00 138.73 ? 117 GLY A C   1 
ATOM   694 O O   . GLY A 1 117 ? -10.611 14.313  -1.540  1.00 136.90 ? 117 GLY A O   1 
ATOM   695 N N   . ARG A 1 118 ? -12.464 13.463  -0.605  1.00 139.37 ? 118 ARG A N   1 
ATOM   696 C CA  . ARG A 1 118 ? -11.759 12.681  0.396   1.00 127.38 ? 118 ARG A CA  1 
ATOM   697 C C   . ARG A 1 118 ? -11.896 11.192  0.041   1.00 118.56 ? 118 ARG A C   1 
ATOM   698 O O   . ARG A 1 118 ? -12.811 10.812  -0.672  1.00 126.62 ? 118 ARG A O   1 
ATOM   699 C CB  . ARG A 1 118 ? -12.333 12.964  1.794   1.00 140.03 ? 118 ARG A CB  1 
ATOM   700 C CG  . ARG A 1 118 ? -12.695 14.442  2.094   1.00 143.62 ? 118 ARG A CG  1 
ATOM   701 C CD  . ARG A 1 118 ? -11.623 15.449  1.642   1.00 154.55 ? 118 ARG A CD  1 
ATOM   702 N NE  . ARG A 1 118 ? -10.377 15.364  2.399   1.00 155.65 ? 118 ARG A NE  1 
ATOM   703 C CZ  . ARG A 1 118 ? -9.189  15.730  1.932   1.00 152.70 ? 118 ARG A CZ  1 
ATOM   704 N NH1 . ARG A 1 118 ? -9.040  16.203  0.705   1.00 147.98 ? 118 ARG A NH1 1 
ATOM   705 N NH2 . ARG A 1 118 ? -8.122  15.619  2.720   1.00 154.02 ? 118 ARG A NH2 1 
ATOM   706 N N   . PRO A 1 119 ? -10.978 10.348  0.529   1.00 110.69 ? 119 PRO A N   1 
ATOM   707 C CA  . PRO A 1 119 ? -10.927 8.971   -0.016  1.00 113.25 ? 119 PRO A CA  1 
ATOM   708 C C   . PRO A 1 119 ? -12.224 8.218   0.205   1.00 113.94 ? 119 PRO A C   1 
ATOM   709 O O   . PRO A 1 119 ? -12.804 8.239   1.291   1.00 116.03 ? 119 PRO A O   1 
ATOM   710 C CB  . PRO A 1 119 ? -9.761  8.328   0.758   1.00 112.78 ? 119 PRO A CB  1 
ATOM   711 C CG  . PRO A 1 119 ? -9.210  9.347   1.665   1.00 106.75 ? 119 PRO A CG  1 
ATOM   712 C CD  . PRO A 1 119 ? -10.075 10.552  1.662   1.00 114.94 ? 119 PRO A CD  1 
ATOM   713 N N   . ARG A 1 120 ? -12.686 7.535   -0.849  1.00 121.94 ? 120 ARG A N   1 
ATOM   714 C CA  . ARG A 1 120 ? -13.906 6.744   -0.740  1.00 118.54 ? 120 ARG A CA  1 
ATOM   715 C C   . ARG A 1 120 ? -13.694 5.630   0.275   1.00 118.79 ? 120 ARG A C   1 
ATOM   716 O O   . ARG A 1 120 ? -12.680 4.923   0.247   1.00 107.10 ? 120 ARG A O   1 
ATOM   717 C CB  . ARG A 1 120 ? -14.320 6.177   -2.105  1.00 117.67 ? 120 ARG A CB  1 
ATOM   718 C CG  . ARG A 1 120 ? -13.177 5.559   -2.914  1.00 133.84 ? 120 ARG A CG  1 
ATOM   719 C CD  . ARG A 1 120 ? -13.652 4.447   -3.869  1.00 140.84 ? 120 ARG A CD  1 
ATOM   720 N NE  . ARG A 1 120 ? -12.705 4.211   -4.960  1.00 144.33 ? 120 ARG A NE  1 
ATOM   721 C CZ  . ARG A 1 120 ? -12.555 3.060   -5.606  1.00 137.78 ? 120 ARG A CZ  1 
ATOM   722 N NH1 . ARG A 1 120 ? -13.268 1.990   -5.290  1.00 137.73 ? 120 ARG A NH1 1 
ATOM   723 N NH2 . ARG A 1 120 ? -11.671 2.982   -6.598  1.00 129.27 ? 120 ARG A NH2 1 
ATOM   724 N N   . ARG A 1 121 ? -14.661 5.485   1.182   1.00 122.01 ? 121 ARG A N   1 
ATOM   725 C CA  . ARG A 1 121 ? -14.513 4.647   2.373   1.00 125.75 ? 121 ARG A CA  1 
ATOM   726 C C   . ARG A 1 121 ? -14.803 3.185   2.029   1.00 124.22 ? 121 ARG A C   1 
ATOM   727 O O   . ARG A 1 121 ? -15.790 2.590   2.465   1.00 127.05 ? 121 ARG A O   1 
ATOM   728 C CB  . ARG A 1 121 ? -15.436 5.137   3.485   1.00 127.84 ? 121 ARG A CB  1 
ATOM   729 C CG  . ARG A 1 121 ? -15.017 6.430   4.189   1.00 129.50 ? 121 ARG A CG  1 
ATOM   730 C CD  . ARG A 1 121 ? -15.453 7.681   3.423   1.00 128.12 ? 121 ARG A CD  1 
ATOM   731 N NE  . ARG A 1 121 ? -16.888 7.924   3.482   1.00 122.67 ? 121 ARG A NE  1 
ATOM   732 C CZ  . ARG A 1 121 ? -17.520 8.460   4.519   1.00 135.29 ? 121 ARG A CZ  1 
ATOM   733 N NH1 . ARG A 1 121 ? -16.878 8.773   5.634   1.00 136.84 ? 121 ARG A NH1 1 
ATOM   734 N NH2 . ARG A 1 121 ? -18.827 8.694   4.433   1.00 133.25 ? 121 ARG A NH2 1 
ATOM   735 N N   . ASP A 1 122 ? -13.912 2.595   1.233   1.00 121.71 ? 122 ASP A N   1 
ATOM   736 C CA  . ASP A 1 122 ? -14.046 1.178   0.928   1.00 118.14 ? 122 ASP A CA  1 
ATOM   737 C C   . ASP A 1 122 ? -12.682 0.611   0.564   1.00 114.97 ? 122 ASP A C   1 
ATOM   738 O O   . ASP A 1 122 ? -11.699 1.336   0.396   1.00 115.75 ? 122 ASP A O   1 
ATOM   739 C CB  . ASP A 1 122 ? -15.113 0.926   -0.161  1.00 125.61 ? 122 ASP A CB  1 
ATOM   740 C CG  . ASP A 1 122 ? -14.614 1.162   -1.592  1.00 130.96 ? 122 ASP A CG  1 
ATOM   741 O OD1 . ASP A 1 122 ? -15.320 1.888   -2.326  1.00 140.43 ? 122 ASP A OD1 1 
ATOM   742 O OD2 . ASP A 1 122 ? -13.582 0.589   -2.015  1.00 127.11 ? 122 ASP A OD2 1 
ATOM   743 N N   . ILE A 1 123 ? -12.654 -0.712  0.409   1.00 115.92 ? 123 ILE A N   1 
ATOM   744 C CA  . ILE A 1 123 ? -11.411 -1.463  0.309   1.00 107.70 ? 123 ILE A CA  1 
ATOM   745 C C   . ILE A 1 123 ? -10.703 -1.263  -1.025  1.00 111.41 ? 123 ILE A C   1 
ATOM   746 O O   . ILE A 1 123 ? -9.501  -1.550  -1.129  1.00 106.24 ? 123 ILE A O   1 
ATOM   747 C CB  . ILE A 1 123 ? -11.758 -2.933  0.650   1.00 117.62 ? 123 ILE A CB  1 
ATOM   748 C CG1 . ILE A 1 123 ? -11.387 -3.251  2.109   1.00 113.56 ? 123 ILE A CG1 1 
ATOM   749 C CG2 . ILE A 1 123 ? -11.175 -3.939  -0.342  1.00 112.96 ? 123 ILE A CG2 1 
ATOM   750 C CD1 . ILE A 1 123 ? -11.879 -2.224  3.125   1.00 113.45 ? 123 ILE A CD1 1 
ATOM   751 N N   . GLY A 1 124 ? -11.396 -0.725  -2.032  1.00 105.30 ? 124 GLY A N   1 
ATOM   752 C CA  . GLY A 1 124 ? -10.739 -0.439  -3.299  1.00 101.90 ? 124 GLY A CA  1 
ATOM   753 C C   . GLY A 1 124 ? -9.701  0.666   -3.206  1.00 103.98 ? 124 GLY A C   1 
ATOM   754 O O   . GLY A 1 124 ? -8.707  0.655   -3.947  1.00 90.01  ? 124 GLY A O   1 
ATOM   755 N N   . THR A 1 125 ? -9.910  1.629   -2.304  1.00 99.03  ? 125 THR A N   1 
ATOM   756 C CA  . THR A 1 125 ? -8.921  2.684   -2.102  1.00 93.08  ? 125 THR A CA  1 
ATOM   757 C C   . THR A 1 125 ? -7.585  2.104   -1.662  1.00 92.27  ? 125 THR A C   1 
ATOM   758 O O   . THR A 1 125 ? -6.524  2.482   -2.181  1.00 91.52  ? 125 THR A O   1 
ATOM   759 C CB  . THR A 1 125 ? -9.436  3.685   -1.069  1.00 100.54 ? 125 THR A CB  1 
ATOM   760 O OG1 . THR A 1 125 ? -10.716 4.186   -1.480  1.00 106.14 ? 125 THR A OG1 1 
ATOM   761 C CG2 . THR A 1 125 ? -8.469  4.843   -0.917  1.00 95.86  ? 125 THR A CG2 1 
ATOM   762 N N   . ILE A 1 126 ? -7.615  1.167   -0.714  1.00 90.89  ? 126 ILE A N   1 
ATOM   763 C CA  . ILE A 1 126 ? -6.386  0.552   -0.230  1.00 90.91  ? 126 ILE A CA  1 
ATOM   764 C C   . ILE A 1 126 ? -5.780  -0.356  -1.288  1.00 81.36  ? 126 ILE A C   1 
ATOM   765 O O   . ILE A 1 126 ? -4.555  -0.498  -1.367  1.00 88.72  ? 126 ILE A O   1 
ATOM   766 C CB  . ILE A 1 126 ? -6.669  -0.203  1.079   1.00 85.94  ? 126 ILE A CB  1 
ATOM   767 C CG1 . ILE A 1 126 ? -7.409  0.727   2.047   1.00 89.86  ? 126 ILE A CG1 1 
ATOM   768 C CG2 . ILE A 1 126 ? -5.363  -0.724  1.668   1.00 88.86  ? 126 ILE A CG2 1 
ATOM   769 C CD1 . ILE A 1 126 ? -7.606  0.194   3.440   1.00 91.45  ? 126 ILE A CD1 1 
ATOM   770 N N   . LEU A 1 127 ? -6.613  -1.003  -2.101  1.00 88.96  ? 127 LEU A N   1 
ATOM   771 C CA  . LEU A 1 127 ? -6.088  -1.849  -3.166  1.00 85.57  ? 127 LEU A CA  1 
ATOM   772 C C   . LEU A 1 127 ? -5.380  -1.030  -4.238  1.00 87.12  ? 127 LEU A C   1 
ATOM   773 O O   . LEU A 1 127 ? -4.419  -1.515  -4.849  1.00 85.27  ? 127 LEU A O   1 
ATOM   774 C CB  . LEU A 1 127 ? -7.213  -2.684  -3.766  1.00 91.45  ? 127 LEU A CB  1 
ATOM   775 C CG  . LEU A 1 127 ? -6.827  -3.823  -4.706  1.00 95.57  ? 127 LEU A CG  1 
ATOM   776 C CD1 . LEU A 1 127 ? -6.194  -4.952  -3.914  1.00 97.80  ? 127 LEU A CD1 1 
ATOM   777 C CD2 . LEU A 1 127 ? -8.081  -4.327  -5.432  1.00 93.97  ? 127 LEU A CD2 1 
ATOM   778 N N   . GLN A 1 128 ? -5.818  0.210   -4.467  1.00 84.70  ? 128 GLN A N   1 
ATOM   779 C CA  . GLN A 1 128 ? -5.101  1.092   -5.385  1.00 84.19  ? 128 GLN A CA  1 
ATOM   780 C C   . GLN A 1 128 ? -3.705  1.413   -4.864  1.00 83.45  ? 128 GLN A C   1 
ATOM   781 O O   . GLN A 1 128 ? -2.721  1.345   -5.608  1.00 84.18  ? 128 GLN A O   1 
ATOM   782 C CB  . GLN A 1 128 ? -5.905  2.374   -5.617  1.00 86.75  ? 128 GLN A CB  1 
ATOM   783 C CG  . GLN A 1 128 ? -5.253  3.386   -6.554  1.00 84.16  ? 128 GLN A CG  1 
ATOM   784 C CD  . GLN A 1 128 ? -5.286  2.953   -8.018  1.00 95.95  ? 128 GLN A CD  1 
ATOM   785 O OE1 . GLN A 1 128 ? -4.261  2.562   -8.584  1.00 91.56  ? 128 GLN A OE1 1 
ATOM   786 N NE2 . GLN A 1 128 ? -6.475  3.004   -8.630  1.00 92.00  ? 128 GLN A NE2 1 
ATOM   787 N N   . ILE A 1 129 ? -3.595  1.745   -3.574  1.00 85.91  ? 129 ILE A N   1 
ATOM   788 C CA  . ILE A 1 129 ? -2.284  2.052   -3.005  1.00 73.29  ? 129 ILE A CA  1 
ATOM   789 C C   . ILE A 1 129 ? -1.367  0.839   -3.100  1.00 77.68  ? 129 ILE A C   1 
ATOM   790 O O   . ILE A 1 129 ? -0.182  0.966   -3.432  1.00 81.80  ? 129 ILE A O   1 
ATOM   791 C CB  . ILE A 1 129 ? -2.420  2.536   -1.551  1.00 73.63  ? 129 ILE A CB  1 
ATOM   792 C CG1 . ILE A 1 129 ? -3.186  3.856   -1.480  1.00 85.89  ? 129 ILE A CG1 1 
ATOM   793 C CG2 . ILE A 1 129 ? -1.077  2.800   -0.975  1.00 78.49  ? 129 ILE A CG2 1 
ATOM   794 C CD1 . ILE A 1 129 ? -3.775  4.128   -0.120  1.00 83.41  ? 129 ILE A CD1 1 
ATOM   795 N N   . LEU A 1 130 ? -1.889  -0.353  -2.799  1.00 78.98  ? 130 LEU A N   1 
ATOM   796 C CA  . LEU A 1 130 ? -1.096  -1.569  -2.987  1.00 77.77  ? 130 LEU A CA  1 
ATOM   797 C C   . LEU A 1 130 ? -0.701  -1.745  -4.448  1.00 81.41  ? 130 LEU A C   1 
ATOM   798 O O   . LEU A 1 130 ? 0.433   -2.140  -4.755  1.00 81.07  ? 130 LEU A O   1 
ATOM   799 C CB  . LEU A 1 130 ? -1.872  -2.788  -2.497  1.00 83.82  ? 130 LEU A CB  1 
ATOM   800 C CG  . LEU A 1 130 ? -1.707  -3.305  -1.071  1.00 81.06  ? 130 LEU A CG  1 
ATOM   801 C CD1 . LEU A 1 130 ? -2.527  -2.515  -0.104  1.00 87.63  ? 130 LEU A CD1 1 
ATOM   802 C CD2 . LEU A 1 130 ? -2.234  -4.738  -1.060  1.00 89.48  ? 130 LEU A CD2 1 
ATOM   803 N N   . ASN A 1 131 ? -1.619  -1.445  -5.366  1.00 88.75  ? 131 ASN A N   1 
ATOM   804 C CA  . ASN A 1 131 ? -1.284  -1.501  -6.784  1.00 81.01  ? 131 ASN A CA  1 
ATOM   805 C C   . ASN A 1 131 ? -0.217  -0.476  -7.144  1.00 81.78  ? 131 ASN A C   1 
ATOM   806 O O   . ASN A 1 131 ? 0.744   -0.804  -7.848  1.00 82.25  ? 131 ASN A O   1 
ATOM   807 C CB  . ASN A 1 131 ? -2.539  -1.293  -7.623  1.00 94.24  ? 131 ASN A CB  1 
ATOM   808 C CG  . ASN A 1 131 ? -3.152  -2.598  -8.067  1.00 102.39 ? 131 ASN A CG  1 
ATOM   809 O OD1 . ASN A 1 131 ? -3.980  -3.179  -7.365  1.00 115.77 ? 131 ASN A OD1 1 
ATOM   810 N ND2 . ASN A 1 131 ? -2.730  -3.084  -9.228  1.00 114.38 ? 131 ASN A ND2 1 
ATOM   811 N N   . ASP A 1 132 ? -0.351  0.764   -6.653  1.00 74.70  ? 132 ASP A N   1 
ATOM   812 C CA  . ASP A 1 132 ? 0.673   1.769   -6.934  1.00 76.10  ? 132 ASP A CA  1 
ATOM   813 C C   . ASP A 1 132 ? 2.045   1.290   -6.490  1.00 76.14  ? 132 ASP A C   1 
ATOM   814 O O   . ASP A 1 132 ? 3.030   1.438   -7.220  1.00 75.29  ? 132 ASP A O   1 
ATOM   815 C CB  . ASP A 1 132 ? 0.362   3.096   -6.239  1.00 75.26  ? 132 ASP A CB  1 
ATOM   816 C CG  . ASP A 1 132 ? -0.923  3.725   -6.708  1.00 88.75  ? 132 ASP A CG  1 
ATOM   817 O OD1 . ASP A 1 132 ? -1.639  4.286   -5.833  1.00 85.97  ? 132 ASP A OD1 1 
ATOM   818 O OD2 . ASP A 1 132 ? -1.214  3.650   -7.935  1.00 82.71  ? 132 ASP A OD2 1 
ATOM   819 N N   . LEU A 1 133 ? 2.123   0.716   -5.289  1.00 72.04  ? 133 LEU A N   1 
ATOM   820 C CA  . LEU A 1 133 ? 3.403   0.296   -4.732  1.00 74.19  ? 133 LEU A CA  1 
ATOM   821 C C   . LEU A 1 133 ? 4.033   -0.825  -5.551  1.00 69.35  ? 133 LEU A C   1 
ATOM   822 O O   . LEU A 1 133 ? 5.243   -0.822  -5.786  1.00 78.26  ? 133 LEU A O   1 
ATOM   823 C CB  . LEU A 1 133 ? 3.202   -0.134  -3.278  1.00 75.94  ? 133 LEU A CB  1 
ATOM   824 C CG  . LEU A 1 133 ? 4.281   -0.869  -2.475  1.00 75.49  ? 133 LEU A CG  1 
ATOM   825 C CD1 . LEU A 1 133 ? 5.625   -0.165  -2.504  1.00 62.35  ? 133 LEU A CD1 1 
ATOM   826 C CD2 . LEU A 1 133 ? 3.763   -1.010  -1.038  1.00 77.23  ? 133 LEU A CD2 1 
ATOM   827 N N   . LEU A 1 134 ? 3.229   -1.791  -5.991  1.00 80.75  ? 134 LEU A N   1 
ATOM   828 C CA  . LEU A 1 134 ? 3.756   -2.902  -6.779  1.00 78.73  ? 134 LEU A CA  1 
ATOM   829 C C   . LEU A 1 134 ? 4.187   -2.453  -8.173  1.00 77.71  ? 134 LEU A C   1 
ATOM   830 O O   . LEU A 1 134 ? 5.143   -2.998  -8.738  1.00 77.33  ? 134 LEU A O   1 
ATOM   831 C CB  . LEU A 1 134 ? 2.706   -4.008  -6.867  1.00 83.45  ? 134 LEU A CB  1 
ATOM   832 C CG  . LEU A 1 134 ? 2.878   -5.092  -5.801  1.00 92.24  ? 134 LEU A CG  1 
ATOM   833 C CD1 . LEU A 1 134 ? 1.573   -5.857  -5.595  1.00 88.39  ? 134 LEU A CD1 1 
ATOM   834 C CD2 . LEU A 1 134 ? 4.014   -6.035  -6.186  1.00 99.80  ? 134 LEU A CD2 1 
ATOM   835 N N   . SER A 1 135 ? 3.487   -1.481  -8.750  1.00 84.27  ? 135 SER A N   1 
ATOM   836 C CA  . SER A 1 135 ? 3.933   -0.905  -10.013 1.00 92.30  ? 135 SER A CA  1 
ATOM   837 C C   . SER A 1 135 ? 5.314   -0.264  -9.861  1.00 83.25  ? 135 SER A C   1 
ATOM   838 O O   . SER A 1 135 ? 6.200   -0.475  -10.698 1.00 91.48  ? 135 SER A O   1 
ATOM   839 C CB  . SER A 1 135 ? 2.880   0.101   -10.501 1.00 87.08  ? 135 SER A CB  1 
ATOM   840 O OG  . SER A 1 135 ? 3.143   0.563   -11.811 1.00 96.26  ? 135 SER A OG  1 
ATOM   841 N N   . ALA A 1 136 ? 5.527   0.488   -8.771  1.00 79.67  ? 136 ALA A N   1 
ATOM   842 C CA  . ALA A 1 136 ? 6.797   1.166   -8.526  1.00 79.68  ? 136 ALA A CA  1 
ATOM   843 C C   . ALA A 1 136 ? 7.929   0.192   -8.221  1.00 82.81  ? 136 ALA A C   1 
ATOM   844 O O   . ALA A 1 136 ? 9.101   0.556   -8.340  1.00 83.94  ? 136 ALA A O   1 
ATOM   845 C CB  . ALA A 1 136 ? 6.648   2.165   -7.379  1.00 69.35  ? 136 ALA A CB  1 
ATOM   846 N N   . THR A 1 137 ? 7.604   -1.027  -7.818  1.00 82.22  ? 137 THR A N   1 
ATOM   847 C CA  . THR A 1 137 ? 8.616   -2.056  -7.657  1.00 86.23  ? 137 THR A CA  1 
ATOM   848 C C   . THR A 1 137 ? 9.155   -2.548  -8.999  1.00 99.99  ? 137 THR A C   1 
ATOM   849 O O   . THR A 1 137 ? 10.292  -3.032  -9.055  1.00 111.95 ? 137 THR A O   1 
ATOM   850 C CB  . THR A 1 137 ? 8.010   -3.189  -6.826  1.00 82.34  ? 137 THR A CB  1 
ATOM   851 O OG1 . THR A 1 137 ? 8.084   -2.837  -5.437  1.00 66.40  ? 137 THR A OG1 1 
ATOM   852 C CG2 . THR A 1 137 ? 8.698   -4.517  -7.068  1.00 88.45  ? 137 THR A CG2 1 
ATOM   853 N N   . ARG A 1 138 ? 8.387   -2.389  -10.083 1.00 98.81  ? 138 ARG A N   1 
ATOM   854 C CA  . ARG A 1 138 ? 8.817   -2.881  -11.391 1.00 110.72 ? 138 ARG A CA  1 
ATOM   855 C C   . ARG A 1 138 ? 10.130  -2.242  -11.833 1.00 118.84 ? 138 ARG A C   1 
ATOM   856 O O   . ARG A 1 138 ? 10.972  -2.898  -12.457 1.00 125.39 ? 138 ARG A O   1 
ATOM   857 C CB  . ARG A 1 138 ? 7.720   -2.626  -12.426 1.00 118.93 ? 138 ARG A CB  1 
ATOM   858 C CG  . ARG A 1 138 ? 8.210   -2.129  -13.781 1.00 124.09 ? 138 ARG A CG  1 
ATOM   859 C CD  . ARG A 1 138 ? 7.092   -2.186  -14.804 1.00 126.34 ? 138 ARG A CD  1 
ATOM   860 N NE  . ARG A 1 138 ? 5.993   -1.308  -14.419 1.00 133.08 ? 138 ARG A NE  1 
ATOM   861 C CZ  . ARG A 1 138 ? 4.767   -1.722  -14.125 1.00 131.32 ? 138 ARG A CZ  1 
ATOM   862 N NH1 . ARG A 1 138 ? 4.440   -3.003  -14.167 1.00 136.03 ? 138 ARG A NH1 1 
ATOM   863 N NH2 . ARG A 1 138 ? 3.844   -0.826  -13.782 1.00 122.78 ? 138 ARG A NH2 1 
ATOM   864 N N   . HIS A 1 139 ? 10.323  -0.960  -11.518 1.00 131.48 ? 139 HIS A N   1 
ATOM   865 C CA  . HIS A 1 139 ? 11.587  -0.302  -11.835 1.00 130.20 ? 139 HIS A CA  1 
ATOM   866 C C   . HIS A 1 139 ? 12.752  -0.978  -11.112 1.00 133.48 ? 139 HIS A C   1 
ATOM   867 O O   . HIS A 1 139 ? 13.823  -1.175  -11.694 1.00 129.34 ? 139 HIS A O   1 
ATOM   868 C CB  . HIS A 1 139 ? 11.491  1.181   -11.474 1.00 131.80 ? 139 HIS A CB  1 
ATOM   869 C CG  . HIS A 1 139 ? 10.406  1.914   -12.208 1.00 135.71 ? 139 HIS A CG  1 
ATOM   870 N ND1 . HIS A 1 139 ? 9.430   2.643   -11.563 1.00 127.99 ? 139 HIS A ND1 1 
ATOM   871 C CD2 . HIS A 1 139 ? 10.153  2.037   -13.534 1.00 140.35 ? 139 HIS A CD2 1 
ATOM   872 C CE1 . HIS A 1 139 ? 8.615   3.174   -12.459 1.00 133.41 ? 139 HIS A CE1 1 
ATOM   873 N NE2 . HIS A 1 139 ? 9.033   2.824   -13.663 1.00 134.93 ? 139 HIS A NE2 1 
ATOM   874 N N   . TYR A 1 140 ? 12.547  -1.360  -9.849  1.00 135.21 ? 140 TYR A N   1 
ATOM   875 C CA  . TYR A 1 140 ? 13.501  -2.166  -9.089  1.00 130.48 ? 140 TYR A CA  1 
ATOM   876 C C   . TYR A 1 140 ? 13.328  -3.651  -9.422  1.00 130.79 ? 140 TYR A C   1 
ATOM   877 O O   . TYR A 1 140 ? 12.746  -3.992  -10.456 1.00 131.94 ? 140 TYR A O   1 
ATOM   878 C CB  . TYR A 1 140 ? 13.340  -1.908  -7.587  1.00 123.98 ? 140 TYR A CB  1 
ATOM   879 N N   . GLN A 1 141 ? 13.864  -4.544  -8.584  1.00 133.61 ? 141 GLN A N   1 
ATOM   880 C CA  . GLN A 1 141 ? 13.858  -5.979  -8.857  1.00 128.88 ? 141 GLN A CA  1 
ATOM   881 C C   . GLN A 1 141 ? 12.650  -6.669  -8.211  1.00 125.12 ? 141 GLN A C   1 
ATOM   882 O O   . GLN A 1 141 ? 11.851  -6.053  -7.496  1.00 115.75 ? 141 GLN A O   1 
ATOM   883 C CB  . GLN A 1 141 ? 15.151  -6.632  -8.354  1.00 123.13 ? 141 GLN A CB  1 
ATOM   884 C CG  . GLN A 1 141 ? 16.511  -6.005  -8.776  1.00 121.94 ? 141 GLN A CG  1 
ATOM   885 C CD  . GLN A 1 141 ? 16.437  -4.979  -9.903  1.00 125.93 ? 141 GLN A CD  1 
ATOM   886 O OE1 . GLN A 1 141 ? 15.953  -5.270  -10.994 1.00 128.96 ? 141 GLN A OE1 1 
ATOM   887 N NE2 . GLN A 1 141 ? 16.941  -3.775  -9.643  1.00 121.59 ? 141 GLN A NE2 1 
ATOM   888 N N   . GLY A 1 142 ? 12.543  -7.986  -8.441  1.00 116.48 ? 142 GLY A N   1 
ATOM   889 C CA  . GLY A 1 142 ? 11.551  -8.817  -7.774  1.00 112.23 ? 142 GLY A CA  1 
ATOM   890 C C   . GLY A 1 142 ? 10.181  -9.005  -8.409  1.00 120.33 ? 142 GLY A C   1 
ATOM   891 O O   . GLY A 1 142 ? 9.164   -8.649  -7.801  1.00 121.74 ? 142 GLY A O   1 
ATOM   892 N N   . MET A 1 143 ? 10.131  -9.551  -9.625  1.00 118.26 ? 143 MET A N   1 
ATOM   893 C CA  . MET A 1 143 ? 8.864   -10.016 -10.216 1.00 120.77 ? 143 MET A CA  1 
ATOM   894 C C   . MET A 1 143 ? 9.097   -11.044 -11.326 1.00 115.55 ? 143 MET A C   1 
ATOM   895 O O   . MET A 1 143 ? 9.673   -10.732 -12.369 1.00 118.08 ? 143 MET A O   1 
ATOM   896 C CB  . MET A 1 143 ? 8.040   -8.843  -10.768 1.00 117.72 ? 143 MET A CB  1 
ATOM   897 C CG  . MET A 1 143 ? 6.576   -9.186  -11.101 1.00 118.28 ? 143 MET A CG  1 
ATOM   898 S SD  . MET A 1 143 ? 5.527   -9.650  -9.690  1.00 141.71 ? 143 MET A SD  1 
ATOM   899 C CE  . MET A 1 143 ? 4.903   -8.040  -9.159  1.00 107.59 ? 143 MET A CE  1 
HETATM 900 O O   . HOH B 2 .   ? 21.499  -5.964  4.340   1.00 67.52  ? 201 HOH A O   1 
# 
loop_
_atom_site_anisotrop.id 
_atom_site_anisotrop.type_symbol 
_atom_site_anisotrop.pdbx_label_atom_id 
_atom_site_anisotrop.pdbx_label_alt_id 
_atom_site_anisotrop.pdbx_label_comp_id 
_atom_site_anisotrop.pdbx_label_asym_id 
_atom_site_anisotrop.pdbx_label_seq_id 
_atom_site_anisotrop.pdbx_PDB_ins_code 
_atom_site_anisotrop.U[1][1] 
_atom_site_anisotrop.U[2][2] 
_atom_site_anisotrop.U[3][3] 
_atom_site_anisotrop.U[1][2] 
_atom_site_anisotrop.U[1][3] 
_atom_site_anisotrop.U[2][3] 
_atom_site_anisotrop.pdbx_auth_seq_id 
_atom_site_anisotrop.pdbx_auth_comp_id 
_atom_site_anisotrop.pdbx_auth_asym_id 
_atom_site_anisotrop.pdbx_auth_atom_id 
1   N N   . SER A 4   ? 1.6909 1.5384 1.8903 0.7129  -0.1292 0.3297  4   SER A N   
2   C CA  . SER A 4   ? 1.6008 1.5499 1.8069 0.6593  -0.1201 0.3104  4   SER A CA  
3   C C   . SER A 4   ? 1.5916 1.4789 1.7585 0.5908  -0.1277 0.2942  4   SER A C   
4   O O   . SER A 4   ? 1.5302 1.4758 1.7000 0.5431  -0.1389 0.3116  4   SER A O   
5   C CB  . SER A 4   ? 1.5377 1.6315 1.7877 0.6486  -0.1312 0.3471  4   SER A CB  
6   O OG  . SER A 4   ? 1.6102 1.7857 1.8636 0.5912  -0.1277 0.3272  4   SER A OG  
7   N N   . PRO A 5   ? 1.6791 1.4523 1.8084 0.5877  -0.1219 0.2597  5   PRO A N   
8   C CA  . PRO A 5   ? 1.7051 1.4149 1.8020 0.5259  -0.1307 0.2492  5   PRO A CA  
9   C C   . PRO A 5   ? 1.6487 1.4453 1.7474 0.4750  -0.1197 0.2291  5   PRO A C   
10  O O   . PRO A 5   ? 1.6189 1.4929 1.7355 0.4867  -0.1025 0.2100  5   PRO A O   
11  C CB  . PRO A 5   ? 1.6687 1.2473 1.7285 0.5423  -0.1284 0.2121  5   PRO A CB  
12  C CG  . PRO A 5   ? 1.7482 1.3136 1.8151 0.6185  -0.1176 0.2027  5   PRO A CG  
13  C CD  . PRO A 5   ? 1.7213 1.4343 1.8342 0.6392  -0.1051 0.2236  5   PRO A CD  
14  N N   . PRO A 6   ? 1.5210 1.3074 1.6040 0.4196  -0.1286 0.2349  6   PRO A N   
15  C CA  . PRO A 6   ? 1.4286 1.2938 1.5138 0.3740  -0.1200 0.2175  6   PRO A CA  
16  C C   . PRO A 6   ? 1.4081 1.2500 1.4786 0.3648  -0.1023 0.1740  6   PRO A C   
17  O O   . PRO A 6   ? 1.5237 1.2740 1.5693 0.3796  -0.1001 0.1542  6   PRO A O   
18  C CB  . PRO A 6   ? 1.3646 1.2095 1.4317 0.3276  -0.1322 0.2363  6   PRO A CB  
19  C CG  . PRO A 6   ? 1.4875 1.2464 1.5476 0.3444  -0.1473 0.2683  6   PRO A CG  
20  C CD  . PRO A 6   ? 1.5829 1.2802 1.6466 0.3972  -0.1454 0.2573  6   PRO A CD  
21  N N   . ILE A 7   ? 1.2144 1.1402 1.2995 0.3396  -0.0916 0.1598  7   ILE A N   
22  C CA  . ILE A 7   ? 1.2545 1.1755 1.3294 0.3265  -0.0738 0.1254  7   ILE A CA  
23  C C   . ILE A 7   ? 1.2143 1.1065 1.2676 0.2731  -0.0771 0.1156  7   ILE A C   
24  O O   . ILE A 7   ? 1.0637 1.0090 1.1259 0.2403  -0.0824 0.1242  7   ILE A O   
25  C CB  . ILE A 7   ? 1.1562 1.1850 1.2675 0.3299  -0.0600 0.1210  7   ILE A CB  
26  C CG1 . ILE A 7   ? 1.3449 1.4052 1.4794 0.3893  -0.0505 0.1291  7   ILE A CG1 
27  C CG2 . ILE A 7   ? 1.0960 1.1255 1.1975 0.3039  -0.0432 0.0934  7   ILE A CG2 
28  C CD1 . ILE A 7   ? 1.5739 1.5373 1.6733 0.4318  -0.0418 0.1099  7   ILE A CD1 
29  N N   . THR A 8   ? 1.1576 0.9682 1.1812 0.2662  -0.0749 0.0961  8   THR A N   
30  C CA  . THR A 8   ? 1.1396 0.9247 1.1469 0.2199  -0.0772 0.0893  8   THR A CA  
31  C C   . THR A 8   ? 1.1256 0.9289 1.1281 0.2059  -0.0608 0.0616  8   THR A C   
32  O O   . THR A 8   ? 1.1583 0.9717 1.1601 0.2339  -0.0479 0.0460  8   THR A O   
33  C CB  . THR A 8   ? 1.1506 0.8356 1.1337 0.2134  -0.0918 0.0943  8   THR A CB  
34  O OG1 . THR A 8   ? 1.2245 0.8432 1.1854 0.2413  -0.0905 0.0695  8   THR A OG1 
35  C CG2 . THR A 8   ? 1.1908 0.8582 1.1825 0.2252  -0.1077 0.1298  8   THR A CG2 
36  N N   . TYR A 9   ? 1.1093 0.9209 1.1088 0.1649  -0.0599 0.0582  9   TYR A N   
37  C CA  . TYR A 9   ? 0.9949 0.8213 0.9918 0.1474  -0.0461 0.0379  9   TYR A CA  
38  C C   . TYR A 9   ? 0.9754 0.7573 0.9551 0.1138  -0.0514 0.0359  9   TYR A C   
39  O O   . TYR A 9   ? 0.9800 0.7430 0.9576 0.0990  -0.0626 0.0528  9   TYR A O   
40  C CB  . TYR A 9   ? 0.9883 0.9000 1.0154 0.1330  -0.0371 0.0383  9   TYR A CB  
41  C CG  . TYR A 9   ? 0.9110 0.8529 0.9465 0.1075  -0.0475 0.0495  9   TYR A CG  
42  C CD1 . TYR A 9   ? 0.8915 0.8171 0.9156 0.0759  -0.0473 0.0448  9   TYR A CD1 
43  C CD2 . TYR A 9   ? 0.9806 0.9701 1.0320 0.1185  -0.0575 0.0647  9   TYR A CD2 
44  C CE1 . TYR A 9   ? 0.9325 0.8843 0.9553 0.0586  -0.0544 0.0513  9   TYR A CE1 
45  C CE2 . TYR A 9   ? 0.9766 0.9943 1.0252 0.0976  -0.0680 0.0719  9   TYR A CE2 
46  C CZ  . TYR A 9   ? 0.8879 0.8845 0.9193 0.0687  -0.0651 0.0632  9   TYR A CZ  
47  O OH  . TYR A 9   ? 0.9539 0.9767 0.9740 0.0531  -0.0729 0.0663  9   TYR A OH  
48  N N   . THR A 10  ? 0.9651 0.7363 0.9342 0.1035  -0.0425 0.0192  10  THR A N   
49  C CA  . THR A 10  ? 0.9885 0.7337 0.9487 0.0720  -0.0456 0.0188  10  THR A CA  
50  C C   . THR A 10  ? 0.9656 0.7508 0.9353 0.0571  -0.0304 0.0088  10  THR A C   
51  O O   . THR A 10  ? 0.9074 0.7270 0.8848 0.0712  -0.0181 0.0016  10  THR A O   
52  C CB  . THR A 10  ? 0.9945 0.6659 0.9272 0.0729  -0.0579 0.0113  10  THR A CB  
53  O OG1 . THR A 10  ? 1.1566 0.8216 1.0696 0.0922  -0.0492 -0.0104 10  THR A OG1 
54  C CG2 . THR A 10  ? 1.0486 0.6670 0.9742 0.0876  -0.0755 0.0216  10  THR A CG2 
55  N N   . GLY A 11  ? 0.9389 0.7221 0.9113 0.0295  -0.0302 0.0125  11  GLY A N   
56  C CA  . GLY A 11  ? 0.8521 0.6639 0.8352 0.0156  -0.0171 0.0060  11  GLY A CA  
57  C C   . GLY A 11  ? 0.8377 0.6321 0.8188 -0.0073 -0.0179 0.0100  11  GLY A C   
58  O O   . GLY A 11  ? 0.8486 0.6156 0.8229 -0.0146 -0.0280 0.0195  11  GLY A O   
59  N N   . ARG A 12  ? 0.8639 0.6794 0.8571 -0.0186 -0.0066 0.0066  12  ARG A N   
60  C CA  . ARG A 12  ? 0.8765 0.6814 0.8721 -0.0353 -0.0038 0.0111  12  ARG A CA  
61  C C   . ARG A 12  ? 0.8323 0.6633 0.8493 -0.0463 0.0066  0.0081  12  ARG A C   
62  O O   . ARG A 12  ? 0.8238 0.6769 0.8539 -0.0460 0.0133  0.0047  12  ARG A O   
63  C CB  . ARG A 12  ? 0.8182 0.6042 0.7985 -0.0332 -0.0041 0.0105  12  ARG A CB  
64  C CG  . ARG A 12  ? 0.8968 0.6797 0.8835 -0.0474 -0.0014 0.0187  12  ARG A CG  
65  C CD  . ARG A 12  ? 0.8332 0.5986 0.7977 -0.0450 -0.0075 0.0189  12  ARG A CD  
66  N NE  . ARG A 12  ? 1.1186 0.9051 1.0815 -0.0399 0.0058  0.0194  12  ARG A NE  
67  C CZ  . ARG A 12  ? 1.0204 0.8199 0.9993 -0.0501 0.0143  0.0317  12  ARG A CZ  
68  N NH1 . ARG A 12  ? 1.1015 0.8971 1.1004 -0.0618 0.0138  0.0404  12  ARG A NH1 
69  N NH2 . ARG A 12  ? 0.9929 0.8137 0.9705 -0.0458 0.0264  0.0380  12  ARG A NH2 
70  N N   . PHE A 13  ? 0.7909 0.6191 0.8125 -0.0554 0.0079  0.0097  13  PHE A N   
71  C CA  . PHE A 13  ? 0.8305 0.6695 0.8678 -0.0643 0.0147  0.0015  13  PHE A CA  
72  C C   . PHE A 13  ? 0.7726 0.5950 0.8150 -0.0692 0.0218  0.0070  13  PHE A C   
73  O O   . PHE A 13  ? 0.8257 0.6399 0.8614 -0.0667 0.0207  0.0178  13  PHE A O   
74  C CB  . PHE A 13  ? 0.7797 0.6335 0.8133 -0.0640 0.0096  -0.0089 13  PHE A CB  
75  C CG  . PHE A 13  ? 0.8361 0.6854 0.8542 -0.0590 0.0100  -0.0036 13  PHE A CG  
76  C CD1 . PHE A 13  ? 0.7958 0.6397 0.8124 -0.0592 0.0180  -0.0099 13  PHE A CD1 
77  C CD2 . PHE A 13  ? 0.7889 0.6406 0.7957 -0.0523 0.0036  0.0100  13  PHE A CD2 
78  C CE1 . PHE A 13  ? 0.8534 0.7054 0.8571 -0.0509 0.0224  -0.0012 13  PHE A CE1 
79  C CE2 . PHE A 13  ? 0.7967 0.6540 0.7945 -0.0494 0.0056  0.0224  13  PHE A CE2 
80  C CZ  . PHE A 13  ? 0.8027 0.6659 0.7987 -0.0477 0.0166  0.0175  13  PHE A CZ  
81  N N   . SER A 14  ? 0.7774 0.5962 0.8363 -0.0768 0.0280  0.0022  14  SER A N   
82  C CA  . SER A 14  ? 0.7856 0.5861 0.8534 -0.0778 0.0357  0.0064  14  SER A CA  
83  C C   . SER A 14  ? 0.8077 0.5970 0.8844 -0.0833 0.0362  -0.0120 14  SER A C   
84  O O   . SER A 14  ? 0.8234 0.6192 0.9134 -0.0951 0.0313  -0.0187 14  SER A O   
85  C CB  . SER A 14  ? 0.7830 0.5790 0.8618 -0.0813 0.0403  0.0231  14  SER A CB  
86  O OG  . SER A 14  ? 0.9074 0.6885 0.9953 -0.0782 0.0463  0.0334  14  SER A OG  
87  N N   . LEU A 15  ? 0.8271 0.6006 0.8967 -0.0743 0.0409  -0.0206 15  LEU A N   
88  C CA  . LEU A 15  ? 0.8635 0.6176 0.9301 -0.0768 0.0375  -0.0463 15  LEU A CA  
89  C C   . LEU A 15  ? 0.8998 0.6203 0.9702 -0.0649 0.0479  -0.0496 15  LEU A C   
90  O O   . LEU A 15  ? 0.9370 0.6654 1.0034 -0.0483 0.0586  -0.0354 15  LEU A O   
91  C CB  . LEU A 15  ? 0.9233 0.6958 0.9608 -0.0686 0.0316  -0.0637 15  LEU A CB  
92  C CG  . LEU A 15  ? 1.0652 0.8181 1.0898 -0.0717 0.0225  -0.0968 15  LEU A CG  
93  C CD1 . LEU A 15  ? 1.1173 0.8948 1.1459 -0.0892 0.0043  -0.1054 15  LEU A CD1 
94  C CD2 . LEU A 15  ? 1.1580 0.9097 1.1460 -0.0483 0.0296  -0.1130 15  LEU A CD2 
95  N N   . GLU A 16  ? 0.9349 0.6179 1.0160 -0.0732 0.0435  -0.0666 16  GLU A N   
96  C CA  . GLU A 16  ? 1.0417 0.6818 1.1264 -0.0575 0.0529  -0.0724 16  GLU A CA  
97  C C   . GLU A 16  ? 1.0398 0.6307 1.1245 -0.0683 0.0404  -0.1044 16  GLU A C   
98  O O   . GLU A 16  ? 1.0414 0.6363 1.1381 -0.0952 0.0242  -0.1114 16  GLU A O   
99  C CB  . GLU A 16  ? 0.9838 0.6168 1.0991 -0.0585 0.0614  -0.0388 16  GLU A CB  
100 C CG  . GLU A 16  ? 0.9744 0.5861 1.1191 -0.0835 0.0538  -0.0304 16  GLU A CG  
101 C CD  . GLU A 16  ? 1.1097 0.7418 1.2751 -0.0877 0.0607  0.0087  16  GLU A CD  
102 O OE1 . GLU A 16  ? 1.3332 1.0044 1.4980 -0.0993 0.0579  0.0212  16  GLU A OE1 
103 O OE2 . GLU A 16  ? 1.1612 0.7713 1.3404 -0.0757 0.0688  0.0266  16  GLU A OE2 
104 N N   . PRO A 17  ? 1.0993 0.6418 1.1723 -0.0477 0.0462  -0.1245 17  PRO A N   
105 C CA  . PRO A 17  ? 1.2112 0.6920 1.2806 -0.0590 0.0297  -0.1604 17  PRO A CA  
106 C C   . PRO A 17  ? 1.1970 0.6450 1.3146 -0.0906 0.0197  -0.1414 17  PRO A C   
107 O O   . PRO A 17  ? 1.1793 0.6352 1.3277 -0.0911 0.0316  -0.1025 17  PRO A O   
108 C CB  . PRO A 17  ? 1.2419 0.6751 1.2860 -0.0205 0.0428  -0.1833 17  PRO A CB  
109 C CG  . PRO A 17  ? 1.1934 0.6803 1.2283 0.0102  0.0666  -0.1584 17  PRO A CG  
110 C CD  . PRO A 17  ? 1.1059 0.6535 1.1641 -0.0102 0.0669  -0.1190 17  PRO A CD  
111 N N   . ALA A 18  ? 1.2361 0.6519 1.3603 -0.1189 -0.0044 -0.1670 18  ALA A N   
112 C CA  . ALA A 18  ? 1.2721 0.6558 1.4463 -0.1553 -0.0180 -0.1500 18  ALA A CA  
113 C C   . ALA A 18  ? 1.3615 0.6555 1.5473 -0.1445 -0.0162 -0.1557 18  ALA A C   
114 O O   . ALA A 18  ? 1.4509 0.6913 1.5988 -0.1176 -0.0175 -0.1964 18  ALA A O   
115 C CB  . ALA A 18  ? 1.2937 0.6783 1.4737 -0.1917 -0.0486 -0.1760 18  ALA A CB  
116 N N   . PRO A 19  ? 1.5134 0.7886 1.7494 -0.1624 -0.0130 -0.1146 19  PRO A N   
117 C CA  . PRO A 19  ? 1.4266 0.6098 1.6788 -0.1518 -0.0128 -0.1155 19  PRO A CA  
118 C C   . PRO A 19  ? 1.5317 0.6296 1.7816 -0.1739 -0.0430 -0.1609 19  PRO A C   
119 O O   . PRO A 19  ? 1.6913 0.7049 1.9198 -0.1462 -0.0433 -0.1914 19  PRO A O   
120 C CB  . PRO A 19  ? 1.4124 0.6103 1.7215 -0.1739 -0.0054 -0.0533 19  PRO A CB  
121 C CG  . PRO A 19  ? 1.4979 0.7966 1.8158 -0.1943 -0.0011 -0.0257 19  PRO A CG  
122 C CD  . PRO A 19  ? 1.4435 0.7774 1.7241 -0.1957 -0.0125 -0.0678 19  PRO A CD  
123 N N   . GLN A 30  ? 1.4751 1.3092 1.9963 -0.4237 -0.1245 0.0034  30  GLN A N   
124 C CA  . GLN A 30  ? 1.4547 1.3929 1.9843 -0.4049 -0.1070 0.0295  30  GLN A CA  
125 C C   . GLN A 30  ? 1.3886 1.3368 1.8536 -0.3688 -0.1089 -0.0069 30  GLN A C   
126 O O   . GLN A 30  ? 1.2420 1.1847 1.6608 -0.3290 -0.0835 -0.0075 30  GLN A O   
127 C CB  . GLN A 30  ? 1.3698 1.3365 1.9037 -0.3811 -0.0673 0.0731  30  GLN A CB  
128 C CG  . GLN A 30  ? 1.4769 1.4426 2.0737 -0.4136 -0.0609 0.1192  30  GLN A CG  
129 C CD  . GLN A 30  ? 1.4939 1.3531 2.0783 -0.4202 -0.0642 0.1092  30  GLN A CD  
130 O OE1 . GLN A 30  ? 1.5493 1.3590 2.0770 -0.3848 -0.0499 0.0895  30  GLN A OE1 
131 N NE2 . GLN A 30  ? 1.3884 1.2119 2.0304 -0.4658 -0.0842 0.1248  30  GLN A NE2 
132 N N   . SER A 31  ? 1.5163 1.4809 1.9797 -0.3849 -0.1414 -0.0349 31  SER A N   
133 C CA  . SER A 31  ? 1.4984 1.4739 1.9012 -0.3531 -0.1460 -0.0661 31  SER A CA  
134 C C   . SER A 31  ? 1.4004 1.4699 1.8168 -0.3306 -0.1310 -0.0372 31  SER A C   
135 O O   . SER A 31  ? 1.3290 1.4476 1.7879 -0.3298 -0.1099 0.0026  31  SER A O   
136 C CB  . SER A 31  ? 1.5347 1.4907 1.9220 -0.3762 -0.1879 -0.1079 31  SER A CB  
137 O OG  . SER A 31  ? 1.4429 1.4133 1.7682 -0.3433 -0.1902 -0.1328 31  SER A OG  
138 N N   . VAL A 32  ? 1.3940 1.4895 1.7722 -0.3089 -0.1413 -0.0563 32  VAL A N   
139 C CA  . VAL A 32  ? 1.3204 1.4885 1.7018 -0.2781 -0.1253 -0.0321 32  VAL A CA  
140 C C   . VAL A 32  ? 1.1798 1.4391 1.6362 -0.2980 -0.1315 0.0018  32  VAL A C   
141 O O   . VAL A 32  ? 1.0580 1.3651 1.5394 -0.2791 -0.1041 0.0352  32  VAL A O   
142 C CB  . VAL A 32  ? 1.1964 1.3690 1.5236 -0.2519 -0.1371 -0.0553 32  VAL A CB  
143 C CG1 . VAL A 32  ? 1.2307 1.3212 1.4924 -0.2381 -0.1320 -0.0861 32  VAL A CG1 
144 C CG2 . VAL A 32  ? 1.2622 1.4781 1.6049 -0.2756 -0.1762 -0.0692 32  VAL A CG2 
145 N N   . MET A 33  ? 1.2676 1.5537 1.7620 -0.3370 -0.1676 -0.0056 33  MET A N   
146 C CA  . MET A 33  ? 1.1599 1.5505 1.7302 -0.3542 -0.1763 0.0297  33  MET A CA  
147 C C   . MET A 33  ? 1.1412 1.5615 1.7732 -0.3687 -0.1508 0.0730  33  MET A C   
148 O O   . MET A 33  ? 1.1521 1.6455 1.8091 -0.3413 -0.1225 0.1082  33  MET A O   
149 C CB  . MET A 33  ? 1.1258 1.5356 1.7270 -0.4006 -0.2264 0.0123  33  MET A CB  
150 C CG  . MET A 33  ? 1.2110 1.6125 1.7502 -0.3829 -0.2517 -0.0250 33  MET A CG  
151 S SD  . MET A 33  ? 1.3675 1.8571 1.8947 -0.3286 -0.2364 -0.0023 33  MET A SD  
152 C CE  . MET A 33  ? 0.9934 1.5995 1.6200 -0.3297 -0.2165 0.0572  33  MET A CE  
153 N N   . GLN A 34  ? 1.2001 1.5635 1.8549 -0.4093 -0.1604 0.0717  34  GLN A N   
154 C CA  . GLN A 34  ? 1.2651 1.6453 1.9737 -0.4257 -0.1361 0.1159  34  GLN A CA  
155 C C   . GLN A 34  ? 1.1884 1.5769 1.8599 -0.3740 -0.0888 0.1341  34  GLN A C   
156 O O   . GLN A 34  ? 1.2101 1.6719 1.9234 -0.3660 -0.0620 0.1785  34  GLN A O   
157 C CB  . GLN A 34  ? 1.3023 1.5828 2.0143 -0.4645 -0.1504 0.1030  34  GLN A CB  
158 C CG  . GLN A 34  ? 1.2132 1.4330 1.9146 -0.5010 -0.2001 0.0561  34  GLN A CG  
159 C CD  . GLN A 34  ? 1.4291 1.5824 2.0358 -0.4656 -0.2062 -0.0001 34  GLN A CD  
160 O OE1 . GLN A 34  ? 1.2670 1.4398 1.8256 -0.4176 -0.1805 -0.0020 34  GLN A OE1 
161 N NE2 . GLN A 34  ? 1.4963 1.5703 2.0759 -0.4895 -0.2411 -0.0454 34  GLN A NE2 
162 N N   . ALA A 35  ? 1.1377 1.4548 1.7296 -0.3386 -0.0791 0.1004  35  ALA A N   
163 C CA  . ALA A 35  ? 1.2022 1.5283 1.7535 -0.2894 -0.0424 0.1114  35  ALA A CA  
164 C C   . ALA A 35  ? 1.1769 1.5933 1.7402 -0.2580 -0.0341 0.1259  35  ALA A C   
165 O O   . ALA A 35  ? 1.1792 1.6559 1.7636 -0.2369 -0.0057 0.1587  35  ALA A O   
166 C CB  . ALA A 35  ? 1.1285 1.3664 1.6007 -0.2631 -0.0393 0.0746  35  ALA A CB  
167 N N   . LEU A 36  ? 1.1300 1.5615 1.6818 -0.2529 -0.0587 0.1038  36  LEU A N   
168 C CA  . LEU A 36  ? 1.0638 1.5705 1.6205 -0.2144 -0.0499 0.1170  36  LEU A CA  
169 C C   . LEU A 36  ? 1.0916 1.7112 1.7311 -0.2251 -0.0444 0.1596  36  LEU A C   
170 O O   . LEU A 36  ? 1.0366 1.7195 1.6831 -0.1835 -0.0195 0.1809  36  LEU A O   
171 C CB  . LEU A 36  ? 0.9595 1.4628 1.4871 -0.2050 -0.0779 0.0905  36  LEU A CB  
172 C CG  . LEU A 36  ? 1.0729 1.5019 1.5195 -0.1721 -0.0752 0.0606  36  LEU A CG  
173 C CD1 . LEU A 36  ? 1.0706 1.4826 1.4849 -0.1270 -0.0401 0.0706  36  LEU A CD1 
174 C CD2 . LEU A 36  ? 1.0988 1.4382 1.4986 -0.1917 -0.0881 0.0273  36  LEU A CD2 
175 N N   . GLU A 37  ? 1.1554 1.8031 1.8599 -0.2794 -0.0674 0.1736  37  GLU A N   
176 C CA  . GLU A 37  ? 0.9941 1.7599 1.7884 -0.2943 -0.0610 0.2225  37  GLU A CA  
177 C C   . GLU A 37  ? 0.9872 1.7784 1.7971 -0.2800 -0.0176 0.2604  37  GLU A C   
178 O O   . GLU A 37  ? 0.9362 1.8361 1.7999 -0.2644 0.0045  0.3028  37  GLU A O   
179 C CB  . GLU A 37  ? 1.0250 1.8104 1.8897 -0.3633 -0.1021 0.2296  37  GLU A CB  
180 C CG  . GLU A 37  ? 1.0200 1.8832 1.9248 -0.3762 -0.1394 0.2283  37  GLU A CG  
181 C CD  . GLU A 37  ? 1.2034 1.9888 2.0448 -0.3839 -0.1785 0.1735  37  GLU A CD  
182 O OE1 . GLU A 37  ? 1.2837 1.9602 2.0797 -0.4049 -0.1889 0.1395  37  GLU A OE1 
183 O OE2 . GLU A 37  ? 1.3576 2.1952 2.1950 -0.3665 -0.1980 0.1668  37  GLU A OE2 
184 N N   . SER A 38  ? 1.1143 1.8135 1.8777 -0.2829 -0.0042 0.2482  38  SER A N   
185 C CA  . SER A 38  ? 1.1695 1.8908 1.9387 -0.2689 0.0354  0.2844  38  SER A CA  
186 C C   . SER A 38  ? 1.1096 1.8715 1.8355 -0.2016 0.0719  0.2884  38  SER A C   
187 O O   . SER A 38  ? 1.1016 1.9290 1.8470 -0.1838 0.1060  0.3267  38  SER A O   
188 C CB  . SER A 38  ? 1.1451 1.7554 1.8680 -0.2825 0.0381  0.2684  38  SER A CB  
189 O OG  . SER A 38  ? 1.1448 1.7847 1.8988 -0.2923 0.0650  0.3140  38  SER A OG  
190 N N   . LEU A 39  ? 1.1121 1.8353 1.7782 -0.1632 0.0655  0.2504  39  LEU A N   
191 C CA  . LEU A 39  ? 1.1697 1.9129 1.7894 -0.0984 0.0960  0.2483  39  LEU A CA  
192 C C   . LEU A 39  ? 0.9659 1.8403 1.6464 -0.0747 0.1180  0.2893  39  LEU A C   
193 O O   . LEU A 39  ? 0.9039 1.8528 1.6496 -0.0924 0.0991  0.3050  39  LEU A O   
194 C CB  . LEU A 39  ? 1.0684 1.7536 1.6286 -0.0662 0.0804  0.2073  39  LEU A CB  
195 C CG  . LEU A 39  ? 1.0479 1.6124 1.5355 -0.0697 0.0661  0.1666  39  LEU A CG  
196 C CD1 . LEU A 39  ? 1.1717 1.6833 1.6073 -0.0511 0.0910  0.1635  39  LEU A CD1 
197 C CD2 . LEU A 39  ? 1.1658 1.6843 1.6680 -0.1223 0.0363  0.1526  39  LEU A CD2 
198 N N   . THR A 40  ? 0.9979 1.9048 1.6547 -0.0320 0.1578  0.3068  40  THR A N   
199 C CA  . THR A 40  ? 1.0220 2.0571 1.7272 0.0034  0.1866  0.3453  40  THR A CA  
200 C C   . THR A 40  ? 1.0175 2.0556 1.6840 0.0679  0.1911  0.3207  40  THR A C   
201 O O   . THR A 40  ? 1.1058 2.0416 1.6968 0.0902  0.1801  0.2772  40  THR A O   
202 C CB  . THR A 40  ? 1.0578 2.1327 1.7485 0.0264  0.2301  0.3754  40  THR A CB  
203 O OG1 . THR A 40  ? 1.1062 2.1275 1.7019 0.0917  0.2519  0.3426  40  THR A OG1 
204 C CG2 . THR A 40  ? 1.1080 2.1269 1.8009 -0.0281 0.2236  0.3864  40  THR A CG2 
205 N N   . GLU A 41  ? 0.9340 2.0938 1.6581 0.0986  0.2080  0.3531  41  GLU A N   
206 C CA  . GLU A 41  ? 1.0717 2.2432 1.7765 0.1578  0.2079  0.3360  41  GLU A CA  
207 C C   . GLU A 41  ? 1.1591 2.2417 1.7604 0.2222  0.2295  0.2980  41  GLU A C   
208 O O   . GLU A 41  ? 1.2408 2.2402 1.7909 0.2453  0.2107  0.2615  41  GLU A O   
209 C CB  . GLU A 41  ? 0.8945 2.2244 1.6834 0.1861  0.2291  0.3835  41  GLU A CB  
210 C CG  . GLU A 41  ? 1.0392 2.4716 1.9421 0.1184  0.2050  0.4270  41  GLU A CG  
211 C CD  . GLU A 41  ? 1.0172 2.4832 1.9646 0.0635  0.2167  0.4638  41  GLU A CD  
212 O OE1 . GLU A 41  ? 1.0298 2.3895 1.9241 0.0339  0.2116  0.4414  41  GLU A OE1 
213 O OE2 . GLU A 41  ? 0.9842 2.5892 2.0265 0.0499  0.2307  0.5202  41  GLU A OE2 
214 N N   . THR A 42  ? 1.2418 2.3397 1.8098 0.2505  0.2670  0.3070  42  THR A N   
215 C CA  . THR A 42  ? 1.2646 2.2719 1.7288 0.3082  0.2824  0.2663  42  THR A CA  
216 C C   . THR A 42  ? 1.1450 2.0102 1.5411 0.2737  0.2558  0.2267  42  THR A C   
217 O O   . THR A 42  ? 1.2430 2.0130 1.5605 0.3096  0.2508  0.1865  42  THR A O   
218 C CB  . THR A 42  ? 1.3755 2.4457 1.8154 0.3516  0.3292  0.2854  42  THR A CB  
219 O OG1 . THR A 42  ? 1.6008 2.5616 1.9310 0.3871  0.3347  0.2409  42  THR A OG1 
220 C CG2 . THR A 42  ? 1.3031 2.4453 1.8001 0.2976  0.3411  0.3325  42  THR A CG2 
221 N N   . GLN A 43  ? 1.2324 2.0807 1.6595 0.2054  0.2377  0.2381  43  GLN A N   
222 C CA  . GLN A 43  ? 1.1500 1.8742 1.5281 0.1715  0.2081  0.2029  43  GLN A CA  
223 C C   . GLN A 43  ? 1.1084 1.7823 1.4755 0.1790  0.1789  0.1757  43  GLN A C   
224 O O   . GLN A 43  ? 1.1294 1.7076 1.4289 0.1993  0.1690  0.1413  43  GLN A O   
225 C CB  . GLN A 43  ? 1.1322 1.8549 1.5582 0.1005  0.1915  0.2209  43  GLN A CB  
226 C CG  . GLN A 43  ? 1.1852 1.8684 1.5807 0.0817  0.2035  0.2265  43  GLN A CG  
227 C CD  . GLN A 43  ? 1.1994 1.8471 1.6328 0.0148  0.1795  0.2334  43  GLN A CD  
228 O OE1 . GLN A 43  ? 1.2462 1.9221 1.7388 -0.0198 0.1577  0.2406  43  GLN A OE1 
229 N NE2 . GLN A 43  ? 1.1001 1.6858 1.4984 -0.0016 0.1818  0.2304  43  GLN A NE2 
230 N N   . VAL A 44  ? 1.1046 1.8471 1.5405 0.1611  0.1634  0.1942  44  VAL A N   
231 C CA  . VAL A 44  ? 1.0502 1.7623 1.4810 0.1691  0.1358  0.1761  44  VAL A CA  
232 C C   . VAL A 44  ? 1.0578 1.7497 1.4439 0.2400  0.1495  0.1617  44  VAL A C   
233 O O   . VAL A 44  ? 1.1682 1.7688 1.5019 0.2538  0.1328  0.1337  44  VAL A O   
234 C CB  . VAL A 44  ? 1.0297 1.8393 1.5465 0.1387  0.1172  0.2036  44  VAL A CB  
235 C CG1 . VAL A 44  ? 0.9444 1.7200 1.4533 0.1327  0.0828  0.1863  44  VAL A CG1 
236 C CG2 . VAL A 44  ? 1.0612 1.8847 1.6214 0.0707  0.1060  0.2175  44  VAL A CG2 
237 N N   . SER A 45  ? 1.1099 1.8825 1.5141 0.2873  0.1814  0.1812  45  SER A N   
238 C CA  . SER A 45  ? 1.1571 1.9128 1.5230 0.3615  0.1948  0.1668  45  SER A CA  
239 C C   . SER A 45  ? 1.1666 1.7915 1.4352 0.3848  0.1945  0.1252  45  SER A C   
240 O O   . SER A 45  ? 1.1541 1.7065 1.3833 0.4195  0.1819  0.1022  45  SER A O   
241 C CB  . SER A 45  ? 1.2289 2.1005 1.6282 0.4119  0.2345  0.1950  45  SER A CB  
242 O OG  . SER A 45  ? 1.2897 2.2895 1.7856 0.3743  0.2361  0.2401  45  SER A OG  
243 N N   . ASP A 46  ? 1.2025 1.7956 1.4339 0.3645  0.2057  0.1173  46  ASP A N   
244 C CA  . ASP A 46  ? 1.2855 1.7573 1.4278 0.3779  0.1992  0.0783  46  ASP A CA  
245 C C   . ASP A 46  ? 1.2161 1.5901 1.3405 0.3460  0.1620  0.0581  46  ASP A C   
246 O O   . ASP A 46  ? 1.1104 1.3919 1.1789 0.3729  0.1500  0.0301  46  ASP A O   
247 C CB  . ASP A 46  ? 1.3092 1.7745 1.4250 0.3510  0.2119  0.0801  46  ASP A CB  
248 C CG  . ASP A 46  ? 1.3381 1.8669 1.4315 0.3998  0.2506  0.0887  46  ASP A CG  
249 O OD1 . ASP A 46  ? 1.2440 1.8331 1.3517 0.4541  0.2706  0.0956  46  ASP A OD1 
250 O OD2 . ASP A 46  ? 1.4496 1.9684 1.5075 0.3869  0.2616  0.0891  46  ASP A OD2 
251 N N   . PHE A 47  ? 1.1222 1.5146 1.2928 0.2884  0.1432  0.0725  47  PHE A N   
252 C CA  . PHE A 47  ? 1.0861 1.3955 1.2371 0.2567  0.1122  0.0563  47  PHE A CA  
253 C C   . PHE A 47  ? 1.0966 1.3919 1.2521 0.2846  0.0961  0.0547  47  PHE A C   
254 O O   . PHE A 47  ? 1.1588 1.3645 1.2671 0.3001  0.0828  0.0355  47  PHE A O   
255 C CB  . PHE A 47  ? 1.0038 1.3390 1.1975 0.1943  0.0986  0.0690  47  PHE A CB  
256 C CG  . PHE A 47  ? 0.9587 1.2267 1.1359 0.1653  0.0703  0.0554  47  PHE A CG  
257 C CD1 . PHE A 47  ? 0.9338 1.1077 1.0550 0.1639  0.0626  0.0348  47  PHE A CD1 
258 C CD2 . PHE A 47  ? 0.9513 1.2558 1.1679 0.1402  0.0508  0.0646  47  PHE A CD2 
259 C CE1 . PHE A 47  ? 0.9301 1.0539 1.0395 0.1396  0.0405  0.0280  47  PHE A CE1 
260 C CE2 . PHE A 47  ? 0.9340 1.1840 1.1292 0.1189  0.0282  0.0534  47  PHE A CE2 
261 C CZ  . PHE A 47  ? 0.9701 1.1325 1.1138 0.1193  0.0252  0.0371  47  PHE A CZ  
262 N N   . LEU A 48  ? 1.0807 1.4661 1.2959 0.2908  0.0955  0.0785  48  LEU A N   
263 C CA  . LEU A 48  ? 1.0288 1.4082 1.2520 0.3175  0.0787  0.0828  48  LEU A CA  
264 C C   . LEU A 48  ? 1.0350 1.3705 1.2199 0.3854  0.0907  0.0710  48  LEU A C   
265 O O   . LEU A 48  ? 1.0932 1.3955 1.2734 0.4104  0.0752  0.0728  48  LEU A O   
266 C CB  . LEU A 48  ? 1.0766 1.5720 1.3744 0.3113  0.0734  0.1129  48  LEU A CB  
267 C CG  . LEU A 48  ? 1.1506 1.6815 1.4863 0.2460  0.0506  0.1212  48  LEU A CG  
268 C CD1 . LEU A 48  ? 1.1321 1.7152 1.5000 0.2138  0.0662  0.1308  48  LEU A CD1 
269 C CD2 . LEU A 48  ? 1.1202 1.7392 1.5126 0.2501  0.0331  0.1452  48  LEU A CD2 
270 N N   . SER A 49  ? 1.0835 1.4156 1.2383 0.4179  0.1172  0.0588  49  SER A N   
271 C CA  . SER A 49  ? 1.2133 1.4814 1.3175 0.4835  0.1256  0.0378  49  SER A CA  
272 C C   . SER A 49  ? 1.2618 1.3928 1.2937 0.4727  0.1074  0.0048  49  SER A C   
273 O O   . SER A 49  ? 1.3517 1.4000 1.3479 0.5100  0.0963  -0.0113 49  SER A O   
274 C CB  . SER A 49  ? 1.1918 1.5193 1.2866 0.5325  0.1632  0.0362  49  SER A CB  
275 O OG  . SER A 49  ? 1.2254 1.5802 1.3136 0.4956  0.1769  0.0376  49  SER A OG  
276 N N   . GLY A 50  ? 1.1523 1.2579 1.1662 0.4216  0.1024  -0.0030 50  GLY A N   
277 C CA  . GLY A 50  ? 1.1883 1.1796 1.1378 0.4099  0.0869  -0.0318 50  GLY A CA  
278 C C   . GLY A 50  ? 1.2986 1.2788 1.1986 0.4238  0.1050  -0.0522 50  GLY A C   
279 O O   . GLY A 50  ? 1.4766 1.3643 1.3201 0.4151  0.0894  -0.0780 50  GLY A O   
280 N N   . ARG A 51  ? 1.2806 1.3575 1.2014 0.4431  0.1362  -0.0384 51  ARG A N   
281 C CA  . ARG A 51  ? 1.2614 1.3381 1.1288 0.4664  0.1572  -0.0550 51  ARG A CA  
282 C C   . ARG A 51  ? 1.2590 1.3484 1.1260 0.4117  0.1570  -0.0460 51  ARG A C   
283 O O   . ARG A 51  ? 1.3894 1.4610 1.2009 0.4241  0.1668  -0.0615 51  ARG A O   
284 C CB  . ARG A 51  ? 1.3156 1.4978 1.2043 0.5197  0.1952  -0.0391 51  ARG A CB  
285 C CG  . ARG A 51  ? 1.3892 1.5616 1.2808 0.5818  0.1973  -0.0464 51  ARG A CG  
286 C CD  . ARG A 51  ? 1.4007 1.6826 1.3106 0.6423  0.2385  -0.0308 51  ARG A CD  
287 N NE  . ARG A 51  ? 1.4415 1.8581 1.4495 0.6180  0.2504  0.0179  51  ARG A NE  
288 C CZ  . ARG A 51  ? 1.4845 1.9975 1.5334 0.5822  0.2693  0.0488  51  ARG A CZ  
289 N NH1 . ARG A 51  ? 1.4729 1.9640 1.4742 0.5643  0.2783  0.0392  51  ARG A NH1 
290 N NH2 . ARG A 51  ? 1.4775 2.1110 1.6194 0.5620  0.2763  0.0925  51  ARG A NH2 
291 N N   . SER A 52  ? 1.1852 1.3029 1.1088 0.3547  0.1453  -0.0224 52  SER A N   
292 C CA  . SER A 52  ? 1.1827 1.3032 1.1091 0.3047  0.1436  -0.0130 52  SER A CA  
293 C C   . SER A 52  ? 1.2287 1.3203 1.1898 0.2509  0.1178  -0.0062 52  SER A C   
294 O O   . SER A 52  ? 1.1678 1.2925 1.1766 0.2431  0.1107  0.0067  52  SER A O   
295 C CB  . SER A 52  ? 1.0634 1.2922 1.0338 0.2973  0.1727  0.0196  52  SER A CB  
296 O OG  . SER A 52  ? 1.2309 1.4783 1.1523 0.3346  0.1973  0.0143  52  SER A OG  
297 N N   . PRO A 53  ? 1.1363 1.1736 1.0745 0.2156  0.1039  -0.0133 53  PRO A N   
298 C CA  . PRO A 53  ? 1.1360 1.1645 1.1107 0.1666  0.0869  -0.0032 53  PRO A CA  
299 C C   . PRO A 53  ? 0.9987 1.1088 1.0341 0.1406  0.0996  0.0231  53  PRO A C   
300 O O   . PRO A 53  ? 0.9991 1.1715 1.0491 0.1520  0.1221  0.0389  53  PRO A O   
301 C CB  . PRO A 53  ? 1.0413 1.0089 0.9794 0.1427  0.0760  -0.0127 53  PRO A CB  
302 C CG  . PRO A 53  ? 1.1688 1.1447 1.0646 0.1690  0.0922  -0.0185 53  PRO A CG  
303 C CD  . PRO A 53  ? 1.1607 1.1492 1.0385 0.2206  0.1030  -0.0300 53  PRO A CD  
304 N N   . LEU A 54  ? 0.9682 1.0776 1.0383 0.1051  0.0840  0.0282  54  LEU A N   
305 C CA  . LEU A 54  ? 0.8508 1.0178 0.9768 0.0711  0.0874  0.0482  54  LEU A CA  
306 C C   . LEU A 54  ? 0.8998 1.0183 1.0227 0.0319  0.0746  0.0433  54  LEU A C   
307 O O   . LEU A 54  ? 0.9320 1.0005 1.0353 0.0257  0.0577  0.0289  54  LEU A O   
308 C CB  . LEU A 54  ? 0.8894 1.1069 1.0602 0.0690  0.0776  0.0553  54  LEU A CB  
309 C CG  . LEU A 54  ? 0.9004 1.1658 1.1285 0.0270  0.0714  0.0709  54  LEU A CG  
310 C CD1 . LEU A 54  ? 0.8574 1.1935 1.1218 0.0275  0.0941  0.0976  54  LEU A CD1 
311 C CD2 . LEU A 54  ? 0.9313 1.2348 1.1917 0.0234  0.0528  0.0718  54  LEU A CD2 
312 N N   . THR A 55  ? 0.9030 1.0377 1.0464 0.0080  0.0839  0.0583  55  THR A N   
313 C CA  . THR A 55  ? 0.7949 0.8814 0.9349 -0.0225 0.0748  0.0548  55  THR A CA  
314 C C   . THR A 55  ? 0.8607 0.9756 1.0539 -0.0577 0.0729  0.0694  55  THR A C   
315 O O   . THR A 55  ? 0.8115 0.9806 1.0399 -0.0634 0.0860  0.0932  55  THR A O   
316 C CB  . THR A 55  ? 0.8932 0.9483 0.9963 -0.0156 0.0837  0.0576  55  THR A CB  
317 O OG1 . THR A 55  ? 1.0498 1.0768 1.1659 -0.0446 0.0797  0.0642  55  THR A OG1 
318 C CG2 . THR A 55  ? 0.8296 0.9337 0.9307 0.0029  0.1050  0.0752  55  THR A CG2 
319 N N   . LEU A 56  ? 0.8057 0.8841 1.0047 -0.0809 0.0560  0.0557  56  LEU A N   
320 C CA  . LEU A 56  ? 0.7794 0.8725 1.0246 -0.1146 0.0458  0.0597  56  LEU A CA  
321 C C   . LEU A 56  ? 0.7885 0.8220 1.0277 -0.1350 0.0411  0.0530  56  LEU A C   
322 O O   . LEU A 56  ? 0.8500 0.8366 1.0512 -0.1234 0.0404  0.0398  56  LEU A O   
323 C CB  . LEU A 56  ? 0.7781 0.8863 1.0316 -0.1190 0.0256  0.0429  56  LEU A CB  
324 C CG  . LEU A 56  ? 0.8758 1.0400 1.1357 -0.0943 0.0264  0.0482  56  LEU A CG  
325 C CD1 . LEU A 56  ? 0.9756 1.1556 1.2449 -0.1035 0.0024  0.0346  56  LEU A CD1 
326 C CD2 . LEU A 56  ? 0.7731 1.0095 1.0785 -0.0941 0.0417  0.0767  56  LEU A CD2 
327 N N   . ALA A 57  ? 0.8046 0.8409 1.0863 -0.1653 0.0369  0.0639  57  ALA A N   
328 C CA  . ALA A 57  ? 0.8259 0.8009 1.1085 -0.1839 0.0299  0.0550  57  ALA A CA  
329 C C   . ALA A 57  ? 0.9068 0.8784 1.2203 -0.2134 0.0072  0.0397  57  ALA A C   
330 O O   . ALA A 57  ? 0.9758 0.9859 1.3397 -0.2384 0.0023  0.0586  57  ALA A O   
331 C CB  . ALA A 57  ? 0.8380 0.8045 1.1401 -0.1928 0.0447  0.0855  57  ALA A CB  
332 N N   . LEU A 58  ? 0.8657 0.7961 1.1491 -0.2108 -0.0079 0.0063  58  LEU A N   
333 C CA  . LEU A 58  ? 1.1349 1.0627 1.4363 -0.2364 -0.0340 -0.0151 58  LEU A CA  
334 C C   . LEU A 58  ? 1.0802 0.9342 1.3498 -0.2372 -0.0446 -0.0486 58  LEU A C   
335 O O   . LEU A 58  ? 1.0655 0.8882 1.2937 -0.2110 -0.0323 -0.0581 58  LEU A O   
336 C CB  . LEU A 58  ? 1.1157 1.0989 1.4090 -0.2270 -0.0458 -0.0239 58  LEU A CB  
337 C CG  . LEU A 58  ? 0.8676 0.8490 1.1090 -0.1905 -0.0363 -0.0326 58  LEU A CG  
338 C CD1 . LEU A 58  ? 1.1254 1.0678 1.3258 -0.1866 -0.0501 -0.0650 58  LEU A CD1 
339 C CD2 . LEU A 58  ? 1.0027 1.0491 1.2520 -0.1753 -0.0370 -0.0204 58  LEU A CD2 
340 N N   . ARG A 59  ? 1.2591 1.0860 1.5502 -0.2673 -0.0683 -0.0663 59  ARG A N   
341 C CA  . ARG A 59  ? 1.2170 0.9749 1.4715 -0.2650 -0.0824 -0.1072 59  ARG A CA  
342 C C   . ARG A 59  ? 1.2319 1.0183 1.4537 -0.2610 -0.1035 -0.1373 59  ARG A C   
343 O O   . ARG A 59  ? 1.4236 1.2612 1.6751 -0.2832 -0.1235 -0.1330 59  ARG A O   
344 C CB  . ARG A 59  ? 1.2339 0.9334 1.5235 -0.2995 -0.1007 -0.1147 59  ARG A CB  
345 C CG  . ARG A 59  ? 1.3247 0.9427 1.5736 -0.2969 -0.1201 -0.1655 59  ARG A CG  
346 C CD  . ARG A 59  ? 1.4423 1.0791 1.6679 -0.3101 -0.1537 -0.2038 59  ARG A CD  
347 N NE  . ARG A 59  ? 1.5147 1.0736 1.7246 -0.3288 -0.1847 -0.2494 59  ARG A NE  
348 C CZ  . ARG A 59  ? 1.5731 1.1419 1.7710 -0.3513 -0.2225 -0.2826 59  ARG A CZ  
349 N NH1 . ARG A 59  ? 1.6022 1.2591 1.8024 -0.3545 -0.2321 -0.2730 59  ARG A NH1 
350 N NH2 . ARG A 59  ? 1.5481 1.0340 1.7302 -0.3702 -0.2536 -0.3272 59  ARG A NH2 
351 N N   . VAL A 60  ? 1.2546 1.0158 1.4178 -0.2317 -0.0984 -0.1634 60  VAL A N   
352 C CA  . VAL A 60  ? 1.2310 1.0109 1.3530 -0.2256 -0.1189 -0.1941 60  VAL A CA  
353 C C   . VAL A 60  ? 1.1839 0.8955 1.2541 -0.2109 -0.1223 -0.2355 60  VAL A C   
354 O O   . VAL A 60  ? 1.1579 0.8423 1.2018 -0.1812 -0.0969 -0.2331 60  VAL A O   
355 C CB  . VAL A 60  ? 1.1837 1.0213 1.2805 -0.1974 -0.1059 -0.1771 60  VAL A CB  
356 C CG1 . VAL A 60  ? 1.1486 0.9679 1.2259 -0.1678 -0.0744 -0.1601 60  VAL A CG1 
357 C CG2 . VAL A 60  ? 1.3107 1.1645 1.3575 -0.1871 -0.1249 -0.2058 60  VAL A CG2 
358 N N   . GLY A 61  ? 1.2801 0.9652 1.3367 -0.2307 -0.1544 -0.2737 61  GLY A N   
359 C CA  . GLY A 61  ? 1.4355 1.0498 1.4365 -0.2132 -0.1591 -0.3201 61  GLY A CA  
360 C C   . GLY A 61  ? 1.4089 0.9477 1.4269 -0.2070 -0.1407 -0.3171 61  GLY A C   
361 O O   . GLY A 61  ? 1.3918 0.8990 1.4641 -0.2385 -0.1497 -0.3033 61  GLY A O   
362 N N   . ASP A 62  ? 1.4431 0.9573 1.4178 -0.1651 -0.1143 -0.3256 62  ASP A N   
363 C CA  . ASP A 62  ? 1.4802 0.9273 1.4659 -0.1493 -0.0946 -0.3219 62  ASP A CA  
364 C C   . ASP A 62  ? 1.3868 0.8692 1.4074 -0.1380 -0.0627 -0.2691 62  ASP A C   
365 O O   . ASP A 62  ? 1.3382 0.7772 1.3726 -0.1231 -0.0450 -0.2573 62  ASP A O   
366 C CB  . ASP A 62  ? 1.6431 1.0487 1.5622 -0.1056 -0.0837 -0.3622 62  ASP A CB  
367 C CG  . ASP A 62  ? 1.7509 1.1731 1.6082 -0.1010 -0.1064 -0.4068 62  ASP A CG  
368 O OD1 . ASP A 62  ? 1.7425 1.1029 1.5785 -0.1158 -0.1371 -0.4541 62  ASP A OD1 
369 O OD2 . ASP A 62  ? 1.6329 1.1284 1.4626 -0.0843 -0.0960 -0.3929 62  ASP A OD2 
370 N N   . HIS A 63  ? 1.2390 0.7964 1.2716 -0.1426 -0.0568 -0.2385 63  HIS A N   
371 C CA  . HIS A 63  ? 1.2103 0.8000 1.2628 -0.1292 -0.0304 -0.1955 63  HIS A CA  
372 C C   . HIS A 63  ? 1.0875 0.7103 1.1915 -0.1579 -0.0335 -0.1610 63  HIS A C   
373 O O   . HIS A 63  ? 1.1294 0.7623 1.2599 -0.1882 -0.0541 -0.1648 63  HIS A O   
374 C CB  . HIS A 63  ? 1.0953 0.7384 1.1132 -0.1035 -0.0176 -0.1873 63  HIS A CB  
375 C CG  . HIS A 63  ? 1.2214 0.8467 1.1923 -0.0698 -0.0058 -0.2097 63  HIS A CG  
376 N ND1 . HIS A 63  ? 1.3925 1.0019 1.3182 -0.0622 -0.0197 -0.2519 63  HIS A ND1 
377 C CD2 . HIS A 63  ? 1.3064 0.9326 1.2686 -0.0401 0.0191  -0.1948 63  HIS A CD2 
378 C CE1 . HIS A 63  ? 1.5094 1.1120 1.3972 -0.0253 -0.0002 -0.2622 63  HIS A CE1 
379 N NE2 . HIS A 63  ? 1.4316 1.0473 1.3454 -0.0121 0.0238  -0.2257 63  HIS A NE2 
380 N N   . MET A 64  ? 1.0560 0.7002 1.1734 -0.1469 -0.0128 -0.1261 64  MET A N   
381 C CA  . MET A 64  ? 1.0130 0.6842 1.1727 -0.1656 -0.0088 -0.0911 64  MET A CA  
382 C C   . MET A 64  ? 0.9591 0.6794 1.1056 -0.1479 0.0050  -0.0689 64  MET A C   
383 O O   . MET A 64  ? 0.9370 0.6512 1.0602 -0.1252 0.0174  -0.0649 64  MET A O   
384 C CB  . MET A 64  ? 1.0237 0.6466 1.2103 -0.1702 -0.0006 -0.0749 64  MET A CB  
385 C CG  . MET A 64  ? 1.1198 0.7395 1.3573 -0.2038 -0.0085 -0.0535 64  MET A CG  
386 S SD  . MET A 64  ? 1.5393 1.0863 1.7957 -0.1997 0.0002  -0.0395 64  MET A SD  
387 C CE  . MET A 64  ? 1.1949 0.7857 1.4651 -0.1892 0.0238  0.0134  64  MET A CE  
388 N N   . MET A 65  ? 0.9034 0.6720 1.0642 -0.1575 0.0010  -0.0561 65  MET A N   
389 C CA  . MET A 65  ? 0.8800 0.6855 1.0194 -0.1389 0.0073  -0.0464 65  MET A CA  
390 C C   . MET A 65  ? 0.9037 0.7433 1.0635 -0.1408 0.0159  -0.0192 65  MET A C   
391 O O   . MET A 65  ? 0.9312 0.7968 1.1242 -0.1579 0.0126  -0.0094 65  MET A O   
392 C CB  . MET A 65  ? 1.0386 0.8722 1.1608 -0.1365 -0.0068 -0.0639 65  MET A CB  
393 C CG  . MET A 65  ? 1.0887 0.9472 1.1871 -0.1156 -0.0019 -0.0538 65  MET A CG  
394 S SD  . MET A 65  ? 1.3226 1.1984 1.3866 -0.1043 -0.0145 -0.0710 65  MET A SD  
395 C CE  . MET A 65  ? 1.0703 0.9962 1.1597 -0.1162 -0.0315 -0.0701 65  MET A CE  
396 N N   . PHE A 66  ? 0.8100 0.6516 0.9495 -0.1228 0.0262  -0.0067 66  PHE A N   
397 C CA  . PHE A 66  ? 0.8343 0.7067 0.9745 -0.1149 0.0336  0.0114  66  PHE A CA  
398 C C   . PHE A 66  ? 0.8060 0.6918 0.9202 -0.0975 0.0283  0.0035  66  PHE A C   
399 O O   . PHE A 66  ? 0.8092 0.6739 0.8999 -0.0891 0.0249  -0.0031 66  PHE A O   
400 C CB  . PHE A 66  ? 0.8439 0.7005 0.9746 -0.1081 0.0443  0.0288  66  PHE A CB  
401 C CG  . PHE A 66  ? 0.8166 0.6729 0.9757 -0.1218 0.0523  0.0487  66  PHE A CG  
402 C CD1 . PHE A 66  ? 0.9158 0.8120 1.0965 -0.1280 0.0592  0.0664  66  PHE A CD1 
403 C CD2 . PHE A 66  ? 0.8187 0.6385 0.9847 -0.1259 0.0547  0.0547  66  PHE A CD2 
404 C CE1 . PHE A 66  ? 0.8228 0.7226 1.0332 -0.1426 0.0676  0.0929  66  PHE A CE1 
405 C CE2 . PHE A 66  ? 0.8374 0.6532 1.0314 -0.1382 0.0617  0.0790  66  PHE A CE2 
406 C CZ  . PHE A 66  ? 0.8390 0.6947 1.0557 -0.1487 0.0677  0.0994  66  PHE A CZ  
407 N N   . VAL A 67  ? 0.7969 0.7194 0.9186 -0.0909 0.0279  0.0074  67  VAL A N   
408 C CA  . VAL A 67  ? 0.7798 0.7078 0.8782 -0.0712 0.0225  0.0028  67  VAL A CA  
409 C C   . VAL A 67  ? 0.8095 0.7582 0.9037 -0.0530 0.0315  0.0124  67  VAL A C   
410 O O   . VAL A 67  ? 0.8577 0.8445 0.9774 -0.0561 0.0403  0.0230  67  VAL A O   
411 C CB  . VAL A 67  ? 0.8519 0.8055 0.9591 -0.0728 0.0099  -0.0063 67  VAL A CB  
412 C CG1 . VAL A 67  ? 0.8647 0.8122 0.9458 -0.0518 0.0039  -0.0065 67  VAL A CG1 
413 C CG2 . VAL A 67  ? 0.8144 0.7519 0.9217 -0.0896 0.0013  -0.0202 67  VAL A CG2 
414 N N   . GLN A 68  ? 0.7830 0.7061 0.8445 -0.0342 0.0292  0.0093  68  GLN A N   
415 C CA  . GLN A 68  ? 0.8657 0.7997 0.9119 -0.0089 0.0351  0.0102  68  GLN A CA  
416 C C   . GLN A 68  ? 0.8922 0.8188 0.9275 0.0098  0.0245  0.0038  68  GLN A C   
417 O O   . GLN A 68  ? 0.8390 0.7324 0.8611 0.0047  0.0124  0.0009  68  GLN A O   
418 C CB  . GLN A 68  ? 0.8565 0.7567 0.8682 -0.0012 0.0372  0.0090  68  GLN A CB  
419 C CG  . GLN A 68  ? 0.9340 0.8277 0.9147 0.0302  0.0388  0.0007  68  GLN A CG  
420 C CD  . GLN A 68  ? 1.0370 0.9213 0.9860 0.0385  0.0452  0.0001  68  GLN A CD  
421 O OE1 . GLN A 68  ? 1.3219 1.1615 1.2417 0.0333  0.0323  -0.0064 68  GLN A OE1 
422 N NE2 . GLN A 68  ? 1.0274 0.9596 0.9827 0.0503  0.0646  0.0095  68  GLN A NE2 
423 N N   . LEU A 69  ? 0.8909 0.8529 0.9349 0.0327  0.0302  0.0058  69  LEU A N   
424 C CA  . LEU A 69  ? 0.8387 0.8015 0.8807 0.0534  0.0207  0.0044  69  LEU A CA  
425 C C   . LEU A 69  ? 1.0062 0.9603 1.0259 0.0927  0.0275  -0.0003 69  LEU A C   
426 O O   . LEU A 69  ? 1.0099 1.0006 1.0341 0.1075  0.0446  0.0021  69  LEU A O   
427 C CB  . LEU A 69  ? 0.8205 0.8455 0.9033 0.0473  0.0181  0.0127  69  LEU A CB  
428 C CG  . LEU A 69  ? 0.9316 0.9580 1.0261 0.0164  0.0052  0.0107  69  LEU A CG  
429 C CD1 . LEU A 69  ? 0.9376 1.0226 1.0746 -0.0034 0.0037  0.0151  69  LEU A CD1 
430 C CD2 . LEU A 69  ? 0.9544 0.9676 1.0345 0.0270  -0.0097 0.0118  69  LEU A CD2 
431 N N   . GLN A 70  ? 1.0352 0.9416 1.0312 0.1115  0.0146  -0.0058 70  GLN A N   
432 C CA  . GLN A 70  ? 1.0673 0.9519 1.0379 0.1539  0.0185  -0.0152 70  GLN A CA  
433 C C   . GLN A 70  ? 1.0355 0.9067 1.0123 0.1758  0.0060  -0.0093 70  GLN A C   
434 O O   . GLN A 70  ? 1.0304 0.8560 0.9995 0.1613  -0.0119 -0.0047 70  GLN A O   
435 C CB  . GLN A 70  ? 1.0452 0.8564 0.9666 0.1571  0.0117  -0.0326 70  GLN A CB  
436 C CG  . GLN A 70  ? 1.2059 0.9776 1.0902 0.2033  0.0120  -0.0501 70  GLN A CG  
437 C CD  . GLN A 70  ? 1.4100 1.1824 1.2568 0.2190  0.0258  -0.0661 70  GLN A CD  
438 O OE1 . GLN A 70  ? 1.5337 1.2757 1.3564 0.1947  0.0180  -0.0725 70  GLN A OE1 
439 N NE2 . GLN A 70  ? 1.3347 1.1487 1.1760 0.2619  0.0470  -0.0702 70  GLN A NE2 
440 N N   . LEU A 71  ? 1.0924 1.0079 1.0856 0.2120  0.0162  -0.0049 71  LEU A N   
441 C CA  . LEU A 71  ? 1.1790 1.0780 1.1763 0.2409  0.0048  0.0028  71  LEU A CA  
442 C C   . LEU A 71  ? 1.2275 1.0320 1.1781 0.2715  -0.0035 -0.0146 71  LEU A C   
443 O O   . LEU A 71  ? 1.2955 1.0625 1.2090 0.2803  0.0026  -0.0360 71  LEU A O   
444 C CB  . LEU A 71  ? 1.1050 1.0883 1.1403 0.2736  0.0181  0.0159  71  LEU A CB  
445 C CG  . LEU A 71  ? 1.0347 1.1090 1.1232 0.2453  0.0154  0.0361  71  LEU A CG  
446 C CD1 . LEU A 71  ? 1.0075 1.1410 1.1298 0.2830  0.0152  0.0538  71  LEU A CD1 
447 C CD2 . LEU A 71  ? 1.0057 1.0560 1.0916 0.2029  -0.0050 0.0400  71  LEU A CD2 
448 N N   . ALA A 72  ? 1.2805 1.0440 1.2318 0.2872  -0.0199 -0.0045 72  ALA A N   
449 C CA  . ALA A 72  ? 1.3791 1.0396 1.2912 0.3135  -0.0341 -0.0187 72  ALA A CA  
450 C C   . ALA A 72  ? 1.3426 0.9900 1.2254 0.3670  -0.0183 -0.0441 72  ALA A C   
451 O O   . ALA A 72  ? 1.3757 1.0880 1.2817 0.4064  -0.0006 -0.0367 72  ALA A O   
452 C CB  . ALA A 72  ? 1.2612 0.8944 1.1895 0.3269  -0.0515 0.0048  72  ALA A CB  
453 N N   . LYS A 84  ? 1.3762 1.3610 1.3474 0.1519  -0.1466 0.3568  84  LYS A N   
454 C CA  . LYS A 84  ? 1.2562 1.3243 1.2112 0.1469  -0.1452 0.3292  84  LYS A CA  
455 C C   . LYS A 84  ? 1.2306 1.2935 1.1997 0.1418  -0.1383 0.2770  84  LYS A C   
456 O O   . LYS A 84  ? 1.1498 1.1534 1.1262 0.1320  -0.1286 0.2580  84  LYS A O   
457 C CB  . LYS A 84  ? 1.3749 1.4799 1.2973 0.1233  -0.1356 0.3304  84  LYS A CB  
458 C CG  . LYS A 84  ? 1.4691 1.5654 1.3813 0.1188  -0.1327 0.3844  84  LYS A CG  
459 C CD  . LYS A 84  ? 1.4087 1.4328 1.3388 0.0987  -0.1231 0.3917  84  LYS A CD  
460 C CE  . LYS A 84  ? 1.5241 1.5517 1.4526 0.0903  -0.1208 0.4528  84  LYS A CE  
461 N NZ  . LYS A 84  ? 1.4884 1.5060 1.4277 0.1105  -0.1370 0.5044  84  LYS A NZ  
462 N N   . PRO A 85  ? 1.1917 1.3205 1.1656 0.1468  -0.1452 0.2569  85  PRO A N   
463 C CA  . PRO A 85  ? 1.1045 1.2389 1.0937 0.1353  -0.1375 0.2122  85  PRO A CA  
464 C C   . PRO A 85  ? 1.1387 1.2703 1.1054 0.1041  -0.1269 0.1851  85  PRO A C   
465 O O   . PRO A 85  ? 1.0779 1.2231 1.0147 0.0944  -0.1259 0.1960  85  PRO A O   
466 C CB  . PRO A 85  ? 1.1750 1.3896 1.1812 0.1447  -0.1523 0.2075  85  PRO A CB  
467 C CG  . PRO A 85  ? 1.1089 1.3627 1.1014 0.1609  -0.1688 0.2462  85  PRO A CG  
468 C CD  . PRO A 85  ? 1.1384 1.3436 1.1052 0.1591  -0.1624 0.2765  85  PRO A CD  
469 N N   . GLY A 86  ? 1.0745 1.1899 1.0555 0.0918  -0.1171 0.1517  86  GLY A N   
470 C CA  . GLY A 86  ? 0.9844 1.0883 0.9494 0.0659  -0.1062 0.1257  86  GLY A CA  
471 C C   . GLY A 86  ? 1.0284 1.0662 0.9989 0.0596  -0.0915 0.1215  86  GLY A C   
472 O O   . GLY A 86  ? 0.9528 0.9496 0.9362 0.0738  -0.0915 0.1320  86  GLY A O   
473 N N   . ALA A 87  ? 0.9334 0.9603 0.8917 0.0395  -0.0808 0.1045  87  ALA A N   
474 C CA  . ALA A 87  ? 0.9085 0.8834 0.8725 0.0296  -0.0690 0.0986  87  ALA A CA  
475 C C   . ALA A 87  ? 0.9182 0.8799 0.8670 0.0201  -0.0627 0.1184  87  ALA A C   
476 O O   . ALA A 87  ? 1.0423 1.0404 0.9711 0.0199  -0.0615 0.1272  87  ALA A O   
477 C CB  . ALA A 87  ? 0.8888 0.8659 0.8615 0.0153  -0.0602 0.0659  87  ALA A CB  
478 N N   . VAL A 88  ? 0.9438 0.8578 0.9019 0.0128  -0.0593 0.1267  88  VAL A N   
479 C CA  . VAL A 88  ? 1.0070 0.9146 0.9622 0.0001  -0.0528 0.1487  88  VAL A CA  
480 C C   . VAL A 88  ? 0.9045 0.7811 0.8705 -0.0140 -0.0457 0.1326  88  VAL A C   
481 O O   . VAL A 88  ? 0.9041 0.7443 0.8779 -0.0129 -0.0509 0.1181  88  VAL A O   
482 C CB  . VAL A 88  ? 1.0121 0.8959 0.9740 0.0015  -0.0633 0.1908  88  VAL A CB  
483 C CG1 . VAL A 88  ? 1.0712 0.8927 1.0455 0.0067  -0.0763 0.1868  88  VAL A CG1 
484 C CG2 . VAL A 88  ? 1.0333 0.9194 1.0024 -0.0158 -0.0563 0.2191  88  VAL A CG2 
485 N N   . ILE A 89  ? 0.9674 0.8635 0.9317 -0.0235 -0.0331 0.1344  89  ILE A N   
486 C CA  . ILE A 89  ? 0.8684 0.7440 0.8450 -0.0356 -0.0265 0.1237  89  ILE A CA  
487 C C   . ILE A 89  ? 0.9198 0.7643 0.9131 -0.0486 -0.0361 0.1525  89  ILE A C   
488 O O   . ILE A 89  ? 0.9027 0.7623 0.9022 -0.0535 -0.0369 0.1872  89  ILE A O   
489 C CB  . ILE A 89  ? 0.9353 0.8444 0.9062 -0.0357 -0.0090 0.1161  89  ILE A CB  
490 C CG1 . ILE A 89  ? 0.9165 0.8470 0.8687 -0.0265 -0.0055 0.0843  89  ILE A CG1 
491 C CG2 . ILE A 89  ? 0.8386 0.7296 0.8260 -0.0453 -0.0030 0.1087  89  ILE A CG2 
492 C CD1 . ILE A 89  ? 0.9951 0.9048 0.9568 -0.0300 -0.0104 0.0568  89  ILE A CD1 
493 N N   . GLU A 90  ? 0.9279 0.7304 0.9280 -0.0557 -0.0451 0.1396  90  GLU A N   
494 C CA  . GLU A 90  ? 0.9071 0.6725 0.9212 -0.0720 -0.0609 0.1617  90  GLU A CA  
495 C C   . GLU A 90  ? 0.8907 0.6680 0.9218 -0.0888 -0.0567 0.1682  90  GLU A C   
496 O O   . GLU A 90  ? 0.9111 0.6740 0.9615 -0.1082 -0.0706 0.1941  90  GLU A O   
497 C CB  . GLU A 90  ? 0.9615 0.6673 0.9647 -0.0666 -0.0784 0.1424  90  GLU A CB  
498 C CG  . GLU A 90  ? 1.0334 0.7357 1.0229 -0.0429 -0.0786 0.1307  90  GLU A CG  
499 C CD  . GLU A 90  ? 1.3081 0.9813 1.3008 -0.0391 -0.0941 0.1585  90  GLU A CD  
500 O OE1 . GLU A 90  ? 1.4107 1.1200 1.4036 -0.0296 -0.0888 0.1762  90  GLU A OE1 
501 O OE2 . GLU A 90  ? 1.5450 1.1560 1.5382 -0.0450 -0.1137 0.1623  90  GLU A OE2 
502 N N   . SER A 91  ? 0.8592 0.6623 0.8873 -0.0829 -0.0400 0.1476  91  SER A N   
503 C CA  . SER A 91  ? 0.8446 0.6653 0.8913 -0.0934 -0.0340 0.1563  91  SER A CA  
504 C C   . SER A 91  ? 0.8193 0.6663 0.8590 -0.0795 -0.0124 0.1336  91  SER A C   
505 O O   . SER A 91  ? 0.8126 0.6491 0.8361 -0.0700 -0.0098 0.1061  91  SER A O   
506 C CB  . SER A 91  ? 0.8548 0.6365 0.9052 -0.1072 -0.0529 0.1501  91  SER A CB  
507 O OG  . SER A 91  ? 0.8443 0.6088 0.8754 -0.0964 -0.0492 0.1174  91  SER A OG  
508 N N   . PHE A 92  ? 0.8114 0.6932 0.8657 -0.0775 0.0025  0.1466  92  PHE A N   
509 C CA  . PHE A 92  ? 0.7992 0.6900 0.8481 -0.0643 0.0197  0.1231  92  PHE A CA  
510 C C   . PHE A 92  ? 0.7942 0.7096 0.8681 -0.0632 0.0304  0.1410  92  PHE A C   
511 O O   . PHE A 92  ? 0.7983 0.7408 0.8950 -0.0712 0.0284  0.1744  92  PHE A O   
512 C CB  . PHE A 92  ? 0.8213 0.7304 0.8467 -0.0477 0.0326  0.1057  92  PHE A CB  
513 C CG  . PHE A 92  ? 0.8954 0.8453 0.9201 -0.0334 0.0518  0.1185  92  PHE A CG  
514 C CD1 . PHE A 92  ? 0.9836 0.9687 1.0143 -0.0342 0.0545  0.1536  92  PHE A CD1 
515 C CD2 . PHE A 92  ? 0.8459 0.7984 0.8648 -0.0169 0.0684  0.0976  92  PHE A CD2 
516 C CE1 . PHE A 92  ? 0.8965 0.9301 0.9254 -0.0165 0.0766  0.1687  92  PHE A CE1 
517 C CE2 . PHE A 92  ? 0.8763 0.8670 0.8905 0.0034  0.0890  0.1071  92  PHE A CE2 
518 C CZ  . PHE A 92  ? 0.8822 0.9191 0.9006 0.0049  0.0948  0.1431  92  PHE A CZ  
519 N N   . VAL A 93  ? 0.7882 0.6946 0.8625 -0.0542 0.0403  0.1219  93  VAL A N   
520 C CA  . VAL A 93  ? 0.8157 0.7447 0.9141 -0.0458 0.0527  0.1365  93  VAL A CA  
521 C C   . VAL A 93  ? 0.8012 0.7246 0.8863 -0.0230 0.0724  0.1104  93  VAL A C   
522 O O   . VAL A 93  ? 0.8646 0.7535 0.9352 -0.0242 0.0693  0.0823  93  VAL A O   
523 C CB  . VAL A 93  ? 0.9190 0.8328 1.0355 -0.0589 0.0393  0.1446  93  VAL A CB  
524 C CG1 . VAL A 93  ? 0.7775 0.7242 0.9252 -0.0483 0.0510  0.1670  93  VAL A CG1 
525 C CG2 . VAL A 93  ? 0.7824 0.6867 0.9026 -0.0825 0.0139  0.1603  93  VAL A CG2 
526 N N   . ASN A 94  ? 0.8241 0.7805 0.9146 -0.0020 0.0921  0.1200  94  ASN A N   
527 C CA  . ASN A 94  ? 0.8453 0.7886 0.9251 0.0242  0.1105  0.0954  94  ASN A CA  
528 C C   . ASN A 94  ? 0.8411 0.7810 0.9539 0.0299  0.1147  0.1100  94  ASN A C   
529 O O   . ASN A 94  ? 0.8372 0.8210 0.9789 0.0377  0.1227  0.1423  94  ASN A O   
530 C CB  . ASN A 94  ? 0.8754 0.8591 0.9384 0.0510  0.1316  0.0979  94  ASN A CB  
531 C CG  . ASN A 94  ? 0.9330 0.8901 0.9673 0.0804  0.1470  0.0595  94  ASN A CG  
532 O OD1 . ASN A 94  ? 0.9734 0.8763 0.9976 0.0744  0.1375  0.0277  94  ASN A OD1 
533 N ND2 . ASN A 94  ? 1.1607 1.1560 1.1793 0.1132  0.1704  0.0618  94  ASN A ND2 
534 N N   . HIS A 95  ? 0.8428 0.7368 0.9557 0.0245  0.1084  0.0918  95  HIS A N   
535 C CA  . HIS A 95  ? 0.8430 0.7336 0.9861 0.0307  0.1111  0.1098  95  HIS A CA  
536 C C   . HIS A 95  ? 0.8832 0.7663 1.0313 0.0660  0.1333  0.1015  95  HIS A C   
537 O O   . HIS A 95  ? 0.8867 0.7949 1.0661 0.0822  0.1422  0.1281  95  HIS A O   
538 C CB  . HIS A 95  ? 0.8353 0.6837 0.9779 0.0123  0.0974  0.1004  95  HIS A CB  
539 C CG  . HIS A 95  ? 0.8058 0.6580 0.9409 -0.0153 0.0772  0.1068  95  HIS A CG  
540 N ND1 . HIS A 95  ? 0.7885 0.6698 0.9378 -0.0276 0.0645  0.1346  95  HIS A ND1 
541 C CD2 . HIS A 95  ? 0.7982 0.6278 0.9130 -0.0309 0.0668  0.0878  95  HIS A CD2 
542 C CE1 . HIS A 95  ? 0.8929 0.7601 1.0248 -0.0473 0.0470  0.1280  95  HIS A CE1 
543 N NE2 . HIS A 95  ? 0.7876 0.6272 0.8995 -0.0474 0.0503  0.1015  95  HIS A NE2 
544 N N   . ALA A 96  ? 0.9204 0.7680 1.0373 0.0794  0.1406  0.0637  96  ALA A N   
545 C CA  . ALA A 96  ? 0.9771 0.7952 1.0870 0.1145  0.1585  0.0429  96  ALA A CA  
546 C C   . ALA A 96  ? 1.0171 0.8061 1.0797 0.1197  0.1580  -0.0023 96  ALA A C   
547 O O   . ALA A 96  ? 0.9934 0.7828 1.0386 0.0926  0.1418  -0.0123 96  ALA A O   
548 C CB  . ALA A 96  ? 0.9938 0.7584 1.1259 0.1127  0.1539  0.0429  96  ALA A CB  
549 N N   . PRO A 97  ? 1.0833 0.8480 1.1219 0.1557  0.1739  -0.0308 97  PRO A N   
550 C CA  . PRO A 97  ? 1.1305 0.8706 1.1162 0.1598  0.1689  -0.0769 97  PRO A CA  
551 C C   . PRO A 97  ? 1.1291 0.8143 1.1112 0.1228  0.1423  -0.1018 97  PRO A C   
552 O O   . PRO A 97  ? 1.1482 0.7778 1.1520 0.1146  0.1354  -0.1076 97  PRO A O   
553 C CB  . PRO A 97  ? 1.2172 0.9241 1.1779 0.2079  0.1888  -0.1073 97  PRO A CB  
554 C CG  . PRO A 97  ? 1.2077 0.9402 1.2120 0.2345  0.2094  -0.0696 97  PRO A CG  
555 C CD  . PRO A 97  ? 1.1252 0.8870 1.1806 0.1979  0.1964  -0.0229 97  PRO A CD  
556 N N   . GLY A 98  ? 1.1067 0.8136 1.0665 0.1001  0.1274  -0.1107 98  GLY A N   
557 C CA  . GLY A 98  ? 1.0962 0.7722 1.0598 0.0640  0.1028  -0.1264 98  GLY A CA  
558 C C   . GLY A 98  ? 1.0270 0.7187 1.0302 0.0335  0.0937  -0.0920 98  GLY A C   
559 O O   . GLY A 98  ? 1.0171 0.6927 1.0281 0.0058  0.0763  -0.1002 98  GLY A O   
560 N N   . VAL A 99  ? 0.9847 0.7100 1.0126 0.0382  0.1038  -0.0540 99  VAL A N   
561 C CA  . VAL A 99  ? 0.9332 0.6676 0.9910 0.0136  0.0946  -0.0252 99  VAL A CA  
562 C C   . VAL A 99  ? 0.8898 0.6734 0.9440 0.0064  0.0911  -0.0026 99  VAL A C   
563 O O   . VAL A 99  ? 0.8789 0.6958 0.9434 0.0180  0.1003  0.0224  99  VAL A O   
564 C CB  . VAL A 99  ? 0.9330 0.6561 1.0227 0.0216  0.1026  -0.0005 99  VAL A CB  
565 C CG1 . VAL A 99  ? 0.8962 0.6215 1.0062 -0.0034 0.0912  0.0219  99  VAL A CG1 
566 C CG2 . VAL A 99  ? 0.9912 0.6590 1.0839 0.0359  0.1083  -0.0215 99  VAL A CG2 
567 N N   . PHE A 100 ? 0.8702 0.6587 0.9138 -0.0127 0.0769  -0.0090 100 PHE A N   
568 C CA  . PHE A 100 ? 0.8409 0.6626 0.8791 -0.0200 0.0701  0.0092  100 PHE A CA  
569 C C   . PHE A 100 ? 0.8138 0.6280 0.8602 -0.0398 0.0561  0.0152  100 PHE A C   
570 O O   . PHE A 100 ? 0.8176 0.6152 0.8651 -0.0490 0.0507  -0.0008 100 PHE A O   
571 C CB  . PHE A 100 ? 0.8561 0.6954 0.8649 -0.0151 0.0674  -0.0053 100 PHE A CB  
572 C CG  . PHE A 100 ? 0.9412 0.7792 0.9266 0.0063  0.0792  -0.0274 100 PHE A CG  
573 C CD1 . PHE A 100 ? 0.9361 0.7448 0.9030 0.0048  0.0716  -0.0641 100 PHE A CD1 
574 C CD2 . PHE A 100 ? 1.1071 0.9760 1.0875 0.0286  0.0967  -0.0119 100 PHE A CD2 
575 C CE1 . PHE A 100 ? 1.1385 0.9370 1.0743 0.0270  0.0797  -0.0919 100 PHE A CE1 
576 C CE2 . PHE A 100 ? 1.1912 1.0595 1.1412 0.0555  0.1102  -0.0363 100 PHE A CE2 
577 C CZ  . PHE A 100 ? 1.2870 1.1148 1.2101 0.0556  0.1006  -0.0799 100 PHE A CZ  
578 N N   . SER A 101 ? 0.7934 0.6213 0.8450 -0.0461 0.0494  0.0378  101 SER A N   
579 C CA  . SER A 101 ? 0.7801 0.6010 0.8271 -0.0578 0.0360  0.0381  101 SER A CA  
580 C C   . SER A 101 ? 0.7780 0.6094 0.8165 -0.0600 0.0262  0.0513  101 SER A C   
581 O O   . SER A 101 ? 0.7822 0.6319 0.8245 -0.0570 0.0296  0.0677  101 SER A O   
582 C CB  . SER A 101 ? 0.7733 0.5832 0.8306 -0.0642 0.0329  0.0485  101 SER A CB  
583 O OG  . SER A 101 ? 0.8382 0.6576 0.9070 -0.0643 0.0316  0.0701  101 SER A OG  
584 N N   . GLY A 102 ? 0.7778 0.5987 0.8067 -0.0638 0.0149  0.0465  102 GLY A N   
585 C CA  . GLY A 102 ? 0.7854 0.6041 0.8075 -0.0655 0.0030  0.0596  102 GLY A CA  
586 C C   . GLY A 102 ? 0.7929 0.5950 0.8029 -0.0622 -0.0075 0.0497  102 GLY A C   
587 O O   . GLY A 102 ? 0.8155 0.6163 0.8238 -0.0587 -0.0041 0.0347  102 GLY A O   
588 N N   . THR A 103 ? 0.8098 0.6007 0.8138 -0.0616 -0.0194 0.0616  103 THR A N   
589 C CA  . THR A 103 ? 0.8287 0.5973 0.8205 -0.0526 -0.0304 0.0546  103 THR A CA  
590 C C   . THR A 103 ? 0.8969 0.6771 0.8863 -0.0448 -0.0338 0.0639  103 THR A C   
591 O O   . THR A 103 ? 0.8402 0.6379 0.8339 -0.0498 -0.0320 0.0822  103 THR A O   
592 C CB  . THR A 103 ? 0.8577 0.5844 0.8418 -0.0582 -0.0476 0.0602  103 THR A CB  
593 O OG1 . THR A 103 ? 0.8730 0.5926 0.8674 -0.0702 -0.0582 0.0856  103 THR A OG1 
594 C CG2 . THR A 103 ? 0.8518 0.5740 0.8354 -0.0667 -0.0470 0.0552  103 THR A CG2 
595 N N   . PHE A 104 ? 0.9417 0.7181 0.9245 -0.0299 -0.0380 0.0547  104 PHE A N   
596 C CA  . PHE A 104 ? 0.8948 0.6880 0.8762 -0.0200 -0.0425 0.0657  104 PHE A CA  
597 C C   . PHE A 104 ? 0.8993 0.6683 0.8758 -0.0006 -0.0524 0.0638  104 PHE A C   
598 O O   . PHE A 104 ? 0.9018 0.6460 0.8720 0.0079  -0.0528 0.0487  104 PHE A O   
599 C CB  . PHE A 104 ? 0.8422 0.6833 0.8258 -0.0183 -0.0341 0.0543  104 PHE A CB  
600 C CG  . PHE A 104 ? 0.9117 0.7667 0.9038 -0.0142 -0.0293 0.0334  104 PHE A CG  
601 C CD1 . PHE A 104 ? 0.9218 0.7740 0.9207 -0.0250 -0.0198 0.0211  104 PHE A CD1 
602 C CD2 . PHE A 104 ? 0.8356 0.7123 0.8338 0.0007  -0.0340 0.0312  104 PHE A CD2 
603 C CE1 . PHE A 104 ? 0.8430 0.7140 0.8551 -0.0239 -0.0144 0.0092  104 PHE A CE1 
604 C CE2 . PHE A 104 ? 0.8304 0.7314 0.8440 0.0028  -0.0282 0.0183  104 PHE A CE2 
605 C CZ  . PHE A 104 ? 0.8067 0.7046 0.8273 -0.0110 -0.0181 0.0084  104 PHE A CZ  
606 N N   . SER A 105 ? 0.9090 0.6881 0.8858 0.0100  -0.0593 0.0802  105 SER A N   
607 C CA  . SER A 105 ? 0.9379 0.7041 0.9138 0.0352  -0.0666 0.0800  105 SER A CA  
608 C C   . SER A 105 ? 0.9836 0.7999 0.9652 0.0449  -0.0684 0.0930  105 SER A C   
609 O O   . SER A 105 ? 0.9189 0.7715 0.8978 0.0317  -0.0656 0.1003  105 SER A O   
610 C CB  . SER A 105 ? 0.9888 0.6879 0.9577 0.0403  -0.0820 0.0935  105 SER A CB  
611 O OG  . SER A 105 ? 1.0025 0.7022 0.9768 0.0287  -0.0895 0.1262  105 SER A OG  
612 N N   . GLY A 106 ? 0.9569 0.7779 0.9441 0.0709  -0.0737 0.0953  106 GLY A N   
613 C CA  . GLY A 106 ? 0.9637 0.8358 0.9570 0.0810  -0.0796 0.1113  106 GLY A CA  
614 C C   . GLY A 106 ? 1.0449 0.9222 1.0500 0.1146  -0.0848 0.1160  106 GLY A C   
615 O O   . GLY A 106 ? 1.0056 0.8471 1.0111 0.1333  -0.0809 0.1029  106 GLY A O   
616 N N   . THR A 107 ? 1.1461 1.0720 1.1581 0.1252  -0.0935 0.1354  107 THR A N   
617 C CA  . THR A 107 ? 1.0912 1.0409 1.1208 0.1598  -0.0994 0.1461  107 THR A CA  
618 C C   . THR A 107 ? 1.0041 1.0436 1.0540 0.1562  -0.1005 0.1381  107 THR A C   
619 O O   . THR A 107 ? 1.0534 1.1312 1.0950 0.1303  -0.1049 0.1337  107 THR A O   
620 C CB  . THR A 107 ? 1.1300 1.0635 1.1552 0.1761  -0.1135 0.1838  107 THR A CB  
621 O OG1 . THR A 107 ? 1.1007 0.9474 1.1125 0.1712  -0.1162 0.1937  107 THR A OG1 
622 C CG2 . THR A 107 ? 1.0976 1.0526 1.1441 0.2183  -0.1193 0.1971  107 THR A CG2 
623 N N   . LEU A 108 ? 1.0087 1.0821 1.0854 0.1825  -0.0975 0.1356  108 LEU A N   
624 C CA  . LEU A 108 ? 1.0358 1.2003 1.1418 0.1759  -0.1023 0.1325  108 LEU A CA  
625 C C   . LEU A 108 ? 1.0683 1.2856 1.1764 0.1817  -0.1231 0.1578  108 LEU A C   
626 O O   . LEU A 108 ? 1.0622 1.2528 1.1593 0.2043  -0.1305 0.1844  108 LEU A O   
627 C CB  . LEU A 108 ? 1.1302 1.3288 1.2709 0.2054  -0.0913 0.1304  108 LEU A CB  
628 C CG  . LEU A 108 ? 1.0649 1.2989 1.2283 0.1879  -0.0764 0.1101  108 LEU A CG  
629 C CD1 . LEU A 108 ? 1.0600 1.3533 1.2637 0.2255  -0.0664 0.1207  108 LEU A CD1 
630 C CD2 . LEU A 108 ? 1.0585 1.3434 1.2337 0.1433  -0.0879 0.1011  108 LEU A CD2 
631 N N   . HIS A 109 ? 1.1043 1.3964 1.2264 0.1594  -0.1350 0.1502  109 HIS A N   
632 C CA  . HIS A 109 ? 1.0248 1.3840 1.1512 0.1659  -0.1583 0.1720  109 HIS A CA  
633 C C   . HIS A 109 ? 1.0436 1.4516 1.2135 0.2055  -0.1616 0.1955  109 HIS A C   
634 O O   . HIS A 109 ? 0.9820 1.4150 1.1886 0.2135  -0.1493 0.1863  109 HIS A O   
635 C CB  . HIS A 109 ? 0.9845 1.4042 1.1114 0.1280  -0.1744 0.1504  109 HIS A CB  
636 C CG  . HIS A 109 ? 1.0305 1.5110 1.1419 0.1274  -0.2023 0.1662  109 HIS A CG  
637 N ND1 . HIS A 109 ? 1.0162 1.5676 1.1598 0.1520  -0.2198 0.1943  109 HIS A ND1 
638 C CD2 . HIS A 109 ? 1.0284 1.5140 1.0925 0.1079  -0.2156 0.1578  109 HIS A CD2 
639 C CE1 . HIS A 109 ? 1.0455 1.6436 1.1614 0.1449  -0.2454 0.2033  109 HIS A CE1 
640 N NE2 . HIS A 109 ? 1.0602 1.6188 1.1243 0.1190  -0.2426 0.1799  109 HIS A NE2 
641 N N   . PRO A 110 ? 1.0373 1.4626 1.2052 0.2339  -0.1760 0.2296  110 PRO A N   
642 C CA  . PRO A 110 ? 1.0594 1.5269 1.2703 0.2797  -0.1774 0.2548  110 PRO A CA  
643 C C   . PRO A 110 ? 1.0694 1.6480 1.3325 0.2736  -0.1869 0.2535  110 PRO A C   
644 O O   . PRO A 110 ? 1.0426 1.6583 1.3501 0.3104  -0.1773 0.2665  110 PRO A O   
645 C CB  . PRO A 110 ? 1.1062 1.5757 1.3014 0.3033  -0.1957 0.2951  110 PRO A CB  
646 C CG  . PRO A 110 ? 1.1081 1.5409 1.2514 0.2700  -0.2015 0.2921  110 PRO A CG  
647 C CD  . PRO A 110 ? 1.0931 1.4790 1.2177 0.2327  -0.1847 0.2507  110 PRO A CD  
648 N N   . ASN A 111 ? 1.0387 1.6734 1.2995 0.2299  -0.2068 0.2393  111 ASN A N   
649 C CA  . ASN A 111 ? 1.1285 1.8688 1.4473 0.2180  -0.2198 0.2404  111 ASN A CA  
650 C C   . ASN A 111 ? 1.0507 1.7862 1.3990 0.1988  -0.1973 0.2161  111 ASN A C   
651 O O   . ASN A 111 ? 1.1037 1.9248 1.5056 0.1791  -0.2066 0.2173  111 ASN A O   
652 C CB  . ASN A 111 ? 1.0649 1.8701 1.3725 0.1788  -0.2571 0.2345  111 ASN A CB  
653 C CG  . ASN A 111 ? 1.1163 1.8713 1.3797 0.1288  -0.2587 0.1934  111 ASN A CG  
654 O OD1 . ASN A 111 ? 1.1778 1.8664 1.4333 0.1164  -0.2332 0.1706  111 ASN A OD1 
655 N ND2 . ASN A 111 ? 1.0215 1.8097 1.2532 0.1025  -0.2900 0.1835  111 ASN A ND2 
656 N N   . CYS A 112 ? 1.1240 1.7651 1.4409 0.2026  -0.1696 0.1977  112 CYS A N   
657 C CA  . CYS A 112 ? 1.1106 1.7431 1.4516 0.2007  -0.1425 0.1831  112 CYS A CA  
658 C C   . CYS A 112 ? 1.0354 1.6496 1.3880 0.2588  -0.1177 0.1970  112 CYS A C   
659 O O   . CYS A 112 ? 1.0116 1.5927 1.3619 0.2665  -0.0911 0.1825  112 CYS A O   
660 C CB  . CYS A 112 ? 1.1154 1.6606 1.4119 0.1669  -0.1303 0.1519  112 CYS A CB  
661 S SG  . CYS A 112 ? 1.1601 1.7249 1.4474 0.1028  -0.1545 0.1281  112 CYS A SG  
662 N N   . GLN A 113 ? 1.0726 1.7046 1.4335 0.3024  -0.1264 0.2242  113 GLN A N   
663 C CA  . GLN A 113 ? 1.1662 1.7869 1.5416 0.3654  -0.1057 0.2374  113 GLN A CA  
664 C C   . GLN A 113 ? 1.1371 1.8838 1.5812 0.3941  -0.1123 0.2690  113 GLN A C   
665 O O   . GLN A 113 ? 1.0304 1.8414 1.4931 0.3842  -0.1415 0.2912  113 GLN A O   
666 C CB  . GLN A 113 ? 1.2749 1.7977 1.6058 0.3994  -0.1097 0.2464  113 GLN A CB  
667 C CG  . GLN A 113 ? 1.2436 1.6422 1.5145 0.3781  -0.1016 0.2202  113 GLN A CG  
668 C CD  . GLN A 113 ? 1.3624 1.6636 1.6013 0.4148  -0.1051 0.2333  113 GLN A CD  
669 O OE1 . GLN A 113 ? 1.4487 1.7686 1.6979 0.4380  -0.1219 0.2660  113 GLN A OE1 
670 N NE2 . GLN A 113 ? 1.3026 1.4990 1.5040 0.4190  -0.0918 0.2100  113 GLN A NE2 
671 N N   . ASP A 114 ? 1.1204 1.9092 1.6015 0.4310  -0.0851 0.2728  114 ASP A N   
672 C CA  . ASP A 114 ? 1.1430 2.0603 1.6966 0.4636  -0.0879 0.3074  114 ASP A CA  
673 C C   . ASP A 114 ? 1.2301 2.1261 1.7797 0.5301  -0.0922 0.3329  114 ASP A C   
674 O O   . ASP A 114 ? 1.2207 2.0011 1.7129 0.5443  -0.0960 0.3251  114 ASP A O   
675 C CB  . ASP A 114 ? 1.2786 2.2620 1.8768 0.4824  -0.0538 0.3078  114 ASP A CB  
676 C CG  . ASP A 114 ? 1.3075 2.1997 1.8614 0.5399  -0.0167 0.2882  114 ASP A CG  
677 O OD1 . ASP A 114 ? 1.2535 2.1628 1.8126 0.5378  0.0123  0.2755  114 ASP A OD1 
678 O OD2 . ASP A 114 ? 1.2932 2.0996 1.8082 0.5878  -0.0174 0.2864  114 ASP A OD2 
679 N N   . SER A 115 ? 1.2642 2.2763 1.8813 0.5714  -0.0923 0.3678  115 SER A N   
680 C CA  . SER A 115 ? 1.2007 2.2085 1.8252 0.6367  -0.0995 0.3991  115 SER A CA  
681 C C   . SER A 115 ? 1.3210 2.1986 1.8967 0.6991  -0.0724 0.3824  115 SER A C   
682 O O   . SER A 115 ? 1.2870 2.1051 1.8451 0.7416  -0.0830 0.4008  115 SER A O   
683 C CB  . SER A 115 ? 1.1661 2.3326 1.8798 0.6740  -0.0993 0.4394  115 SER A CB  
684 O OG  . SER A 115 ? 1.3885 2.5483 2.1117 0.7458  -0.1030 0.4713  115 SER A OG  
685 N N   . SER A 116 ? 1.4150 2.2450 1.9666 0.7047  -0.0398 0.3484  116 SER A N   
686 C CA  . SER A 116 ? 1.4476 2.1481 1.9448 0.7600  -0.0166 0.3234  116 SER A CA  
687 C C   . SER A 116 ? 1.4599 2.0074 1.8795 0.7193  -0.0272 0.2915  116 SER A C   
688 O O   . SER A 116 ? 1.4927 1.9192 1.8625 0.7559  -0.0151 0.2674  116 SER A O   
689 C CB  . SER A 116 ? 1.4454 2.1825 1.9519 0.7927  0.0242  0.3040  116 SER A CB  
690 O OG  . SER A 116 ? 1.6491 2.2462 2.0803 0.8050  0.0408  0.2608  116 SER A OG  
691 N N   . GLY A 117 ? 1.3907 1.9411 1.7992 0.6463  -0.0507 0.2902  117 GLY A N   
692 C CA  . GLY A 117 ? 1.4286 1.8505 1.7726 0.6081  -0.0615 0.2682  117 GLY A CA  
693 C C   . GLY A 117 ? 1.5310 1.9014 1.8388 0.5701  -0.0444 0.2277  117 GLY A C   
694 O O   . GLY A 117 ? 1.5587 1.8262 1.8166 0.5387  -0.0527 0.2101  117 GLY A O   
695 N N   . ARG A 118 ? 1.5055 1.9497 1.8402 0.5710  -0.0213 0.2169  118 ARG A N   
696 C CA  . ARG A 118 ? 1.3764 1.7833 1.6802 0.5375  -0.0042 0.1836  118 ARG A CA  
697 C C   . ARG A 118 ? 1.2221 1.7205 1.5621 0.4724  -0.0112 0.1882  118 ARG A C   
698 O O   . ARG A 118 ? 1.2705 1.8754 1.6652 0.4645  -0.0235 0.2142  118 ARG A O   
699 C CB  . ARG A 118 ? 1.5344 1.9508 1.8353 0.5918  0.0304  0.1694  118 ARG A CB  
700 C CG  . ARG A 118 ? 1.6065 1.9625 1.8880 0.6731  0.0385  0.1684  118 ARG A CG  
701 C CD  . ARG A 118 ? 1.8121 2.0207 2.0394 0.6732  0.0150  0.1580  118 ARG A CD  
702 N NE  . ARG A 118 ? 1.8844 1.9811 2.0484 0.6443  0.0160  0.1203  118 ARG A NE  
703 C CZ  . ARG A 118 ? 1.8949 1.8853 2.0215 0.6103  -0.0077 0.1143  118 ARG A CZ  
704 N NH1 . ARG A 118 ? 1.8348 1.8123 1.9756 0.6007  -0.0322 0.1443  118 ARG A NH1 
705 N NH2 . ARG A 118 ? 1.9582 1.8602 2.0338 0.5852  -0.0070 0.0813  118 ARG A NH2 
706 N N   . PRO A 119 ? 1.1476 1.6011 1.4571 0.4252  -0.0061 0.1629  119 PRO A N   
707 C CA  . PRO A 119 ? 1.1508 1.6648 1.4872 0.3599  -0.0197 0.1648  119 PRO A CA  
708 C C   . PRO A 119 ? 1.0918 1.7380 1.4992 0.3564  -0.0120 0.1850  119 PRO A C   
709 O O   . PRO A 119 ? 1.0994 1.7838 1.5256 0.3869  0.0165  0.1879  119 PRO A O   
710 C CB  . PRO A 119 ? 1.1853 1.6222 1.4777 0.3248  -0.0088 0.1355  119 PRO A CB  
711 C CG  . PRO A 119 ? 1.1568 1.4998 1.3995 0.3667  0.0067  0.1183  119 PRO A CG  
712 C CD  . PRO A 119 ? 1.2522 1.6080 1.5070 0.4320  0.0115  0.1324  119 PRO A CD  
713 N N   . ARG A 120 ? 1.1550 1.8757 1.6023 0.3178  -0.0390 0.2001  120 ARG A N   
714 C CA  . ARG A 120 ? 1.0429 1.8941 1.5669 0.3031  -0.0389 0.2227  120 ARG A CA  
715 C C   . ARG A 120 ? 1.0418 1.8968 1.5748 0.2668  -0.0191 0.2112  120 ARG A C   
716 O O   . ARG A 120 ? 0.9306 1.7134 1.4253 0.2224  -0.0253 0.1871  120 ARG A O   
717 C CB  . ARG A 120 ? 0.9991 1.9163 1.5557 0.2608  -0.0793 0.2351  120 ARG A CB  
718 C CG  . ARG A 120 ? 1.2478 2.0865 1.7509 0.2083  -0.1031 0.2077  120 ARG A CG  
719 C CD  . ARG A 120 ? 1.3007 2.2114 1.8391 0.1516  -0.1392 0.2091  120 ARG A CD  
720 N NE  . ARG A 120 ? 1.3861 2.2323 1.8656 0.1215  -0.1649 0.1867  120 ARG A NE  
721 C CZ  . ARG A 120 ? 1.3015 2.1553 1.7783 0.0662  -0.1913 0.1676  120 ARG A CZ  
722 N NH1 . ARG A 120 ? 1.2609 2.1771 1.7950 0.0271  -0.1998 0.1691  120 ARG A NH1 
723 N NH2 . ARG A 120 ? 1.2335 2.0299 1.6483 0.0505  -0.2098 0.1474  120 ARG A NH2 
724 N N   . ARG A 121 ? 1.0355 1.9795 1.6208 0.2890  0.0066  0.2326  121 ARG A N   
725 C CA  . ARG A 121 ? 1.0793 2.0288 1.6699 0.2695  0.0338  0.2290  121 ARG A CA  
726 C C   . ARG A 121 ? 1.0210 2.0316 1.6672 0.1966  0.0137  0.2400  121 ARG A C   
727 O O   . ARG A 121 ? 0.9962 2.1158 1.7153 0.1851  0.0233  0.2706  121 ARG A O   
728 C CB  . ARG A 121 ? 1.0703 2.0959 1.6911 0.3282  0.0728  0.2509  121 ARG A CB  
729 C CG  . ARG A 121 ? 1.1419 2.0843 1.6941 0.4002  0.0979  0.2300  121 ARG A CG  
730 C CD  . ARG A 121 ? 1.1247 2.0653 1.6780 0.4536  0.0858  0.2376  121 ARG A CD  
731 N NE  . ARG A 121 ? 0.9849 2.0623 1.6135 0.4955  0.0990  0.2753  121 ARG A NE  
732 C CZ  . ARG A 121 ? 1.1286 2.2490 1.7628 0.5617  0.1384  0.2833  121 ARG A CZ  
733 N NH1 . ARG A 121 ? 1.1993 2.2361 1.7637 0.5915  0.1668  0.2534  121 ARG A NH1 
734 N NH2 . ARG A 121 ? 1.0327 2.2873 1.7429 0.6009  0.1489  0.3220  121 ARG A NH2 
735 N N   . ASP A 122 ? 1.0252 1.9624 1.6368 0.1467  -0.0149 0.2153  122 ASP A N   
736 C CA  . ASP A 122 ? 0.9557 1.9242 1.6088 0.0774  -0.0364 0.2172  122 ASP A CA  
737 C C   . ASP A 122 ? 0.9762 1.8274 1.5647 0.0399  -0.0497 0.1806  122 ASP A C   
738 O O   . ASP A 122 ? 1.0394 1.7999 1.5589 0.0637  -0.0462 0.1584  122 ASP A O   
739 C CB  . ASP A 122 ? 0.9951 2.0645 1.7131 0.0531  -0.0734 0.2374  122 ASP A CB  
740 C CG  . ASP A 122 ? 1.0942 2.1146 1.7669 0.0407  -0.1118 0.2148  122 ASP A CG  
741 O OD1 . ASP A 122 ? 1.1864 2.2691 1.8801 0.0665  -0.1289 0.2325  122 ASP A OD1 
742 O OD2 . ASP A 122 ? 1.0929 2.0238 1.7129 0.0061  -0.1255 0.1828  122 ASP A OD2 
743 N N   . ILE A 123 ? 0.9776 1.8333 1.5936 -0.0199 -0.0668 0.1765  123 ILE A N   
744 C CA  . ILE A 123 ? 0.9253 1.6769 1.4898 -0.0539 -0.0725 0.1450  123 ILE A CA  
745 C C   . ILE A 123 ? 1.0100 1.7026 1.5206 -0.0614 -0.1020 0.1165  123 ILE A C   
746 O O   . ILE A 123 ? 0.9938 1.5942 1.4488 -0.0723 -0.1004 0.0898  123 ILE A O   
747 C CB  . ILE A 123 ? 1.0236 1.8021 1.6432 -0.1110 -0.0802 0.1543  123 ILE A CB  
748 C CG1 . ILE A 123 ? 0.9799 1.7368 1.5980 -0.1045 -0.0420 0.1663  123 ILE A CG1 
749 C CG2 . ILE A 123 ? 0.9920 1.7092 1.5908 -0.1618 -0.1156 0.1232  123 ILE A CG2 
750 C CD1 . ILE A 123 ? 0.9599 1.7685 1.5822 -0.0470 -0.0049 0.1896  123 ILE A CD1 
751 N N   . GLY A 124 ? 0.9092 1.6580 1.4339 -0.0514 -0.1269 0.1244  124 GLY A N   
752 C CA  . GLY A 124 ? 0.9008 1.6021 1.3688 -0.0526 -0.1521 0.1021  124 GLY A CA  
753 C C   . GLY A 124 ? 0.9755 1.5978 1.3775 -0.0107 -0.1320 0.0947  124 GLY A C   
754 O O   . GLY A 124 ? 0.8389 1.3963 1.1847 -0.0182 -0.1419 0.0739  124 GLY A O   
755 N N   . THR A 125 ? 0.9093 1.5362 1.3174 0.0343  -0.1045 0.1118  125 THR A N   
756 C CA  . THR A 125 ? 0.8815 1.4246 1.2307 0.0701  -0.0886 0.1043  125 THR A CA  
757 C C   . THR A 125 ? 0.9157 1.3696 1.2206 0.0471  -0.0774 0.0802  125 THR A C   
758 O O   . THR A 125 ? 0.9455 1.3319 1.1998 0.0491  -0.0816 0.0684  125 THR A O   
759 C CB  . THR A 125 ? 0.9670 1.5240 1.3290 0.1215  -0.0621 0.1205  125 THR A CB  
760 O OG1 . THR A 125 ? 0.9911 1.6402 1.4015 0.1467  -0.0710 0.1465  125 THR A OG1 
761 C CG2 . THR A 125 ? 0.9585 1.4221 1.2617 0.1556  -0.0528 0.1117  125 THR A CG2 
762 N N   . ILE A 126 ? 0.8894 1.3475 1.2166 0.0250  -0.0629 0.0770  126 ILE A N   
763 C CA  . ILE A 126 ? 0.9276 1.3079 1.2187 0.0048  -0.0524 0.0580  126 ILE A CA  
764 C C   . ILE A 126 ? 0.8222 1.1741 1.0952 -0.0330 -0.0748 0.0381  126 ILE A C   
765 O O   . ILE A 126 ? 0.9530 1.2349 1.1827 -0.0386 -0.0704 0.0221  126 ILE A O   
766 C CB  . ILE A 126 ? 0.8479 1.2473 1.1701 -0.0060 -0.0310 0.0663  126 ILE A CB  
767 C CG1 . ILE A 126 ? 0.8793 1.3195 1.2154 0.0387  -0.0078 0.0846  126 ILE A CG1 
768 C CG2 . ILE A 126 ? 0.9242 1.2438 1.2081 -0.0203 -0.0196 0.0506  126 ILE A CG2 
769 C CD1 . ILE A 126 ? 0.8865 1.3475 1.2406 0.0383  0.0190  0.0960  126 ILE A CD1 
770 N N   . LEU A 127 ? 0.8891 1.2963 1.1946 -0.0588 -0.0996 0.0379  127 LEU A N   
771 C CA  . LEU A 127 ? 0.8651 1.2419 1.1442 -0.0901 -0.1230 0.0127  127 LEU A CA  
772 C C   . LEU A 127 ? 0.9129 1.2613 1.1359 -0.0696 -0.1315 0.0054  127 LEU A C   
773 O O   . LEU A 127 ? 0.9202 1.2190 1.1006 -0.0818 -0.1362 -0.0164 127 LEU A O   
774 C CB  . LEU A 127 ? 0.9026 1.3445 1.2278 -0.1240 -0.1530 0.0120  127 LEU A CB  
775 C CG  . LEU A 127 ? 0.9747 1.3810 1.2757 -0.1615 -0.1802 -0.0207 127 LEU A CG  
776 C CD1 . LEU A 127 ? 1.0212 1.3668 1.3277 -0.1869 -0.1669 -0.0332 127 LEU A CD1 
777 C CD2 . LEU A 127 ? 0.9153 1.3951 1.2601 -0.1917 -0.2183 -0.0199 127 LEU A CD2 
778 N N   . GLN A 128 ? 0.8717 1.2513 1.0951 -0.0358 -0.1318 0.0264  128 GLN A N   
779 C CA  . GLN A 128 ? 0.8916 1.2424 1.0650 -0.0152 -0.1368 0.0286  128 GLN A CA  
780 C C   . GLN A 128 ? 0.9221 1.1922 1.0563 -0.0061 -0.1144 0.0234  128 GLN A C   
781 O O   . GLN A 128 ? 0.9571 1.1922 1.0491 -0.0109 -0.1170 0.0146  128 GLN A O   
782 C CB  . GLN A 128 ? 0.9039 1.2993 1.0927 0.0208  -0.1414 0.0570  128 GLN A CB  
783 C CG  . GLN A 128 ? 0.8947 1.2641 1.0387 0.0427  -0.1472 0.0692  128 GLN A CG  
784 C CD  . GLN A 128 ? 1.0419 1.4449 1.1589 0.0263  -0.1742 0.0622  128 GLN A CD  
785 O OE1 . GLN A 128 ? 1.0148 1.3785 1.0855 0.0139  -0.1735 0.0463  128 GLN A OE1 
786 N NE2 . GLN A 128 ? 0.9565 1.4376 1.1014 0.0278  -0.1985 0.0738  128 GLN A NE2 
787 N N   . ILE A 129 ? 0.9572 1.2020 1.1048 0.0071  -0.0924 0.0295  129 ILE A N   
788 C CA  . ILE A 129 ? 0.8330 1.0047 0.9469 0.0123  -0.0757 0.0251  129 ILE A CA  
789 C C   . ILE A 129 ? 0.9047 1.0441 1.0028 -0.0173 -0.0734 0.0047  129 ILE A C   
790 O O   . ILE A 129 ? 0.9824 1.0788 1.0468 -0.0176 -0.0694 0.0015  129 ILE A O   
791 C CB  . ILE A 129 ? 0.8393 0.9931 0.9653 0.0314  -0.0562 0.0307  129 ILE A CB  
792 C CG1 . ILE A 129 ? 0.9862 1.1574 1.1199 0.0697  -0.0567 0.0480  129 ILE A CG1 
793 C CG2 . ILE A 129 ? 0.9358 1.0181 1.0285 0.0317  -0.0451 0.0252  129 ILE A CG2 
794 C CD1 . ILE A 129 ? 0.9465 1.1256 1.0970 0.0925  -0.0379 0.0500  129 ILE A CD1 
795 N N   . LEU A 130 ? 0.9048 1.0652 1.0310 -0.0420 -0.0758 -0.0067 130 LEU A N   
796 C CA  . LEU A 130 ? 0.9061 1.0307 1.0183 -0.0673 -0.0761 -0.0276 130 LEU A CA  
797 C C   . LEU A 130 ? 0.9648 1.0877 1.0408 -0.0711 -0.0925 -0.0423 130 LEU A C   
798 O O   . LEU A 130 ? 0.9852 1.0666 1.0286 -0.0731 -0.0856 -0.0547 130 LEU A O   
799 C CB  . LEU A 130 ? 0.9618 1.1071 1.1159 -0.0954 -0.0806 -0.0338 130 LEU A CB  
800 C CG  . LEU A 130 ? 0.9253 1.0517 1.1028 -0.1022 -0.0602 -0.0258 130 LEU A CG  
801 C CD1 . LEU A 130 ? 0.9860 1.1534 1.1900 -0.0823 -0.0472 -0.0031 130 LEU A CD1 
802 C CD2 . LEU A 130 ? 1.0176 1.1518 1.2304 -0.1382 -0.0713 -0.0339 130 LEU A CD2 
803 N N   . ASN A 131 ? 1.0396 1.2134 1.1191 -0.0693 -0.1135 -0.0394 131 ASN A N   
804 C CA  . ASN A 131 ? 0.9541 1.1336 0.9901 -0.0684 -0.1294 -0.0518 131 ASN A CA  
805 C C   . ASN A 131 ? 0.9848 1.1402 0.9823 -0.0438 -0.1159 -0.0350 131 ASN A C   
806 O O   . ASN A 131 ? 1.0115 1.1453 0.9683 -0.0431 -0.1122 -0.0466 131 ASN A O   
807 C CB  . ASN A 131 ? 1.0951 1.3416 1.1441 -0.0703 -0.1574 -0.0473 131 ASN A CB  
808 C CG  . ASN A 131 ? 1.1900 1.4516 1.2486 -0.1032 -0.1825 -0.0764 131 ASN A CG  
809 O OD1 . ASN A 131 ? 1.3355 1.6169 1.4463 -0.1245 -0.1878 -0.0752 131 ASN A OD1 
810 N ND2 . ASN A 131 ? 1.3624 1.6134 1.3700 -0.1078 -0.1984 -0.1024 131 ASN A ND2 
811 N N   . ASP A 132 ? 0.8900 1.0472 0.9009 -0.0227 -0.1081 -0.0070 132 ASP A N   
812 C CA  . ASP A 132 ? 0.9267 1.0557 0.9089 -0.0051 -0.0981 0.0135  132 ASP A CA  
813 C C   . ASP A 132 ? 0.9491 1.0281 0.9156 -0.0131 -0.0797 0.0048  132 ASP A C   
814 O O   . ASP A 132 ? 0.9514 1.0223 0.8870 -0.0089 -0.0745 0.0115  132 ASP A O   
815 C CB  . ASP A 132 ? 0.9131 1.0316 0.9147 0.0168  -0.0936 0.0399  132 ASP A CB  
816 C CG  . ASP A 132 ? 1.0607 1.2311 1.0803 0.0328  -0.1096 0.0551  132 ASP A CG  
817 O OD1 . ASP A 132 ? 1.0147 1.1878 1.0641 0.0489  -0.1051 0.0639  132 ASP A OD1 
818 O OD2 . ASP A 132 ? 0.9763 1.1879 0.9785 0.0321  -0.1264 0.0586  132 ASP A OD2 
819 N N   . LEU A 133 ? 0.8985 0.9508 0.8880 -0.0235 -0.0690 -0.0061 133 LEU A N   
820 C CA  . LEU A 133 ? 0.9431 0.9519 0.9237 -0.0294 -0.0527 -0.0103 133 LEU A CA  
821 C C   . LEU A 133 ? 0.8910 0.8966 0.8474 -0.0380 -0.0513 -0.0314 133 LEU A C   
822 O O   . LEU A 133 ? 1.0161 1.0042 0.9532 -0.0328 -0.0393 -0.0260 133 LEU A O   
823 C CB  . LEU A 133 ? 0.9625 0.9516 0.9714 -0.0372 -0.0435 -0.0154 133 LEU A CB  
824 C CG  . LEU A 133 ? 0.9695 0.9203 0.9784 -0.0463 -0.0292 -0.0210 133 LEU A CG  
825 C CD1 . LEU A 133 ? 0.8174 0.7431 0.8088 -0.0390 -0.0217 -0.0053 133 LEU A CD1 
826 C CD2 . LEU A 133 ? 0.9849 0.9300 1.0195 -0.0495 -0.0225 -0.0189 133 LEU A CD2 
827 N N   . LEU A 134 ? 1.0290 1.0517 0.9874 -0.0503 -0.0646 -0.0558 134 LEU A N   
828 C CA  . LEU A 134 ? 1.0178 1.0271 0.9467 -0.0551 -0.0658 -0.0835 134 LEU A CA  
829 C C   . LEU A 134 ? 1.0122 1.0462 0.8942 -0.0388 -0.0689 -0.0809 134 LEU A C   
830 O O   . LEU A 134 ? 1.0229 1.0434 0.8718 -0.0303 -0.0582 -0.0938 134 LEU A O   
831 C CB  . LEU A 134 ? 1.0707 1.0849 1.0150 -0.0768 -0.0852 -0.1114 134 LEU A CB  
832 C CG  . LEU A 134 ? 1.1859 1.1589 1.1599 -0.0934 -0.0766 -0.1223 134 LEU A CG  
833 C CD1 . LEU A 134 ? 1.1200 1.1077 1.1306 -0.1204 -0.0972 -0.1340 134 LEU A CD1 
834 C CD2 . LEU A 134 ? 1.3069 1.2354 1.2495 -0.0877 -0.0667 -0.1452 134 LEU A CD2 
835 N N   . SER A 135 ? 1.0832 1.1574 0.9613 -0.0311 -0.0820 -0.0621 135 SER A N   
836 C CA  . SER A 135 ? 1.1899 1.2932 1.0239 -0.0138 -0.0828 -0.0491 135 SER A CA  
837 C C   . SER A 135 ? 1.0829 1.1695 0.9106 -0.0017 -0.0586 -0.0206 135 SER A C   
838 O O   . SER A 135 ? 1.1960 1.2935 0.9864 0.0101  -0.0475 -0.0206 135 SER A O   
839 C CB  . SER A 135 ? 1.1067 1.2551 0.9466 -0.0072 -0.1019 -0.0262 135 SER A CB  
840 O OG  . SER A 135 ? 1.2260 1.4107 1.0208 0.0084  -0.1062 -0.0123 135 SER A OG  
841 N N   . ALA A 136 ? 1.0338 1.0955 0.8978 -0.0043 -0.0508 0.0033  136 ALA A N   
842 C CA  . ALA A 136 ? 1.0383 1.0838 0.9056 0.0006  -0.0339 0.0334  136 ALA A CA  
843 C C   . ALA A 136 ? 1.0857 1.1108 0.9498 -0.0018 -0.0156 0.0189  136 ALA A C   
844 O O   . ALA A 136 ? 1.0993 1.1278 0.9621 0.0034  -0.0010 0.0436  136 ALA A O   
845 C CB  . ALA A 136 ? 0.9056 0.9215 0.8080 -0.0031 -0.0363 0.0545  136 ALA A CB  
846 N N   . THR A 137 ? 1.0836 1.0891 0.9514 -0.0096 -0.0165 -0.0166 137 THR A N   
847 C CA  . THR A 137 ? 1.1430 1.1280 1.0055 -0.0067 0.0001  -0.0320 137 THR A CA  
848 C C   . THR A 137 ? 1.3250 1.3337 1.1406 0.0116  0.0079  -0.0448 137 THR A C   
849 O O   . THR A 137 ? 1.4801 1.4846 1.2889 0.0240  0.0280  -0.0440 137 THR A O   
850 C CB  . THR A 137 ? 1.0981 1.0495 0.9809 -0.0211 -0.0055 -0.0626 137 THR A CB  
851 O OG1 . THR A 137 ? 0.8907 0.8210 0.8115 -0.0311 -0.0016 -0.0454 137 THR A OG1 
852 C CG2 . THR A 137 ? 1.1892 1.1162 1.0554 -0.0142 0.0052  -0.0902 137 THR A CG2 
853 N N   . ARG A 138 ? 1.3112 1.3504 1.0925 0.0168  -0.0068 -0.0547 138 ARG A N   
854 C CA  . ARG A 138 ? 1.4726 1.5368 1.1977 0.0375  -0.0007 -0.0720 138 ARG A CA  
855 C C   . ARG A 138 ? 1.5679 1.6646 1.2826 0.0569  0.0252  -0.0333 138 ARG A C   
856 O O   . ARG A 138 ? 1.6586 1.7663 1.3393 0.0789  0.0440  -0.0459 138 ARG A O   
857 C CB  . ARG A 138 ? 1.5765 1.6757 1.2665 0.0381  -0.0251 -0.0825 138 ARG A CB  
858 C CG  . ARG A 138 ? 1.6422 1.7944 1.2782 0.0626  -0.0170 -0.0646 138 ARG A CG  
859 C CD  . ARG A 138 ? 1.6743 1.8586 1.2676 0.0634  -0.0455 -0.0856 138 ARG A CD  
860 N NE  . ARG A 138 ? 1.7418 1.9394 1.3750 0.0468  -0.0676 -0.0617 138 ARG A NE  
861 C CZ  . ARG A 138 ? 1.7154 1.9054 1.3688 0.0275  -0.0950 -0.0879 138 ARG A CZ  
862 N NH1 . ARG A 138 ? 1.7890 1.9515 1.4281 0.0162  -0.1080 -0.1392 138 ARG A NH1 
863 N NH2 . ARG A 138 ? 1.5875 1.7982 1.2796 0.0199  -0.1101 -0.0602 138 ARG A NH2 
864 N N   . HIS A 139 ? 1.7126 1.8251 1.4580 0.0499  0.0262  0.0153  139 HIS A N   
865 C CA  . HIS A 139 ? 1.6842 1.8294 1.4333 0.0608  0.0485  0.0602  139 HIS A CA  
866 C C   . HIS A 139 ? 1.7234 1.8506 1.4976 0.0635  0.0699  0.0583  139 HIS A C   
867 O O   . HIS A 139 ? 1.6638 1.8268 1.4238 0.0834  0.0938  0.0733  139 HIS A O   
868 C CB  . HIS A 139 ? 1.6915 1.8398 1.4765 0.0463  0.0390  0.1101  139 HIS A CB  
869 C CG  . HIS A 139 ? 1.7406 1.9105 1.5052 0.0486  0.0193  0.1195  139 HIS A CG  
870 N ND1 . HIS A 139 ? 1.6420 1.7856 1.4354 0.0359  -0.0016 0.1253  139 HIS A ND1 
871 C CD2 . HIS A 139 ? 1.7984 2.0182 1.5159 0.0651  0.0174  0.1262  139 HIS A CD2 
872 C CE1 . HIS A 139 ? 1.7075 1.8838 1.4776 0.0446  -0.0160 0.1367  139 HIS A CE1 
873 N NE2 . HIS A 139 ? 1.7268 1.9502 1.4496 0.0606  -0.0061 0.1381  139 HIS A NE2 
874 N N   . TYR A 140 ? 1.7494 1.8274 1.5604 0.0462  0.0627  0.0423  140 TYR A N   
875 C CA  . TYR A 140 ? 1.6885 1.7461 1.5230 0.0494  0.0791  0.0364  140 TYR A CA  
876 C C   . TYR A 140 ? 1.7107 1.7450 1.5135 0.0652  0.0840  -0.0145 140 TYR A C   
877 O O   . TYR A 140 ? 1.7378 1.7825 1.4930 0.0770  0.0778  -0.0424 140 TYR A O   
878 C CB  . TYR A 140 ? 1.6037 1.6210 1.4860 0.0252  0.0679  0.0438  140 TYR A CB  
879 N N   . GLN A 141 ? 1.7497 1.7504 1.5765 0.0667  0.0933  -0.0268 141 GLN A N   
880 C CA  . GLN A 141 ? 1.7097 1.6768 1.5103 0.0840  0.0987  -0.0726 141 GLN A CA  
881 C C   . GLN A 141 ? 1.6768 1.5891 1.4880 0.0604  0.0751  -0.1071 141 GLN A C   
882 O O   . GLN A 141 ? 1.5501 1.4580 1.3898 0.0344  0.0587  -0.0943 141 GLN A O   
883 C CB  . GLN A 141 ? 1.6309 1.5926 1.4549 0.1027  0.1230  -0.0622 141 GLN A CB  
884 C CG  . GLN A 141 ? 1.5916 1.6175 1.4240 0.1236  0.1490  -0.0179 141 GLN A CG  
885 C CD  . GLN A 141 ? 1.6329 1.7168 1.4351 0.1286  0.1511  0.0050  141 GLN A CD  
886 O OE1 . GLN A 141 ? 1.6873 1.7795 1.4332 0.1461  0.1502  -0.0240 141 GLN A OE1 
887 N NE2 . GLN A 141 ? 1.5527 1.6756 1.3917 0.1127  0.1520  0.0587  141 GLN A NE2 
888 N N   . GLY A 142 ? 1.5887 1.4580 1.3790 0.0707  0.0744  -0.1500 142 GLY A N   
889 C CA  . GLY A 142 ? 1.5466 1.3616 1.3562 0.0463  0.0538  -0.1777 142 GLY A CA  
890 C C   . GLY A 142 ? 1.6595 1.4673 1.4453 0.0282  0.0248  -0.2110 142 GLY A C   
891 O O   . GLY A 142 ? 1.6654 1.4766 1.4835 -0.0006 0.0065  -0.2016 142 GLY A O   
892 N N   . MET A 143 ? 1.6541 1.4565 1.3830 0.0462  0.0193  -0.2495 143 MET A N   
893 C CA  . MET A 143 ? 1.6989 1.4849 1.4047 0.0264  -0.0143 -0.2891 143 MET A CA  
894 C C   . MET A 143 ? 1.6667 1.4177 1.3061 0.0505  -0.0188 -0.3437 143 MET A C   
895 O O   . MET A 143 ? 1.7057 1.4929 1.2880 0.0830  -0.0057 -0.3489 143 MET A O   
896 C CB  . MET A 143 ? 1.6425 1.4916 1.3388 0.0158  -0.0307 -0.2702 143 MET A CB  
897 C CG  . MET A 143 ? 1.6514 1.4969 1.3459 -0.0135 -0.0700 -0.2995 143 MET A CG  
898 S SD  . MET A 143 ? 1.9318 1.7461 1.7066 -0.0576 -0.0874 -0.2918 143 MET A SD  
899 C CE  . MET A 143 ? 1.4631 1.3469 1.2781 -0.0659 -0.0861 -0.2385 143 MET A CE  
# 
